data_8ZBC
#
_entry.id   8ZBC
#
_cell.length_a   131.750
_cell.length_b   165.350
_cell.length_c   150.460
_cell.angle_alpha   90.00
_cell.angle_beta   90.00
_cell.angle_gamma   90.00
#
_symmetry.space_group_name_H-M   'C 2 2 21'
#
_entity_poly.entity_id   1
_entity_poly.type   'polypeptide(L)'
_entity_poly.pdbx_seq_one_letter_code
;QDKIKRVFVFGD(SEP)LTWGWTPVAPIVPTTRHPHADRWTTVLGENLGDGYELVVDGLSGRTTNIDDPNDPKLNGADYL
PAALAAHEPLDLVIILLGTNDTKTYLNRTPFEIGLGAGALINMVQKSPGWDWTDYPPPPVLLISPPPLGETIDPLAAPIF
VDGLAKSEALPGVYKAIAEAAGESFFDAGSVVSTDGVDGIHFTAETNRTLGAAVAQKVKTLLQPKLAAALEHHHHHH
;
_entity_poly.pdbx_strand_id   A,B,C,D,E,F
#
# COMPACT_ATOMS: atom_id res chain seq x y z
N ASP A 2 30.83 3.41 -10.80
CA ASP A 2 30.69 4.77 -10.22
C ASP A 2 29.68 4.83 -9.08
N LYS A 3 30.20 5.09 -7.88
CA LYS A 3 29.44 5.57 -6.72
C LYS A 3 28.45 6.70 -7.12
N ILE A 4 27.19 6.58 -6.69
CA ILE A 4 26.19 7.63 -6.90
C ILE A 4 26.45 8.77 -5.93
N LYS A 5 26.48 10.00 -6.42
CA LYS A 5 26.83 11.17 -5.61
C LYS A 5 25.66 11.77 -4.85
N ARG A 6 25.83 11.93 -3.55
CA ARG A 6 24.74 12.36 -2.69
C ARG A 6 24.85 13.86 -2.36
N VAL A 7 23.79 14.62 -2.69
CA VAL A 7 23.75 16.05 -2.46
C VAL A 7 22.64 16.43 -1.47
N PHE A 8 23.01 17.07 -0.36
CA PHE A 8 22.07 17.45 0.68
C PHE A 8 21.75 18.93 0.54
N VAL A 9 20.47 19.26 0.44
CA VAL A 9 20.03 20.64 0.29
C VAL A 9 19.32 21.12 1.55
N PHE A 10 19.86 22.18 2.14
CA PHE A 10 19.44 22.66 3.44
C PHE A 10 18.94 24.08 3.27
N GLY A 11 17.64 24.29 3.44
CA GLY A 11 17.05 25.61 3.19
C GLY A 11 15.82 25.93 4.00
N ASP A 12 15.07 26.92 3.52
CA ASP A 12 13.91 27.44 4.21
C ASP A 12 12.66 27.09 3.38
N LEU A 14 11.51 28.37 0.76
CA LEU A 14 11.84 28.35 -0.67
C LEU A 14 12.22 26.96 -1.15
N THR A 15 12.85 26.19 -0.26
CA THR A 15 13.31 24.84 -0.53
C THR A 15 12.27 23.77 -0.15
N TRP A 16 11.43 24.07 0.86
CA TRP A 16 10.27 23.24 1.17
C TRP A 16 9.31 23.22 0.00
N GLY A 17 9.06 24.39 -0.57
CA GLY A 17 8.16 24.53 -1.72
C GLY A 17 6.93 25.36 -1.41
N TRP A 18 7.13 26.55 -0.85
CA TRP A 18 6.02 27.45 -0.54
C TRP A 18 5.39 27.95 -1.81
N THR A 19 4.08 27.70 -1.96
CA THR A 19 3.32 28.20 -3.09
C THR A 19 2.86 29.63 -2.75
N PRO A 20 3.33 30.65 -3.51
CA PRO A 20 2.89 32.01 -3.26
C PRO A 20 1.40 32.22 -3.57
N VAL A 21 0.69 32.86 -2.64
CA VAL A 21 -0.76 33.00 -2.72
C VAL A 21 -1.25 34.27 -2.04
N ALA A 22 -2.53 34.58 -2.23
CA ALA A 22 -3.16 35.72 -1.61
C ALA A 22 -4.47 35.25 -0.96
N PRO A 23 -4.64 35.49 0.35
CA PRO A 23 -3.62 36.09 1.20
C PRO A 23 -2.41 35.14 1.41
N ILE A 24 -1.31 35.73 1.89
CA ILE A 24 0.01 35.04 2.00
C ILE A 24 -0.07 33.66 2.68
N VAL A 25 -0.91 33.57 3.70
CA VAL A 25 -1.18 32.34 4.45
C VAL A 25 -2.71 32.10 4.53
N PRO A 26 -3.14 30.84 4.58
CA PRO A 26 -2.29 29.65 4.49
C PRO A 26 -1.87 29.32 3.05
N THR A 27 -0.76 28.59 2.93
CA THR A 27 -0.26 28.10 1.64
C THR A 27 -0.38 26.59 1.59
N THR A 28 -0.08 26.04 0.43
CA THR A 28 0.06 24.59 0.27
C THR A 28 1.39 24.36 -0.44
N ARG A 29 1.91 23.15 -0.29
CA ARG A 29 3.24 22.83 -0.82
C ARG A 29 3.21 22.68 -2.32
N HIS A 30 4.15 23.32 -3.02
CA HIS A 30 4.29 23.09 -4.45
C HIS A 30 4.25 21.58 -4.70
N PRO A 31 3.54 21.15 -5.75
CA PRO A 31 3.68 19.75 -6.17
C PRO A 31 5.14 19.41 -6.38
N HIS A 32 5.53 18.17 -6.06
CA HIS A 32 6.92 17.74 -6.19
C HIS A 32 7.52 18.10 -7.57
N ALA A 33 6.73 17.90 -8.62
CA ALA A 33 7.16 18.20 -9.99
C ALA A 33 7.62 19.65 -10.20
N ASP A 34 7.07 20.58 -9.40
CA ASP A 34 7.36 22.01 -9.52
C ASP A 34 8.42 22.56 -8.55
N ARG A 35 9.02 21.72 -7.71
CA ARG A 35 9.98 22.20 -6.69
C ARG A 35 11.39 22.37 -7.29
N TRP A 36 12.08 23.44 -6.89
CA TRP A 36 13.39 23.75 -7.49
C TRP A 36 14.38 22.59 -7.29
N THR A 37 14.36 21.98 -6.11
CA THR A 37 15.19 20.81 -5.82
C THR A 37 14.90 19.64 -6.74
N THR A 38 13.63 19.46 -7.10
CA THR A 38 13.26 18.37 -8.01
C THR A 38 13.85 18.60 -9.41
N VAL A 39 13.74 19.83 -9.90
CA VAL A 39 14.31 20.17 -11.20
C VAL A 39 15.83 20.06 -11.14
N LEU A 40 16.42 20.53 -10.05
CA LEU A 40 17.85 20.29 -9.81
C LEU A 40 18.21 18.79 -9.98
N GLY A 41 17.38 17.92 -9.41
CA GLY A 41 17.60 16.48 -9.47
C GLY A 41 17.52 15.92 -10.89
N GLU A 42 16.51 16.39 -11.63
CA GLU A 42 16.29 15.97 -13.01
C GLU A 42 17.43 16.38 -13.94
N ASN A 43 17.88 17.62 -13.78
CA ASN A 43 18.98 18.12 -14.60
C ASN A 43 20.33 17.52 -14.24
N LEU A 44 20.46 16.92 -13.06
CA LEU A 44 21.72 16.27 -12.63
C LEU A 44 21.85 14.86 -13.23
N GLY A 45 20.71 14.14 -13.31
CA GLY A 45 20.68 12.80 -13.84
C GLY A 45 20.89 11.69 -12.81
N ASP A 46 21.01 10.46 -13.31
CA ASP A 46 21.16 9.27 -12.46
C ASP A 46 22.46 9.21 -11.67
N GLY A 47 23.44 10.01 -12.10
CA GLY A 47 24.72 10.09 -11.37
C GLY A 47 24.57 10.65 -9.97
N TYR A 48 23.44 11.33 -9.71
CA TYR A 48 23.20 12.03 -8.46
C TYR A 48 21.89 11.61 -7.78
N GLU A 49 21.88 11.79 -6.47
CA GLU A 49 20.76 11.47 -5.59
C GLU A 49 20.62 12.62 -4.56
N LEU A 50 19.45 13.25 -4.47
CA LEU A 50 19.26 14.37 -3.54
C LEU A 50 18.60 14.03 -2.22
N VAL A 51 18.99 14.73 -1.16
CA VAL A 51 18.30 14.70 0.13
C VAL A 51 17.96 16.15 0.46
N VAL A 52 16.71 16.43 0.79
CA VAL A 52 16.24 17.80 0.89
C VAL A 52 15.64 18.11 2.26
N ASP A 53 16.07 19.20 2.87
CA ASP A 53 15.55 19.61 4.16
C ASP A 53 15.24 21.10 4.14
N GLY A 54 14.01 21.42 3.77
CA GLY A 54 13.54 22.81 3.73
C GLY A 54 12.48 23.05 4.79
N LEU A 55 12.76 24.01 5.69
CA LEU A 55 11.86 24.38 6.78
C LEU A 55 11.37 25.82 6.63
N SER A 56 10.06 25.98 6.48
CA SER A 56 9.47 27.31 6.45
C SER A 56 9.91 28.07 7.69
N GLY A 57 10.40 29.28 7.50
CA GLY A 57 10.77 30.18 8.61
C GLY A 57 12.21 30.11 9.08
N ARG A 58 13.00 29.19 8.52
CA ARG A 58 14.33 28.88 9.03
C ARG A 58 15.39 29.94 8.75
N THR A 59 16.21 30.21 9.78
CA THR A 59 17.31 31.17 9.70
C THR A 59 18.63 30.43 9.62
N THR A 60 19.70 31.19 9.36
CA THR A 60 21.05 30.61 9.39
C THR A 60 21.38 30.05 10.77
N ASN A 61 21.47 30.94 11.76
CA ASN A 61 22.02 30.57 13.07
C ASN A 61 21.50 31.38 14.26
N ILE A 62 20.28 31.90 14.15
CA ILE A 62 19.71 32.77 15.18
C ILE A 62 18.32 32.32 15.58
N ASP A 63 18.03 32.36 16.88
CA ASP A 63 16.68 31.99 17.39
C ASP A 63 15.63 32.99 16.96
N ASP A 64 14.48 32.48 16.55
CA ASP A 64 13.30 33.31 16.33
C ASP A 64 12.48 33.28 17.65
N PRO A 65 12.32 34.45 18.29
CA PRO A 65 11.60 34.40 19.57
C PRO A 65 10.13 33.95 19.42
N ASN A 66 9.61 33.92 18.19
CA ASN A 66 8.25 33.46 17.93
C ASN A 66 8.09 31.95 17.76
N ASP A 67 9.19 31.24 17.54
CA ASP A 67 9.15 29.81 17.25
C ASP A 67 10.53 29.18 17.49
N PRO A 68 10.62 28.30 18.51
CA PRO A 68 11.93 27.80 18.85
C PRO A 68 12.54 26.78 17.87
N LYS A 69 11.84 26.37 16.81
CA LYS A 69 12.41 25.38 15.89
C LYS A 69 13.04 25.91 14.60
N LEU A 70 13.25 27.22 14.50
CA LEU A 70 13.63 27.86 13.24
C LEU A 70 15.12 28.17 13.07
N ASN A 71 15.94 27.75 14.01
CA ASN A 71 17.36 28.02 13.94
C ASN A 71 18.10 26.92 13.20
N GLY A 72 18.54 27.21 11.97
CA GLY A 72 19.27 26.23 11.15
C GLY A 72 20.40 25.52 11.87
N ALA A 73 21.17 26.28 12.64
CA ALA A 73 22.36 25.76 13.31
C ALA A 73 22.03 24.86 14.50
N ASP A 74 20.83 24.98 15.07
CA ASP A 74 20.35 24.00 16.04
C ASP A 74 20.20 22.61 15.42
N TYR A 75 19.86 22.56 14.14
CA TYR A 75 19.45 21.34 13.44
C TYR A 75 20.56 20.70 12.59
N LEU A 76 21.43 21.52 12.03
CA LEU A 76 22.32 21.07 10.98
C LEU A 76 23.31 19.97 11.40
N PRO A 77 23.93 20.08 12.59
CA PRO A 77 24.84 19.01 13.00
C PRO A 77 24.19 17.63 12.94
N ALA A 78 22.99 17.52 13.48
CA ALA A 78 22.26 16.26 13.48
C ALA A 78 21.92 15.83 12.06
N ALA A 79 21.45 16.76 11.25
CA ALA A 79 21.06 16.46 9.87
C ALA A 79 22.22 15.91 9.07
N LEU A 80 23.39 16.54 9.20
CA LEU A 80 24.58 16.11 8.48
C LEU A 80 24.96 14.66 8.79
N ALA A 81 24.92 14.31 10.08
CA ALA A 81 25.30 12.99 10.57
C ALA A 81 24.28 11.94 10.20
N ALA A 82 23.04 12.38 10.06
CA ALA A 82 21.90 11.51 9.73
C ALA A 82 21.88 11.14 8.26
N HIS A 83 22.55 11.95 7.43
CA HIS A 83 22.59 11.70 5.99
C HIS A 83 23.99 11.40 5.46
N GLU A 84 24.99 11.31 6.35
CA GLU A 84 26.32 10.85 5.99
C GLU A 84 26.24 9.47 5.32
N PRO A 85 26.99 9.23 4.23
CA PRO A 85 27.96 10.17 3.65
C PRO A 85 27.39 11.01 2.53
N LEU A 86 27.85 12.27 2.47
CA LEU A 86 27.44 13.18 1.43
C LEU A 86 28.63 13.61 0.60
N ASP A 87 28.33 13.96 -0.65
CA ASP A 87 29.33 14.47 -1.59
C ASP A 87 29.26 15.98 -1.75
N LEU A 88 28.11 16.57 -1.40
CA LEU A 88 27.96 18.03 -1.37
C LEU A 88 26.84 18.50 -0.43
N VAL A 89 27.03 19.66 0.21
CA VAL A 89 26.00 20.30 0.99
C VAL A 89 25.68 21.66 0.37
N ILE A 90 24.41 21.87 0.02
CA ILE A 90 23.95 23.12 -0.52
C ILE A 90 23.15 23.82 0.55
N ILE A 91 23.46 25.10 0.76
CA ILE A 91 22.75 25.90 1.76
C ILE A 91 22.14 27.07 1.02
N LEU A 92 20.81 27.16 1.06
CA LEU A 92 20.08 28.31 0.54
C LEU A 92 19.20 28.84 1.66
N LEU A 93 19.81 29.74 2.44
CA LEU A 93 19.22 30.39 3.60
C LEU A 93 19.65 31.83 3.63
N GLY A 94 18.91 32.62 4.41
CA GLY A 94 19.18 34.05 4.58
C GLY A 94 17.97 34.95 4.38
N THR A 95 16.94 34.43 3.73
CA THR A 95 15.75 35.22 3.44
C THR A 95 15.05 35.59 4.76
N ASN A 96 14.86 34.61 5.66
CA ASN A 96 14.22 34.90 6.95
C ASN A 96 15.10 35.74 7.87
N ASP A 97 16.42 35.68 7.70
CA ASP A 97 17.34 36.47 8.51
C ASP A 97 17.17 37.99 8.33
N THR A 98 16.52 38.40 7.24
CA THR A 98 16.27 39.83 6.98
C THR A 98 15.06 40.37 7.73
N LYS A 99 14.29 39.47 8.36
CA LYS A 99 13.14 39.87 9.18
C LYS A 99 13.56 40.92 10.20
N THR A 100 12.77 41.99 10.23
CA THR A 100 13.01 43.15 11.05
C THR A 100 13.40 42.85 12.49
N TYR A 101 12.58 42.05 13.16
CA TYR A 101 12.72 41.79 14.60
C TYR A 101 13.97 41.01 14.96
N LEU A 102 14.63 40.34 14.01
CA LEU A 102 15.89 39.66 14.29
C LEU A 102 17.07 40.62 14.28
N ASN A 103 16.85 41.81 13.73
CA ASN A 103 17.79 42.93 13.88
C ASN A 103 19.21 42.60 13.38
N ARG A 104 19.31 41.94 12.23
CA ARG A 104 20.60 41.52 11.69
C ARG A 104 21.10 42.43 10.56
N THR A 105 22.41 42.63 10.54
CA THR A 105 23.07 43.28 9.42
C THR A 105 23.42 42.18 8.42
N PRO A 106 23.69 42.55 7.15
CA PRO A 106 24.12 41.56 6.16
C PRO A 106 25.39 40.82 6.55
N PHE A 107 26.37 41.52 7.12
CA PHE A 107 27.60 40.89 7.59
C PHE A 107 27.29 39.85 8.67
N GLU A 108 26.37 40.19 9.58
CA GLU A 108 25.97 39.26 10.60
C GLU A 108 25.37 37.99 9.98
N ILE A 109 24.58 38.17 8.92
CA ILE A 109 23.91 37.05 8.28
C ILE A 109 24.95 36.20 7.56
N GLY A 110 25.95 36.83 6.95
CA GLY A 110 27.09 36.11 6.42
C GLY A 110 27.77 35.23 7.45
N LEU A 111 28.05 35.80 8.61
CA LEU A 111 28.65 35.05 9.72
C LEU A 111 27.79 33.84 10.10
N GLY A 112 26.47 34.01 10.04
CA GLY A 112 25.53 32.94 10.33
C GLY A 112 25.67 31.81 9.33
N ALA A 113 25.72 32.16 8.05
CA ALA A 113 25.96 31.18 7.01
C ALA A 113 27.31 30.54 7.21
N GLY A 114 28.30 31.35 7.60
CA GLY A 114 29.64 30.84 7.96
C GLY A 114 29.63 29.82 9.08
N ALA A 115 28.84 30.08 10.12
CA ALA A 115 28.67 29.13 11.21
C ALA A 115 28.19 27.77 10.69
N LEU A 116 27.30 27.79 9.72
CA LEU A 116 26.78 26.56 9.13
C LEU A 116 27.86 25.85 8.31
N ILE A 117 28.62 26.60 7.51
CA ILE A 117 29.71 26.02 6.74
C ILE A 117 30.70 25.32 7.67
N ASN A 118 31.06 26.00 8.76
CA ASN A 118 31.93 25.43 9.77
C ASN A 118 31.38 24.12 10.38
N MET A 119 30.08 24.07 10.64
CA MET A 119 29.48 22.82 11.14
C MET A 119 29.66 21.67 10.13
N VAL A 120 29.53 21.98 8.84
CA VAL A 120 29.74 20.99 7.79
C VAL A 120 31.20 20.55 7.75
N GLN A 121 32.13 21.49 7.92
CA GLN A 121 33.56 21.18 7.86
C GLN A 121 34.04 20.32 9.02
N LYS A 122 33.41 20.50 10.18
CA LYS A 122 33.69 19.68 11.35
C LYS A 122 32.71 18.49 11.46
N SER A 123 32.01 18.20 10.36
CA SER A 123 30.94 17.21 10.31
C SER A 123 31.44 15.81 10.61
N PRO A 124 30.50 14.91 10.99
CA PRO A 124 30.26 14.18 12.25
C PRO A 124 31.31 14.55 13.27
N GLY A 125 30.96 14.66 14.54
CA GLY A 125 32.02 14.90 15.49
C GLY A 125 32.59 13.62 16.07
N TRP A 126 32.85 12.58 15.26
CA TRP A 126 33.09 11.27 15.89
C TRP A 126 33.91 10.18 15.18
N ASP A 127 34.36 9.23 16.01
CA ASP A 127 35.01 7.98 15.67
C ASP A 127 34.12 6.92 14.97
N TRP A 128 32.80 7.09 15.11
CA TRP A 128 31.85 6.02 14.77
C TRP A 128 31.83 5.69 13.28
N THR A 129 32.12 6.69 12.46
CA THR A 129 32.31 6.53 11.02
C THR A 129 33.59 7.27 10.69
N ASP A 130 34.24 6.95 9.58
CA ASP A 130 35.17 7.92 9.03
C ASP A 130 35.08 8.04 7.52
N TYR A 131 34.07 8.81 7.14
CA TYR A 131 33.96 9.41 5.82
C TYR A 131 34.53 10.81 5.92
N PRO A 132 35.01 11.37 4.81
CA PRO A 132 35.43 12.76 4.87
C PRO A 132 34.25 13.72 5.04
N PRO A 133 34.51 14.98 5.42
CA PRO A 133 33.40 15.93 5.40
C PRO A 133 33.16 16.44 3.97
N PRO A 134 31.91 16.77 3.63
CA PRO A 134 31.67 17.16 2.25
C PRO A 134 31.96 18.63 1.98
N PRO A 135 32.27 18.99 0.73
CA PRO A 135 32.37 20.42 0.36
C PRO A 135 31.01 21.13 0.46
N VAL A 136 31.01 22.45 0.39
CA VAL A 136 29.79 23.23 0.57
C VAL A 136 29.61 24.23 -0.57
N LEU A 137 28.40 24.30 -1.10
CA LEU A 137 27.98 25.37 -2.01
C LEU A 137 26.99 26.27 -1.28
N LEU A 138 27.43 27.46 -0.91
CA LEU A 138 26.57 28.45 -0.28
C LEU A 138 25.84 29.22 -1.35
N ILE A 139 24.50 29.23 -1.30
CA ILE A 139 23.69 29.96 -2.27
C ILE A 139 23.00 31.13 -1.60
N SER A 140 23.25 32.31 -2.12
CA SER A 140 22.57 33.50 -1.65
C SER A 140 21.23 33.58 -2.37
N PRO A 141 20.15 33.89 -1.65
CA PRO A 141 18.84 34.03 -2.29
C PRO A 141 18.75 35.35 -3.06
N PRO A 142 17.73 35.47 -3.91
CA PRO A 142 17.57 36.72 -4.64
C PRO A 142 17.02 37.79 -3.73
N PRO A 143 17.00 39.05 -4.19
CA PRO A 143 16.38 40.08 -3.38
C PRO A 143 14.92 39.78 -3.19
N LEU A 144 14.39 40.23 -2.04
CA LEU A 144 12.98 40.16 -1.77
C LEU A 144 12.22 40.95 -2.83
N GLY A 145 10.91 40.66 -2.92
CA GLY A 145 10.04 41.37 -3.83
C GLY A 145 9.88 42.80 -3.38
N GLU A 146 9.59 43.66 -4.33
CA GLU A 146 9.38 45.09 -4.01
C GLU A 146 8.06 45.26 -3.33
N THR A 147 7.13 44.33 -3.53
CA THR A 147 5.81 44.41 -2.90
C THR A 147 5.44 43.17 -2.08
N ILE A 148 5.43 43.32 -0.77
CA ILE A 148 5.23 42.20 0.13
C ILE A 148 3.81 42.22 0.70
N ASP A 149 3.22 41.03 0.81
CA ASP A 149 1.87 40.90 1.33
C ASP A 149 1.75 41.74 2.60
N PRO A 150 0.73 42.63 2.68
CA PRO A 150 0.50 43.48 3.84
C PRO A 150 0.56 42.79 5.21
N LEU A 151 0.15 41.53 5.30
CA LEU A 151 0.27 40.76 6.55
C LEU A 151 1.74 40.57 6.97
N ALA A 152 2.63 40.37 6.00
CA ALA A 152 4.04 40.10 6.27
C ALA A 152 4.95 41.34 6.20
N ALA A 153 4.51 42.39 5.52
CA ALA A 153 5.37 43.57 5.32
C ALA A 153 6.00 44.17 6.60
N PRO A 154 5.22 44.31 7.69
CA PRO A 154 5.78 44.88 8.92
C PRO A 154 7.02 44.14 9.44
N ILE A 155 7.05 42.84 9.19
CA ILE A 155 8.12 41.94 9.60
C ILE A 155 9.33 41.95 8.65
N PHE A 156 9.20 42.60 7.48
CA PHE A 156 10.32 42.71 6.52
C PHE A 156 10.75 44.15 6.23
N VAL A 157 10.59 45.02 7.21
CA VAL A 157 11.06 46.42 7.08
C VAL A 157 12.59 46.38 7.03
N ASP A 158 13.17 47.19 6.17
CA ASP A 158 14.61 47.17 5.86
C ASP A 158 15.13 45.82 5.34
N GLY A 159 14.25 44.88 5.03
CA GLY A 159 14.67 43.56 4.59
C GLY A 159 15.21 43.50 3.19
N LEU A 160 14.61 44.31 2.30
CA LEU A 160 14.99 44.32 0.90
C LEU A 160 16.47 44.67 0.75
N ALA A 161 16.87 45.76 1.41
CA ALA A 161 18.23 46.25 1.29
C ALA A 161 19.22 45.21 1.81
N LYS A 162 18.86 44.57 2.92
CA LYS A 162 19.67 43.49 3.47
C LYS A 162 19.82 42.34 2.50
N SER A 163 18.72 41.94 1.87
CA SER A 163 18.76 40.82 0.94
C SER A 163 19.60 41.14 -0.30
N GLU A 164 19.62 42.42 -0.70
CA GLU A 164 20.44 42.83 -1.84
C GLU A 164 21.92 42.72 -1.52
N ALA A 165 22.27 42.95 -0.25
CA ALA A 165 23.67 42.91 0.19
C ALA A 165 24.24 41.49 0.46
N LEU A 166 23.40 40.45 0.43
CA LEU A 166 23.84 39.10 0.82
C LEU A 166 24.82 38.45 -0.15
N PRO A 167 24.56 38.53 -1.47
CA PRO A 167 25.51 37.90 -2.40
C PRO A 167 27.00 38.29 -2.14
N GLY A 168 27.28 39.57 -1.97
CA GLY A 168 28.66 40.02 -1.74
C GLY A 168 29.27 39.42 -0.49
N VAL A 169 28.50 39.47 0.61
CA VAL A 169 28.95 38.96 1.90
C VAL A 169 29.12 37.44 1.84
N TYR A 170 28.08 36.75 1.35
CA TYR A 170 28.10 35.28 1.21
C TYR A 170 29.30 34.80 0.40
N LYS A 171 29.62 35.52 -0.68
CA LYS A 171 30.77 35.15 -1.49
C LYS A 171 32.08 35.22 -0.71
N ALA A 172 32.28 36.30 0.05
CA ALA A 172 33.50 36.48 0.83
C ALA A 172 33.63 35.38 1.88
N ILE A 173 32.54 35.13 2.60
CA ILE A 173 32.51 34.14 3.66
C ILE A 173 32.79 32.74 3.12
N ALA A 174 32.17 32.42 1.99
CA ALA A 174 32.36 31.10 1.35
C ALA A 174 33.81 30.92 0.92
N GLU A 175 34.33 31.96 0.26
CA GLU A 175 35.72 32.00 -0.15
C GLU A 175 36.67 31.86 1.04
N ALA A 176 36.38 32.56 2.14
CA ALA A 176 37.21 32.50 3.36
C ALA A 176 37.27 31.09 3.92
N ALA A 177 36.19 30.34 3.74
CA ALA A 177 36.09 28.96 4.20
C ALA A 177 36.67 27.96 3.21
N GLY A 178 37.18 28.43 2.07
CA GLY A 178 37.62 27.56 0.99
C GLY A 178 36.53 26.73 0.35
N GLU A 179 35.35 27.32 0.19
CA GLU A 179 34.16 26.61 -0.32
C GLU A 179 33.55 27.42 -1.47
N SER A 180 32.42 26.97 -2.00
CA SER A 180 31.87 27.57 -3.20
C SER A 180 30.66 28.44 -2.95
N PHE A 181 30.37 29.30 -3.93
CA PHE A 181 29.31 30.29 -3.86
C PHE A 181 28.49 30.35 -5.14
N PHE A 182 27.21 30.67 -5.02
CA PHE A 182 26.35 30.97 -6.16
C PHE A 182 25.23 31.92 -5.77
N ASP A 183 25.01 32.93 -6.60
CA ASP A 183 23.99 33.94 -6.32
C ASP A 183 22.72 33.62 -7.09
N ALA A 184 21.70 33.17 -6.38
CA ALA A 184 20.44 32.86 -7.02
C ALA A 184 19.88 34.08 -7.77
N GLY A 185 20.18 35.28 -7.27
CA GLY A 185 19.77 36.52 -7.91
C GLY A 185 20.36 36.77 -9.30
N SER A 186 21.40 36.02 -9.66
CA SER A 186 21.99 36.13 -10.98
C SER A 186 21.14 35.48 -12.08
N VAL A 187 20.22 34.59 -11.71
CA VAL A 187 19.40 33.86 -12.68
C VAL A 187 17.88 33.94 -12.45
N VAL A 188 17.46 34.39 -11.27
CA VAL A 188 16.02 34.56 -10.95
C VAL A 188 15.78 35.72 -9.96
N SER A 189 14.51 36.09 -9.81
CA SER A 189 14.10 36.98 -8.73
C SER A 189 12.81 36.51 -8.07
N THR A 190 12.49 37.12 -6.94
CA THR A 190 11.34 36.77 -6.14
C THR A 190 10.08 37.29 -6.86
N ASP A 191 9.48 36.41 -7.65
CA ASP A 191 8.34 36.74 -8.49
C ASP A 191 7.00 36.28 -7.89
N GLY A 192 7.02 35.64 -6.73
CA GLY A 192 5.76 35.21 -6.13
C GLY A 192 4.86 36.40 -5.81
N VAL A 193 3.56 36.18 -5.84
CA VAL A 193 2.61 37.24 -5.58
C VAL A 193 2.76 37.87 -4.18
N ASP A 194 3.24 37.09 -3.20
CA ASP A 194 3.38 37.61 -1.82
C ASP A 194 4.69 38.35 -1.57
N GLY A 195 5.54 38.43 -2.61
CA GLY A 195 6.78 39.19 -2.52
C GLY A 195 7.92 38.49 -1.79
N ILE A 196 7.74 37.21 -1.47
CA ILE A 196 8.75 36.44 -0.73
C ILE A 196 9.13 35.11 -1.36
N HIS A 197 8.14 34.38 -1.89
CA HIS A 197 8.35 33.02 -2.38
C HIS A 197 8.31 32.95 -3.90
N PHE A 198 8.54 31.74 -4.42
CA PHE A 198 8.78 31.55 -5.86
C PHE A 198 7.61 30.86 -6.56
N THR A 199 7.43 31.19 -7.83
CA THR A 199 6.52 30.46 -8.70
C THR A 199 7.23 29.21 -9.19
N ALA A 200 6.48 28.30 -9.80
CA ALA A 200 7.06 27.11 -10.39
C ALA A 200 8.02 27.42 -11.54
N GLU A 201 7.72 28.49 -12.28
CA GLU A 201 8.61 28.91 -13.37
C GLU A 201 9.98 29.31 -12.81
N THR A 202 9.99 30.04 -11.69
CA THR A 202 11.25 30.48 -11.08
C THR A 202 12.01 29.29 -10.48
N ASN A 203 11.28 28.36 -9.88
CA ASN A 203 11.89 27.13 -9.37
C ASN A 203 12.64 26.39 -10.48
N ARG A 204 11.99 26.25 -11.64
CA ARG A 204 12.57 25.56 -12.79
C ARG A 204 13.88 26.20 -13.23
N THR A 205 13.89 27.51 -13.36
CA THR A 205 15.10 28.22 -13.76
C THR A 205 16.22 27.96 -12.76
N LEU A 206 15.91 28.11 -11.47
CA LEU A 206 16.89 27.95 -10.39
C LEU A 206 17.45 26.53 -10.34
N GLY A 207 16.58 25.55 -10.43
CA GLY A 207 16.98 24.16 -10.40
C GLY A 207 17.98 23.84 -11.49
N ALA A 208 17.69 24.33 -12.70
CA ALA A 208 18.55 24.05 -13.86
C ALA A 208 19.89 24.78 -13.74
N ALA A 209 19.86 26.01 -13.25
CA ALA A 209 21.08 26.81 -13.05
C ALA A 209 21.96 26.20 -11.99
N VAL A 210 21.37 25.81 -10.87
CA VAL A 210 22.14 25.23 -9.75
C VAL A 210 22.76 23.89 -10.15
N ALA A 211 22.04 23.12 -10.96
CA ALA A 211 22.57 21.84 -11.48
C ALA A 211 23.87 22.02 -12.25
N GLN A 212 23.96 23.07 -13.08
CA GLN A 212 25.19 23.37 -13.80
C GLN A 212 26.32 23.61 -12.82
N LYS A 213 26.04 24.43 -11.82
CA LYS A 213 27.03 24.77 -10.81
C LYS A 213 27.52 23.53 -10.06
N VAL A 214 26.60 22.68 -9.65
CA VAL A 214 26.94 21.45 -8.93
C VAL A 214 27.90 20.57 -9.73
N LYS A 215 27.58 20.31 -11.01
CA LYS A 215 28.42 19.48 -11.87
C LYS A 215 29.84 20.02 -12.01
N THR A 216 29.96 21.34 -12.11
CA THR A 216 31.27 21.99 -12.07
C THR A 216 32.08 21.59 -10.83
N LEU A 217 31.43 21.49 -9.68
CA LEU A 217 32.11 21.16 -8.43
C LEU A 217 32.42 19.69 -8.24
N LEU A 218 31.53 18.81 -8.69
CA LEU A 218 31.70 17.38 -8.40
C LEU A 218 32.26 16.51 -9.55
N GLN A 219 32.31 17.08 -10.75
CA GLN A 219 33.03 16.48 -11.85
C GLN A 219 34.07 17.51 -12.32
N PRO A 220 35.02 17.91 -11.44
CA PRO A 220 35.83 19.11 -11.71
C PRO A 220 36.88 18.90 -12.81
N LYS A 221 37.46 17.69 -12.87
CA LYS A 221 38.29 17.27 -14.02
C LYS A 221 37.58 17.54 -15.37
N LEU A 222 36.28 17.23 -15.43
CA LEU A 222 35.48 17.45 -16.61
C LEU A 222 35.20 18.93 -16.77
N ALA A 223 34.80 19.60 -15.69
CA ALA A 223 34.57 21.04 -15.73
C ALA A 223 35.78 21.73 -16.31
N ALA A 224 36.96 21.39 -15.77
CA ALA A 224 38.23 21.94 -16.24
C ALA A 224 38.40 21.80 -17.76
N ALA A 225 38.35 20.55 -18.23
CA ALA A 225 38.51 20.22 -19.65
C ALA A 225 37.54 20.99 -20.56
N LEU A 226 36.32 21.22 -20.07
CA LEU A 226 35.31 21.94 -20.85
C LEU A 226 35.63 23.41 -21.07
N GLU A 227 36.30 24.08 -20.11
CA GLU A 227 36.40 25.54 -20.13
C GLU A 227 36.91 26.19 -21.45
N HIS A 228 37.69 25.44 -22.23
CA HIS A 228 38.05 25.89 -23.61
C HIS A 228 36.85 25.96 -24.61
N GLN B 1 4.57 24.07 -19.13
CA GLN B 1 4.07 24.94 -20.22
C GLN B 1 5.09 25.05 -21.34
N ASP B 2 6.29 25.52 -20.98
CA ASP B 2 7.46 25.55 -21.88
C ASP B 2 7.62 24.30 -22.77
N LYS B 3 7.46 24.52 -24.08
CA LYS B 3 7.64 23.50 -25.10
C LYS B 3 8.92 22.67 -24.91
N ILE B 4 8.80 21.34 -24.99
CA ILE B 4 9.90 20.43 -24.84
C ILE B 4 10.80 20.48 -26.07
N LYS B 5 12.11 20.60 -25.83
CA LYS B 5 13.08 20.77 -26.90
C LYS B 5 13.58 19.45 -27.49
N ARG B 6 13.49 19.33 -28.81
CA ARG B 6 13.79 18.07 -29.49
C ARG B 6 15.20 18.09 -30.10
N VAL B 7 16.04 17.13 -29.67
CA VAL B 7 17.41 17.03 -30.15
C VAL B 7 17.64 15.71 -30.91
N PHE B 8 18.06 15.82 -32.17
CA PHE B 8 18.29 14.66 -33.02
C PHE B 8 19.78 14.39 -33.09
N VAL B 9 20.18 13.16 -32.77
CA VAL B 9 21.58 12.78 -32.78
C VAL B 9 21.86 11.81 -33.92
N PHE B 10 22.76 12.19 -34.81
CA PHE B 10 23.02 11.47 -36.05
C PHE B 10 24.46 11.04 -36.03
N GLY B 11 24.71 9.73 -35.91
CA GLY B 11 26.08 9.25 -35.82
C GLY B 11 26.30 7.85 -36.35
N ASP B 12 27.40 7.25 -35.91
CA ASP B 12 27.84 5.95 -36.40
C ASP B 12 27.71 4.94 -35.25
N LEU B 14 29.53 4.45 -32.73
CA LEU B 14 29.78 5.12 -31.45
C LEU B 14 28.49 5.60 -30.81
N THR B 15 27.53 5.99 -31.65
CA THR B 15 26.23 6.51 -31.24
C THR B 15 25.17 5.40 -31.13
N TRP B 16 25.31 4.35 -31.94
CA TRP B 16 24.49 3.15 -31.80
C TRP B 16 24.74 2.50 -30.43
N GLY B 17 26.01 2.40 -30.08
CA GLY B 17 26.42 1.80 -28.81
C GLY B 17 27.23 0.51 -29.01
N TRP B 18 28.26 0.57 -29.84
CA TRP B 18 29.14 -0.57 -30.05
C TRP B 18 29.91 -0.87 -28.78
N THR B 19 29.77 -2.10 -28.28
CA THR B 19 30.53 -2.58 -27.14
C THR B 19 31.88 -3.09 -27.62
N PRO B 20 33.00 -2.46 -27.21
CA PRO B 20 34.31 -2.92 -27.65
C PRO B 20 34.65 -4.29 -27.07
N VAL B 21 35.14 -5.20 -27.92
CA VAL B 21 35.38 -6.58 -27.54
C VAL B 21 36.53 -7.21 -28.33
N ALA B 22 36.94 -8.38 -27.90
CA ALA B 22 37.96 -9.15 -28.57
C ALA B 22 37.45 -10.58 -28.77
N PRO B 23 37.43 -11.08 -30.02
CA PRO B 23 37.81 -10.32 -31.20
C PRO B 23 36.81 -9.18 -31.50
N ILE B 24 37.25 -8.23 -32.33
CA ILE B 24 36.50 -6.97 -32.60
C ILE B 24 35.03 -7.18 -32.94
N VAL B 25 34.75 -8.24 -33.70
CA VAL B 25 33.39 -8.66 -34.08
C VAL B 25 33.18 -10.15 -33.77
N PRO B 26 31.95 -10.59 -33.49
CA PRO B 26 30.77 -9.73 -33.39
C PRO B 26 30.68 -9.00 -32.05
N THR B 27 29.94 -7.89 -32.05
CA THR B 27 29.67 -7.13 -30.84
C THR B 27 28.19 -7.24 -30.47
N THR B 28 27.88 -6.69 -29.30
CA THR B 28 26.50 -6.55 -28.89
C THR B 28 26.32 -5.09 -28.46
N ARG B 29 25.07 -4.62 -28.46
CA ARG B 29 24.79 -3.22 -28.21
C ARG B 29 24.95 -2.90 -26.73
N HIS B 30 25.66 -1.82 -26.42
CA HIS B 30 25.71 -1.34 -25.04
C HIS B 30 24.29 -1.34 -24.47
N PRO B 31 24.11 -1.81 -23.23
CA PRO B 31 22.82 -1.60 -22.58
C PRO B 31 22.42 -0.13 -22.63
N HIS B 32 21.13 0.14 -22.76
CA HIS B 32 20.63 1.52 -22.89
C HIS B 32 21.24 2.46 -21.82
N ALA B 33 21.30 1.97 -20.58
CA ALA B 33 21.83 2.79 -19.48
C ALA B 33 23.28 3.28 -19.71
N ASP B 34 24.05 2.54 -20.51
CA ASP B 34 25.46 2.84 -20.76
C ASP B 34 25.76 3.59 -22.07
N ARG B 35 24.73 3.96 -22.83
CA ARG B 35 24.97 4.66 -24.11
C ARG B 35 25.17 6.16 -23.91
N TRP B 36 26.11 6.75 -24.66
CA TRP B 36 26.44 8.17 -24.45
C TRP B 36 25.21 9.07 -24.64
N THR B 37 24.40 8.75 -25.65
CA THR B 37 23.16 9.48 -25.91
C THR B 37 22.18 9.39 -24.74
N THR B 38 22.14 8.24 -24.06
CA THR B 38 21.26 8.10 -22.90
C THR B 38 21.69 9.02 -21.76
N VAL B 39 22.99 9.03 -21.48
CA VAL B 39 23.52 9.89 -20.43
C VAL B 39 23.33 11.34 -20.83
N LEU B 40 23.57 11.67 -22.09
CA LEU B 40 23.21 13.00 -22.62
C LEU B 40 21.76 13.38 -22.26
N GLY B 41 20.84 12.44 -22.46
CA GLY B 41 19.43 12.66 -22.18
C GLY B 41 19.13 12.90 -20.72
N GLU B 42 19.77 12.10 -19.86
CA GLU B 42 19.59 12.21 -18.41
C GLU B 42 20.12 13.51 -17.86
N ASN B 43 21.29 13.92 -18.32
CA ASN B 43 21.88 15.19 -17.88
C ASN B 43 21.15 16.42 -18.40
N LEU B 44 20.36 16.27 -19.46
CA LEU B 44 19.59 17.39 -20.02
C LEU B 44 18.29 17.63 -19.25
N GLY B 45 17.67 16.54 -18.80
CA GLY B 45 16.43 16.62 -18.02
C GLY B 45 15.16 16.54 -18.85
N ASP B 46 14.03 16.73 -18.18
CA ASP B 46 12.70 16.70 -18.79
C ASP B 46 12.46 17.82 -19.80
N GLY B 47 13.29 18.88 -19.74
CA GLY B 47 13.19 19.97 -20.71
C GLY B 47 13.49 19.53 -22.14
N TYR B 48 14.15 18.37 -22.28
CA TYR B 48 14.61 17.85 -23.56
C TYR B 48 14.13 16.43 -23.84
N GLU B 49 14.06 16.11 -25.12
CA GLU B 49 13.62 14.82 -25.64
C GLU B 49 14.54 14.44 -26.82
N LEU B 50 15.19 13.28 -26.75
CA LEU B 50 16.14 12.88 -27.79
C LEU B 50 15.56 11.93 -28.84
N VAL B 51 16.04 12.10 -30.08
CA VAL B 51 15.84 11.11 -31.15
C VAL B 51 17.22 10.72 -31.63
N VAL B 52 17.50 9.43 -31.68
CA VAL B 52 18.87 8.97 -31.93
C VAL B 52 18.95 8.04 -33.14
N ASP B 53 19.88 8.35 -34.04
CA ASP B 53 20.10 7.52 -35.22
C ASP B 53 21.57 7.23 -35.40
N GLY B 54 22.03 6.13 -34.81
CA GLY B 54 23.41 5.68 -34.93
C GLY B 54 23.51 4.39 -35.75
N LEU B 55 24.25 4.45 -36.85
CA LEU B 55 24.45 3.31 -37.75
C LEU B 55 25.90 2.88 -37.78
N SER B 56 26.18 1.66 -37.34
CA SER B 56 27.52 1.10 -37.43
C SER B 56 28.01 1.23 -38.86
N GLY B 57 29.20 1.76 -39.04
CA GLY B 57 29.85 1.86 -40.36
C GLY B 57 29.63 3.13 -41.14
N ARG B 58 28.78 4.01 -40.62
CA ARG B 58 28.30 5.20 -41.35
C ARG B 58 29.36 6.29 -41.54
N THR B 59 29.38 6.85 -42.76
CA THR B 59 30.29 7.94 -43.12
C THR B 59 29.54 9.25 -43.19
N THR B 60 30.26 10.34 -43.34
CA THR B 60 29.63 11.65 -43.57
C THR B 60 28.82 11.63 -44.86
N ASN B 61 29.51 11.49 -45.99
CA ASN B 61 28.88 11.71 -47.30
C ASN B 61 29.49 10.91 -48.47
N ILE B 62 30.07 9.76 -48.18
CA ILE B 62 30.76 8.96 -49.19
C ILE B 62 30.30 7.50 -49.18
N ASP B 63 30.11 6.92 -50.37
CA ASP B 63 29.70 5.52 -50.50
C ASP B 63 30.78 4.57 -50.04
N ASP B 64 30.37 3.55 -49.29
CA ASP B 64 31.27 2.47 -48.95
C ASP B 64 31.05 1.36 -49.96
N PRO B 65 32.08 1.03 -50.78
CA PRO B 65 31.85 -0.03 -51.78
C PRO B 65 31.48 -1.40 -51.17
N ASN B 66 31.72 -1.57 -49.86
CA ASN B 66 31.37 -2.81 -49.17
C ASN B 66 29.93 -2.91 -48.68
N ASP B 67 29.21 -1.79 -48.64
CA ASP B 67 27.86 -1.78 -48.09
C ASP B 67 27.13 -0.50 -48.54
N PRO B 68 26.08 -0.66 -49.35
CA PRO B 68 25.42 0.52 -49.88
C PRO B 68 24.56 1.32 -48.89
N LYS B 69 24.44 0.92 -47.63
CA LYS B 69 23.61 1.70 -46.68
C LYS B 69 24.37 2.64 -45.73
N LEU B 70 25.66 2.85 -45.97
CA LEU B 70 26.54 3.52 -44.98
C LEU B 70 26.82 5.00 -45.24
N ASN B 71 26.19 5.58 -46.26
CA ASN B 71 26.44 6.97 -46.57
C ASN B 71 25.45 7.86 -45.83
N GLY B 72 25.93 8.59 -44.82
CA GLY B 72 25.10 9.48 -44.02
C GLY B 72 24.22 10.41 -44.84
N ALA B 73 24.79 10.98 -45.88
CA ALA B 73 24.11 11.97 -46.72
C ALA B 73 23.00 11.37 -47.59
N ASP B 74 23.08 10.07 -47.89
CA ASP B 74 21.96 9.38 -48.53
C ASP B 74 20.72 9.36 -47.62
N TYR B 75 20.92 9.33 -46.31
CA TYR B 75 19.87 9.09 -45.31
C TYR B 75 19.32 10.36 -44.65
N LEU B 76 20.20 11.36 -44.48
CA LEU B 76 19.91 12.46 -43.58
C LEU B 76 18.71 13.31 -44.00
N PRO B 77 18.57 13.64 -45.31
CA PRO B 77 17.41 14.45 -45.69
C PRO B 77 16.08 13.83 -45.25
N ALA B 78 15.92 12.54 -45.48
CA ALA B 78 14.71 11.82 -45.07
C ALA B 78 14.56 11.83 -43.55
N ALA B 79 15.64 11.56 -42.85
CA ALA B 79 15.61 11.49 -41.39
C ALA B 79 15.16 12.82 -40.80
N LEU B 80 15.71 13.92 -41.30
CA LEU B 80 15.38 15.25 -40.82
C LEU B 80 13.89 15.56 -40.94
N ALA B 81 13.32 15.21 -42.09
CA ALA B 81 11.92 15.46 -42.40
C ALA B 81 10.99 14.59 -41.60
N ALA B 82 11.49 13.41 -41.26
CA ALA B 82 10.74 12.41 -40.51
C ALA B 82 10.66 12.75 -39.02
N HIS B 83 11.58 13.59 -38.55
CA HIS B 83 11.63 13.98 -37.15
C HIS B 83 11.37 15.48 -36.91
N GLU B 84 11.07 16.21 -37.97
CA GLU B 84 10.65 17.60 -37.85
C GLU B 84 9.41 17.69 -36.91
N PRO B 85 9.36 18.69 -36.01
CA PRO B 85 10.35 19.76 -35.88
C PRO B 85 11.40 19.47 -34.83
N LEU B 86 12.63 19.92 -35.10
CA LEU B 86 13.73 19.74 -34.17
C LEU B 86 14.24 21.11 -33.70
N ASP B 87 14.83 21.10 -32.52
CA ASP B 87 15.47 22.27 -31.95
C ASP B 87 16.97 22.23 -32.09
N LEU B 88 17.53 21.02 -32.30
CA LEU B 88 18.97 20.86 -32.54
C LEU B 88 19.30 19.55 -33.28
N VAL B 89 20.30 19.60 -34.15
CA VAL B 89 20.83 18.40 -34.77
C VAL B 89 22.30 18.25 -34.35
N ILE B 90 22.62 17.11 -33.77
CA ILE B 90 23.99 16.80 -33.40
C ILE B 90 24.52 15.78 -34.37
N ILE B 91 25.72 16.03 -34.90
CA ILE B 91 26.37 15.11 -35.82
C ILE B 91 27.67 14.71 -35.21
N LEU B 92 27.81 13.40 -34.96
CA LEU B 92 29.07 12.80 -34.50
C LEU B 92 29.44 11.69 -35.47
N LEU B 93 30.15 12.10 -36.53
CA LEU B 93 30.62 11.25 -37.60
C LEU B 93 32.02 11.66 -37.99
N GLY B 94 32.69 10.76 -38.71
CA GLY B 94 34.03 11.00 -39.22
C GLY B 94 35.01 9.86 -38.93
N THR B 95 34.67 9.01 -37.97
CA THR B 95 35.56 7.93 -37.59
C THR B 95 35.70 6.93 -38.75
N ASN B 96 34.58 6.53 -39.37
CA ASN B 96 34.65 5.61 -40.51
C ASN B 96 35.26 6.24 -41.75
N ASP B 97 35.18 7.55 -41.88
CA ASP B 97 35.74 8.27 -43.03
C ASP B 97 37.27 8.14 -43.12
N THR B 98 37.93 7.78 -42.02
CA THR B 98 39.38 7.62 -41.99
C THR B 98 39.82 6.25 -42.54
N LYS B 99 38.86 5.35 -42.78
CA LYS B 99 39.16 4.04 -43.37
C LYS B 99 39.97 4.21 -44.65
N THR B 100 41.05 3.45 -44.71
CA THR B 100 42.05 3.50 -45.77
C THR B 100 41.44 3.52 -47.17
N TYR B 101 40.57 2.54 -47.45
CA TYR B 101 40.01 2.35 -48.78
C TYR B 101 39.11 3.50 -49.29
N LEU B 102 38.62 4.36 -48.40
CA LEU B 102 37.83 5.52 -48.82
C LEU B 102 38.73 6.67 -49.28
N ASN B 103 40.01 6.59 -48.94
CA ASN B 103 41.03 7.48 -49.52
C ASN B 103 40.74 8.97 -49.30
N ARG B 104 40.31 9.33 -48.08
CA ARG B 104 39.95 10.71 -47.78
C ARG B 104 41.03 11.46 -47.01
N THR B 105 41.18 12.74 -47.30
CA THR B 105 41.98 13.63 -46.50
C THR B 105 41.08 14.20 -45.41
N PRO B 106 41.66 14.78 -44.36
CA PRO B 106 40.87 15.43 -43.31
C PRO B 106 39.99 16.56 -43.83
N PHE B 107 40.52 17.37 -44.75
CA PHE B 107 39.76 18.46 -45.35
C PHE B 107 38.56 17.89 -46.11
N GLU B 108 38.77 16.78 -46.82
CA GLU B 108 37.68 16.13 -47.52
C GLU B 108 36.59 15.69 -46.55
N ILE B 109 36.99 15.20 -45.39
CA ILE B 109 36.06 14.70 -44.39
C ILE B 109 35.29 15.88 -43.80
N GLY B 110 35.97 16.99 -43.58
CA GLY B 110 35.32 18.23 -43.20
C GLY B 110 34.24 18.66 -44.20
N LEU B 111 34.57 18.63 -45.49
CA LEU B 111 33.61 18.95 -46.54
C LEU B 111 32.38 18.04 -46.44
N GLY B 112 32.61 16.77 -46.10
CA GLY B 112 31.55 15.79 -45.95
C GLY B 112 30.63 16.17 -44.82
N ALA B 113 31.21 16.52 -43.68
CA ALA B 113 30.44 17.01 -42.54
C ALA B 113 29.70 18.28 -42.94
N GLY B 114 30.38 19.14 -43.69
CA GLY B 114 29.75 20.34 -44.26
C GLY B 114 28.52 20.06 -45.13
N ALA B 115 28.62 19.03 -45.98
CA ALA B 115 27.49 18.60 -46.79
C ALA B 115 26.29 18.26 -45.92
N LEU B 116 26.55 17.64 -44.78
CA LEU B 116 25.47 17.27 -43.86
C LEU B 116 24.86 18.50 -43.19
N ILE B 117 25.72 19.43 -42.77
CA ILE B 117 25.24 20.69 -42.17
C ILE B 117 24.32 21.41 -43.18
N ASN B 118 24.76 21.47 -44.43
CA ASN B 118 23.97 22.07 -45.49
C ASN B 118 22.61 21.39 -45.68
N MET B 119 22.57 20.06 -45.62
CA MET B 119 21.29 19.36 -45.69
C MET B 119 20.33 19.77 -44.58
N VAL B 120 20.87 19.97 -43.38
CA VAL B 120 20.08 20.42 -42.25
C VAL B 120 19.60 21.86 -42.48
N GLN B 121 20.44 22.71 -43.05
CA GLN B 121 20.08 24.12 -43.26
C GLN B 121 19.01 24.29 -44.34
N LYS B 122 19.01 23.40 -45.31
CA LYS B 122 17.99 23.37 -46.36
C LYS B 122 16.84 22.41 -46.00
N SER B 123 16.78 22.01 -44.73
CA SER B 123 15.88 20.96 -44.25
C SER B 123 14.42 21.33 -44.41
N PRO B 124 13.55 20.30 -44.38
CA PRO B 124 12.62 19.73 -45.38
C PRO B 124 12.76 20.47 -46.68
N GLY B 125 12.67 19.81 -47.80
CA GLY B 125 12.70 20.59 -49.03
C GLY B 125 11.31 20.98 -49.51
N TRP B 126 10.43 21.44 -48.62
CA TRP B 126 9.02 21.53 -49.02
C TRP B 126 8.08 22.54 -48.36
N ASP B 127 6.97 22.81 -49.05
CA ASP B 127 5.85 23.61 -48.56
C ASP B 127 4.88 22.85 -47.66
N TRP B 128 5.06 21.55 -47.48
CA TRP B 128 4.10 20.74 -46.69
C TRP B 128 4.02 21.13 -45.23
N THR B 129 5.14 21.62 -44.71
CA THR B 129 5.23 22.19 -43.37
C THR B 129 5.96 23.51 -43.52
N ASP B 130 5.81 24.44 -42.59
CA ASP B 130 6.88 25.42 -42.44
C ASP B 130 7.24 25.70 -41.00
N TYR B 131 8.07 24.80 -40.48
CA TYR B 131 8.89 25.04 -39.32
C TYR B 131 10.24 25.53 -39.82
N PRO B 132 10.95 26.31 -39.00
CA PRO B 132 12.30 26.69 -39.43
C PRO B 132 13.26 25.49 -39.41
N PRO B 133 14.42 25.62 -40.05
CA PRO B 133 15.40 24.56 -39.91
C PRO B 133 16.15 24.68 -38.56
N PRO B 134 16.59 23.56 -37.99
CA PRO B 134 17.23 23.66 -36.70
C PRO B 134 18.72 24.01 -36.80
N PRO B 135 19.30 24.57 -35.73
CA PRO B 135 20.76 24.74 -35.67
C PRO B 135 21.48 23.38 -35.60
N VAL B 136 22.80 23.40 -35.78
CA VAL B 136 23.60 22.17 -35.81
C VAL B 136 24.79 22.29 -34.87
N LEU B 137 25.03 21.24 -34.10
CA LEU B 137 26.26 21.06 -33.34
C LEU B 137 27.07 19.94 -33.98
N LEU B 138 28.15 20.30 -34.66
CA LEU B 138 29.05 19.32 -35.24
C LEU B 138 30.05 18.86 -34.20
N ILE B 139 30.11 17.55 -33.95
CA ILE B 139 31.04 16.99 -32.99
C ILE B 139 32.11 16.16 -33.69
N SER B 140 33.35 16.54 -33.48
CA SER B 140 34.46 15.78 -33.98
C SER B 140 34.74 14.64 -33.01
N PRO B 141 34.98 13.42 -33.53
CA PRO B 141 35.30 12.30 -32.66
C PRO B 141 36.74 12.39 -32.16
N PRO B 142 37.08 11.59 -31.13
CA PRO B 142 38.43 11.61 -30.64
C PRO B 142 39.36 10.86 -31.59
N PRO B 143 40.67 10.98 -31.37
CA PRO B 143 41.58 10.18 -32.17
C PRO B 143 41.35 8.71 -31.96
N LEU B 144 41.60 7.95 -32.99
CA LEU B 144 41.56 6.50 -32.91
C LEU B 144 42.59 6.02 -31.91
N GLY B 145 42.43 4.78 -31.47
CA GLY B 145 43.42 4.10 -30.65
C GLY B 145 44.72 3.89 -31.40
N GLU B 146 45.82 3.85 -30.67
CA GLU B 146 47.13 3.60 -31.28
C GLU B 146 47.23 2.14 -31.69
N THR B 147 46.47 1.27 -31.04
CA THR B 147 46.47 -0.15 -31.38
C THR B 147 45.07 -0.68 -31.72
N ILE B 148 44.88 -1.01 -33.00
CA ILE B 148 43.60 -1.44 -33.50
C ILE B 148 43.59 -2.96 -33.70
N ASP B 149 42.45 -3.58 -33.40
CA ASP B 149 42.30 -5.01 -33.54
C ASP B 149 42.88 -5.44 -34.90
N PRO B 150 43.80 -6.44 -34.88
CA PRO B 150 44.44 -6.92 -36.10
C PRO B 150 43.50 -7.23 -37.28
N LEU B 151 42.27 -7.67 -37.01
CA LEU B 151 41.30 -7.88 -38.08
C LEU B 151 40.94 -6.57 -38.81
N ALA B 152 40.87 -5.47 -38.07
CA ALA B 152 40.44 -4.18 -38.60
C ALA B 152 41.61 -3.25 -38.99
N ALA B 153 42.80 -3.49 -38.46
CA ALA B 153 43.94 -2.60 -38.71
C ALA B 153 44.24 -2.29 -40.19
N PRO B 154 44.20 -3.29 -41.09
CA PRO B 154 44.47 -3.03 -42.51
C PRO B 154 43.58 -1.96 -43.13
N ILE B 155 42.34 -1.89 -42.62
CA ILE B 155 41.36 -0.91 -43.11
C ILE B 155 41.47 0.47 -42.44
N PHE B 156 42.32 0.61 -41.42
CA PHE B 156 42.56 1.90 -40.75
C PHE B 156 44.01 2.40 -40.84
N VAL B 157 44.70 2.04 -41.93
CA VAL B 157 46.07 2.51 -42.15
C VAL B 157 46.00 4.02 -42.42
N ASP B 158 46.93 4.77 -41.85
CA ASP B 158 46.91 6.24 -41.86
C ASP B 158 45.64 6.88 -41.26
N GLY B 159 44.82 6.09 -40.58
CA GLY B 159 43.58 6.62 -40.04
C GLY B 159 43.77 7.50 -38.81
N LEU B 160 44.74 7.13 -37.98
CA LEU B 160 44.99 7.83 -36.74
C LEU B 160 45.31 9.30 -37.01
N ALA B 161 46.24 9.54 -37.95
CA ALA B 161 46.67 10.89 -38.24
C ALA B 161 45.50 11.73 -38.76
N LYS B 162 44.67 11.10 -39.61
CA LYS B 162 43.48 11.75 -40.12
C LYS B 162 42.54 12.12 -39.00
N SER B 163 42.31 11.20 -38.06
CA SER B 163 41.40 11.45 -36.95
C SER B 163 41.91 12.57 -36.04
N GLU B 164 43.23 12.70 -35.92
CA GLU B 164 43.81 13.77 -35.11
C GLU B 164 43.56 15.13 -35.73
N ALA B 165 43.53 15.17 -37.06
CA ALA B 165 43.32 16.43 -37.80
C ALA B 165 41.85 16.90 -37.91
N LEU B 166 40.89 16.08 -37.49
CA LEU B 166 39.48 16.40 -37.70
C LEU B 166 38.97 17.59 -36.87
N PRO B 167 39.30 17.65 -35.57
CA PRO B 167 38.80 18.80 -34.80
C PRO B 167 39.06 20.18 -35.44
N GLY B 168 40.29 20.41 -35.92
CA GLY B 168 40.64 21.67 -36.54
C GLY B 168 39.77 21.99 -37.75
N VAL B 169 39.64 21.00 -38.64
CA VAL B 169 38.87 21.14 -39.88
C VAL B 169 37.39 21.31 -39.56
N TYR B 170 36.85 20.42 -38.72
CA TYR B 170 35.44 20.46 -38.31
C TYR B 170 35.06 21.81 -37.72
N LYS B 171 35.96 22.38 -36.90
CA LYS B 171 35.69 23.69 -36.31
C LYS B 171 35.54 24.77 -37.37
N ALA B 172 36.45 24.80 -38.34
CA ALA B 172 36.41 25.81 -39.39
C ALA B 172 35.12 25.68 -40.21
N ILE B 173 34.82 24.44 -40.61
CA ILE B 173 33.65 24.17 -41.41
C ILE B 173 32.36 24.56 -40.69
N ALA B 174 32.27 24.22 -39.41
CA ALA B 174 31.08 24.53 -38.60
C ALA B 174 30.91 26.04 -38.47
N GLU B 175 32.02 26.71 -38.16
CA GLU B 175 32.07 28.16 -38.06
C GLU B 175 31.67 28.79 -39.39
N ALA B 176 32.18 28.28 -40.51
CA ALA B 176 31.85 28.82 -41.83
C ALA B 176 30.36 28.73 -42.14
N ALA B 177 29.72 27.70 -41.61
CA ALA B 177 28.29 27.48 -41.77
C ALA B 177 27.44 28.28 -40.77
N GLY B 178 28.07 29.04 -39.88
CA GLY B 178 27.38 29.72 -38.82
C GLY B 178 26.72 28.80 -37.82
N GLU B 179 27.39 27.69 -37.48
CA GLU B 179 26.84 26.66 -36.60
C GLU B 179 27.85 26.36 -35.50
N SER B 180 27.57 25.38 -34.65
CA SER B 180 28.41 25.13 -33.48
C SER B 180 29.31 23.92 -33.63
N PHE B 181 30.35 23.88 -32.79
CA PHE B 181 31.36 22.83 -32.81
C PHE B 181 31.71 22.34 -31.41
N PHE B 182 32.07 21.06 -31.29
CA PHE B 182 32.61 20.50 -30.05
C PHE B 182 33.52 19.33 -30.35
N ASP B 183 34.67 19.30 -29.71
CA ASP B 183 35.67 18.27 -29.93
C ASP B 183 35.55 17.19 -28.85
N ALA B 184 35.03 16.02 -29.22
CA ALA B 184 34.91 14.93 -28.26
C ALA B 184 36.28 14.58 -27.66
N GLY B 185 37.34 14.76 -28.44
CA GLY B 185 38.71 14.54 -27.97
C GLY B 185 39.16 15.43 -26.82
N SER B 186 38.45 16.52 -26.57
CA SER B 186 38.76 17.41 -25.46
C SER B 186 38.36 16.83 -24.09
N VAL B 187 37.46 15.85 -24.07
CA VAL B 187 36.97 15.26 -22.82
C VAL B 187 37.12 13.75 -22.70
N VAL B 188 37.36 13.05 -23.82
CA VAL B 188 37.54 11.59 -23.83
C VAL B 188 38.50 11.14 -24.94
N SER B 189 38.89 9.87 -24.87
CA SER B 189 39.69 9.24 -25.93
C SER B 189 39.21 7.81 -26.19
N THR B 190 39.68 7.25 -27.30
CA THR B 190 39.20 5.94 -27.74
C THR B 190 39.87 4.87 -26.86
N ASP B 191 39.16 4.50 -25.81
CA ASP B 191 39.68 3.57 -24.80
C ASP B 191 39.18 2.14 -24.98
N GLY B 192 38.34 1.89 -25.97
CA GLY B 192 37.88 0.53 -26.20
C GLY B 192 39.03 -0.40 -26.57
N VAL B 193 38.89 -1.66 -26.19
CA VAL B 193 39.95 -2.64 -26.39
C VAL B 193 40.31 -2.82 -27.89
N ASP B 194 39.36 -2.62 -28.80
CA ASP B 194 39.59 -2.81 -30.23
C ASP B 194 40.23 -1.60 -30.92
N GLY B 195 40.48 -0.53 -30.16
CA GLY B 195 41.12 0.67 -30.69
C GLY B 195 40.21 1.62 -31.46
N ILE B 196 38.91 1.36 -31.47
CA ILE B 196 37.96 2.16 -32.25
C ILE B 196 36.75 2.67 -31.47
N HIS B 197 36.19 1.82 -30.59
CA HIS B 197 34.92 2.14 -29.91
C HIS B 197 35.11 2.47 -28.44
N PHE B 198 34.00 2.81 -27.77
CA PHE B 198 34.05 3.38 -26.43
C PHE B 198 33.56 2.42 -25.35
N THR B 199 34.14 2.54 -24.17
CA THR B 199 33.64 1.86 -22.99
C THR B 199 32.46 2.65 -22.44
N ALA B 200 31.74 2.05 -21.49
CA ALA B 200 30.62 2.73 -20.85
C ALA B 200 31.10 3.93 -20.03
N GLU B 201 32.29 3.84 -19.46
CA GLU B 201 32.86 4.96 -18.72
C GLU B 201 33.08 6.17 -19.64
N THR B 202 33.58 5.92 -20.84
CA THR B 202 33.83 6.99 -21.81
C THR B 202 32.52 7.58 -22.32
N ASN B 203 31.54 6.73 -22.56
CA ASN B 203 30.21 7.18 -22.95
C ASN B 203 29.65 8.15 -21.93
N ARG B 204 29.74 7.79 -20.65
CA ARG B 204 29.22 8.62 -19.55
C ARG B 204 29.86 10.00 -19.55
N THR B 205 31.18 10.06 -19.68
CA THR B 205 31.88 11.34 -19.69
C THR B 205 31.38 12.19 -20.87
N LEU B 206 31.33 11.60 -22.06
CA LEU B 206 30.93 12.31 -23.28
C LEU B 206 29.49 12.81 -23.20
N GLY B 207 28.58 11.96 -22.73
CA GLY B 207 27.18 12.33 -22.57
C GLY B 207 27.00 13.56 -21.70
N ALA B 208 27.72 13.57 -20.59
CA ALA B 208 27.62 14.66 -19.62
C ALA B 208 28.23 15.93 -20.17
N ALA B 209 29.36 15.81 -20.86
CA ALA B 209 30.03 16.95 -21.46
C ALA B 209 29.20 17.55 -22.57
N VAL B 210 28.64 16.71 -23.44
CA VAL B 210 27.83 17.19 -24.56
C VAL B 210 26.54 17.87 -24.06
N ALA B 211 25.97 17.36 -22.98
CA ALA B 211 24.79 17.98 -22.37
C ALA B 211 25.05 19.43 -21.93
N GLN B 212 26.23 19.70 -21.37
CA GLN B 212 26.63 21.07 -20.99
C GLN B 212 26.62 21.95 -22.24
N LYS B 213 27.25 21.46 -23.29
CA LYS B 213 27.35 22.19 -24.54
C LYS B 213 25.96 22.51 -25.11
N VAL B 214 25.08 21.51 -25.13
CA VAL B 214 23.74 21.68 -25.66
C VAL B 214 22.98 22.78 -24.93
N LYS B 215 22.99 22.75 -23.60
CA LYS B 215 22.30 23.75 -22.78
C LYS B 215 22.79 25.18 -23.06
N THR B 216 24.08 25.34 -23.25
CA THR B 216 24.66 26.60 -23.70
C THR B 216 23.99 27.12 -24.98
N LEU B 217 23.70 26.22 -25.93
CA LEU B 217 23.11 26.63 -27.21
C LEU B 217 21.60 26.88 -27.14
N LEU B 218 20.87 26.09 -26.36
CA LEU B 218 19.40 26.16 -26.39
C LEU B 218 18.75 26.89 -25.21
N GLN B 219 19.52 27.17 -24.18
CA GLN B 219 19.11 28.06 -23.11
C GLN B 219 20.19 29.14 -23.00
N PRO B 220 20.38 29.94 -24.07
CA PRO B 220 21.52 30.89 -24.08
C PRO B 220 21.32 32.09 -23.13
N LYS B 221 20.08 32.56 -23.00
CA LYS B 221 19.65 33.47 -21.92
C LYS B 221 20.14 33.03 -20.54
N LEU B 222 20.03 31.74 -20.24
CA LEU B 222 20.52 31.19 -18.98
C LEU B 222 22.03 31.12 -18.98
N ALA B 223 22.60 30.61 -20.08
CA ALA B 223 24.06 30.56 -20.20
C ALA B 223 24.64 31.95 -19.95
N ALA B 224 24.07 32.95 -20.61
CA ALA B 224 24.47 34.35 -20.45
C ALA B 224 24.50 34.77 -19.00
N ALA B 225 23.35 34.66 -18.33
CA ALA B 225 23.19 35.06 -16.93
C ALA B 225 24.21 34.39 -16.00
N LEU B 226 24.56 33.15 -16.30
CA LEU B 226 25.52 32.40 -15.48
C LEU B 226 26.96 32.93 -15.59
N GLU B 227 27.34 33.42 -16.76
CA GLU B 227 28.73 33.87 -17.01
C GLU B 227 29.09 35.17 -16.30
N HIS B 228 28.18 36.15 -16.29
CA HIS B 228 28.29 37.46 -15.59
C HIS B 228 28.69 38.56 -16.53
N ASP C 2 -6.31 9.79 -6.09
CA ASP C 2 -5.57 9.13 -4.98
C ASP C 2 -4.22 9.78 -4.67
N LYS C 3 -4.16 10.38 -3.48
CA LYS C 3 -2.92 10.79 -2.82
C LYS C 3 -1.83 9.70 -2.94
N ILE C 4 -0.60 10.08 -3.25
CA ILE C 4 0.58 9.24 -2.84
C ILE C 4 0.78 9.49 -1.33
N LYS C 5 0.85 8.42 -0.55
CA LYS C 5 0.87 8.53 0.92
C LYS C 5 2.29 8.67 1.47
N ARG C 6 2.50 9.71 2.27
CA ARG C 6 3.84 10.04 2.74
C ARG C 6 4.11 9.54 4.16
N VAL C 7 5.15 8.73 4.31
CA VAL C 7 5.53 8.18 5.61
C VAL C 7 6.92 8.65 6.05
N PHE C 8 7.00 9.31 7.20
CA PHE C 8 8.25 9.81 7.74
C PHE C 8 8.75 8.86 8.82
N VAL C 9 9.99 8.39 8.68
CA VAL C 9 10.59 7.47 9.65
C VAL C 9 11.68 8.15 10.43
N PHE C 10 11.52 8.20 11.76
CA PHE C 10 12.40 8.95 12.63
C PHE C 10 13.04 7.98 13.59
N GLY C 11 14.35 7.79 13.47
CA GLY C 11 15.04 6.80 14.31
C GLY C 11 16.49 7.10 14.59
N ASP C 12 17.21 6.05 14.98
CA ASP C 12 18.60 6.15 15.39
C ASP C 12 19.47 5.42 14.36
N LEU C 14 19.99 2.36 13.88
CA LEU C 14 19.23 1.24 13.30
C LEU C 14 18.53 1.63 12.02
N THR C 15 18.08 2.88 11.97
CA THR C 15 17.34 3.43 10.83
C THR C 15 18.28 4.13 9.83
N TRP C 16 19.40 4.67 10.30
CA TRP C 16 20.46 5.18 9.42
C TRP C 16 21.02 4.04 8.57
N GLY C 17 21.27 2.91 9.22
CA GLY C 17 21.83 1.74 8.55
C GLY C 17 23.22 1.37 9.06
N TRP C 18 23.39 1.27 10.37
CA TRP C 18 24.66 0.86 10.96
C TRP C 18 24.94 -0.59 10.61
N THR C 19 26.09 -0.82 9.95
CA THR C 19 26.55 -2.16 9.63
C THR C 19 27.31 -2.69 10.86
N PRO C 20 26.81 -3.79 11.48
CA PRO C 20 27.52 -4.35 12.65
C PRO C 20 28.86 -4.95 12.26
N VAL C 21 29.89 -4.63 13.04
CA VAL C 21 31.27 -5.03 12.71
C VAL C 21 32.11 -5.23 13.96
N ALA C 22 33.30 -5.80 13.76
CA ALA C 22 34.25 -6.01 14.85
C ALA C 22 35.61 -5.48 14.40
N PRO C 23 36.21 -4.55 15.16
CA PRO C 23 35.61 -3.98 16.36
C PRO C 23 34.39 -3.09 16.03
N ILE C 24 33.59 -2.82 17.05
CA ILE C 24 32.29 -2.13 16.92
C ILE C 24 32.32 -0.87 16.07
N VAL C 25 33.40 -0.09 16.19
CA VAL C 25 33.64 1.12 15.38
C VAL C 25 35.05 1.06 14.77
N PRO C 26 35.28 1.68 13.61
CA PRO C 26 34.26 2.40 12.85
C PRO C 26 33.40 1.49 11.99
N THR C 27 32.21 1.97 11.63
CA THR C 27 31.28 1.24 10.75
C THR C 27 31.14 1.97 9.41
N THR C 28 30.43 1.34 8.48
CA THR C 28 30.03 2.00 7.25
C THR C 28 28.54 1.73 7.09
N ARG C 29 27.89 2.57 6.27
CA ARG C 29 26.45 2.53 6.14
C ARG C 29 26.00 1.34 5.31
N HIS C 30 25.02 0.58 5.80
CA HIS C 30 24.42 -0.47 4.98
C HIS C 30 24.11 0.11 3.59
N PRO C 31 24.42 -0.66 2.53
CA PRO C 31 23.94 -0.25 1.21
C PRO C 31 22.43 -0.02 1.25
N HIS C 32 21.96 0.95 0.47
CA HIS C 32 20.54 1.33 0.43
C HIS C 32 19.63 0.10 0.27
N ALA C 33 20.03 -0.83 -0.61
CA ALA C 33 19.25 -2.04 -0.87
C ALA C 33 18.98 -2.87 0.39
N ASP C 34 19.88 -2.79 1.38
CA ASP C 34 19.80 -3.60 2.60
C ASP C 34 19.19 -2.88 3.82
N ARG C 35 18.75 -1.63 3.67
CA ARG C 35 18.22 -0.87 4.82
C ARG C 35 16.76 -1.20 5.11
N TRP C 36 16.40 -1.29 6.39
CA TRP C 36 15.03 -1.73 6.75
C TRP C 36 13.96 -0.83 6.15
N THR C 37 14.23 0.47 6.18
CA THR C 37 13.35 1.48 5.58
C THR C 37 13.19 1.28 4.08
N THR C 38 14.24 0.85 3.40
CA THR C 38 14.14 0.60 1.96
C THR C 38 13.22 -0.57 1.67
N VAL C 39 13.38 -1.65 2.43
CA VAL C 39 12.52 -2.82 2.25
C VAL C 39 11.09 -2.45 2.62
N LEU C 40 10.91 -1.69 3.70
CA LEU C 40 9.60 -1.12 4.02
C LEU C 40 8.98 -0.42 2.81
N GLY C 41 9.77 0.38 2.12
CA GLY C 41 9.31 1.14 0.94
C GLY C 41 8.90 0.22 -0.20
N GLU C 42 9.71 -0.79 -0.47
CA GLU C 42 9.47 -1.74 -1.54
C GLU C 42 8.23 -2.56 -1.32
N ASN C 43 8.03 -3.04 -0.09
CA ASN C 43 6.84 -3.83 0.24
C ASN C 43 5.56 -3.02 0.28
N LEU C 44 5.66 -1.70 0.40
CA LEU C 44 4.47 -0.82 0.42
C LEU C 44 3.99 -0.53 -1.01
N GLY C 45 4.92 -0.37 -1.93
CA GLY C 45 4.60 -0.14 -3.35
C GLY C 45 4.58 1.33 -3.73
N ASP C 46 4.15 1.59 -4.95
CA ASP C 46 4.07 2.94 -5.54
C ASP C 46 3.04 3.83 -4.85
N GLY C 47 2.11 3.21 -4.10
CA GLY C 47 1.11 3.97 -3.35
C GLY C 47 1.71 4.82 -2.25
N TYR C 48 2.96 4.50 -1.86
CA TYR C 48 3.64 5.16 -0.74
C TYR C 48 5.00 5.74 -1.13
N GLU C 49 5.41 6.75 -0.37
CA GLU C 49 6.66 7.48 -0.57
C GLU C 49 7.28 7.73 0.83
N LEU C 50 8.52 7.31 1.04
CA LEU C 50 9.16 7.48 2.36
C LEU C 50 10.09 8.68 2.49
N VAL C 51 10.16 9.23 3.70
CA VAL C 51 11.20 10.17 4.09
C VAL C 51 11.85 9.61 5.34
N VAL C 52 13.17 9.51 5.36
CA VAL C 52 13.86 8.79 6.43
C VAL C 52 14.88 9.66 7.15
N ASP C 53 14.82 9.68 8.48
CA ASP C 53 15.78 10.44 9.28
C ASP C 53 16.31 9.60 10.42
N GLY C 54 17.41 8.91 10.16
CA GLY C 54 18.09 8.10 11.16
C GLY C 54 19.42 8.67 11.56
N LEU C 55 19.58 8.95 12.84
CA LEU C 55 20.83 9.52 13.39
C LEU C 55 21.46 8.57 14.38
N SER C 56 22.67 8.10 14.08
CA SER C 56 23.44 7.30 15.02
C SER C 56 23.52 8.02 16.34
N GLY C 57 23.20 7.32 17.42
CA GLY C 57 23.33 7.85 18.78
C GLY C 57 22.12 8.53 19.37
N ARG C 58 21.07 8.70 18.56
CA ARG C 58 19.92 9.54 18.92
C ARG C 58 19.02 8.93 20.00
N THR C 59 18.58 9.78 20.93
CA THR C 59 17.69 9.39 22.02
C THR C 59 16.29 9.93 21.74
N THR C 60 15.32 9.52 22.56
CA THR C 60 13.98 10.07 22.49
C THR C 60 13.99 11.58 22.75
N ASN C 61 14.34 11.97 23.98
CA ASN C 61 14.15 13.34 24.43
C ASN C 61 15.13 13.82 25.51
N ILE C 62 16.34 13.25 25.55
CA ILE C 62 17.31 13.56 26.59
C ILE C 62 18.66 13.89 26.00
N ASP C 63 19.33 14.90 26.56
CA ASP C 63 20.67 15.28 26.11
C ASP C 63 21.70 14.21 26.45
N ASP C 64 22.57 13.94 25.47
CA ASP C 64 23.73 13.12 25.72
C ASP C 64 24.89 14.07 26.07
N PRO C 65 25.43 13.97 27.30
CA PRO C 65 26.50 14.91 27.65
C PRO C 65 27.75 14.78 26.76
N ASN C 66 27.87 13.68 26.01
CA ASN C 66 28.99 13.49 25.09
C ASN C 66 28.82 14.11 23.71
N ASP C 67 27.61 14.50 23.34
CA ASP C 67 27.33 15.02 22.00
C ASP C 67 26.01 15.78 21.99
N PRO C 68 26.07 17.09 21.74
CA PRO C 68 24.85 17.89 21.80
C PRO C 68 23.86 17.70 20.65
N LYS C 69 24.13 16.86 19.66
CA LYS C 69 23.17 16.70 18.55
C LYS C 69 22.27 15.46 18.61
N LEU C 70 22.26 14.76 19.74
CA LEU C 70 21.65 13.44 19.82
C LEU C 70 20.26 13.40 20.45
N ASN C 71 19.68 14.55 20.76
CA ASN C 71 18.37 14.59 21.37
C ASN C 71 17.28 14.67 20.31
N GLY C 72 16.56 13.58 20.12
CA GLY C 72 15.47 13.52 19.11
C GLY C 72 14.50 14.69 19.18
N ALA C 73 14.13 15.07 20.40
CA ALA C 73 13.12 16.11 20.62
C ALA C 73 13.63 17.52 20.30
N ASP C 74 14.95 17.72 20.32
CA ASP C 74 15.54 18.96 19.80
C ASP C 74 15.28 19.12 18.30
N TYR C 75 15.20 18.02 17.57
CA TYR C 75 15.17 17.99 16.09
C TYR C 75 13.77 17.83 15.49
N LEU C 76 12.92 17.08 16.20
CA LEU C 76 11.68 16.59 15.59
C LEU C 76 10.70 17.69 15.15
N PRO C 77 10.49 18.74 15.96
CA PRO C 77 9.59 19.79 15.55
C PRO C 77 9.92 20.35 14.17
N ALA C 78 11.21 20.66 13.96
CA ALA C 78 11.65 21.20 12.69
C ALA C 78 11.45 20.19 11.56
N ALA C 79 11.83 18.94 11.83
CA ALA C 79 11.74 17.88 10.83
C ALA C 79 10.30 17.70 10.34
N LEU C 80 9.37 17.67 11.28
CA LEU C 80 7.96 17.48 10.96
C LEU C 80 7.42 18.56 10.02
N ALA C 81 7.78 19.81 10.32
CA ALA C 81 7.33 20.97 9.56
C ALA C 81 7.98 21.03 8.18
N ALA C 82 9.19 20.49 8.11
CA ALA C 82 9.97 20.48 6.88
C ALA C 82 9.49 19.41 5.90
N HIS C 83 8.77 18.41 6.41
CA HIS C 83 8.27 17.33 5.57
C HIS C 83 6.74 17.26 5.49
N GLU C 84 6.05 18.21 6.12
CA GLU C 84 4.61 18.36 5.98
C GLU C 84 4.25 18.51 4.48
N PRO C 85 3.20 17.85 4.00
CA PRO C 85 2.28 17.03 4.79
C PRO C 85 2.63 15.56 4.79
N LEU C 86 2.38 14.91 5.93
CA LEU C 86 2.63 13.49 6.07
C LEU C 86 1.32 12.75 6.36
N ASP C 87 1.30 11.47 6.01
CA ASP C 87 0.20 10.58 6.33
C ASP C 87 0.49 9.70 7.52
N LEU C 88 1.78 9.51 7.84
CA LEU C 88 2.20 8.72 9.00
C LEU C 88 3.61 9.11 9.49
N VAL C 89 3.80 9.07 10.81
CA VAL C 89 5.11 9.23 11.41
C VAL C 89 5.45 7.95 12.16
N ILE C 90 6.57 7.34 11.81
CA ILE C 90 7.05 6.15 12.48
C ILE C 90 8.23 6.54 13.35
N ILE C 91 8.20 6.12 14.61
CA ILE C 91 9.28 6.43 15.54
C ILE C 91 9.83 5.11 16.02
N LEU C 92 11.10 4.87 15.73
CA LEU C 92 11.83 3.72 16.24
C LEU C 92 13.08 4.22 16.96
N LEU C 93 12.88 4.50 18.24
CA LEU C 93 13.90 5.02 19.14
C LEU C 93 13.75 4.37 20.49
N GLY C 94 14.81 4.47 21.29
CA GLY C 94 14.82 3.93 22.66
C GLY C 94 16.05 3.10 22.96
N THR C 95 16.75 2.63 21.92
CA THR C 95 17.91 1.78 22.13
C THR C 95 19.02 2.58 22.81
N ASN C 96 19.30 3.80 22.35
CA ASN C 96 20.34 4.62 23.01
C ASN C 96 19.94 5.11 24.40
N ASP C 97 18.65 5.22 24.65
CA ASP C 97 18.15 5.66 25.95
C ASP C 97 18.50 4.70 27.10
N THR C 98 18.84 3.45 26.75
CA THR C 98 19.21 2.44 27.74
C THR C 98 20.67 2.58 28.19
N LYS C 99 21.45 3.42 27.50
CA LYS C 99 22.84 3.67 27.87
C LYS C 99 22.93 4.05 29.33
N THR C 100 23.85 3.37 30.01
CA THR C 100 24.05 3.48 31.45
C THR C 100 24.12 4.91 31.96
N TYR C 101 24.96 5.71 31.34
CA TYR C 101 25.22 7.08 31.83
C TYR C 101 24.04 8.03 31.74
N LEU C 102 23.02 7.72 30.92
CA LEU C 102 21.81 8.54 30.87
C LEU C 102 20.86 8.24 32.03
N ASN C 103 21.08 7.12 32.70
CA ASN C 103 20.42 6.81 33.95
C ASN C 103 18.88 6.83 33.87
N ARG C 104 18.33 6.23 32.81
CA ARG C 104 16.88 6.25 32.60
C ARG C 104 16.20 4.94 32.98
N THR C 105 14.99 5.06 33.52
CA THR C 105 14.14 3.93 33.75
C THR C 105 13.32 3.72 32.47
N PRO C 106 12.73 2.53 32.29
CA PRO C 106 11.87 2.28 31.15
C PRO C 106 10.68 3.22 31.06
N PHE C 107 10.07 3.53 32.20
CA PHE C 107 8.93 4.47 32.22
C PHE C 107 9.40 5.85 31.75
N GLU C 108 10.59 6.26 32.18
CA GLU C 108 11.14 7.52 31.74
C GLU C 108 11.30 7.54 30.22
N ILE C 109 11.75 6.42 29.66
CA ILE C 109 11.99 6.32 28.23
C ILE C 109 10.66 6.35 27.48
N GLY C 110 9.65 5.70 28.03
CA GLY C 110 8.30 5.83 27.52
C GLY C 110 7.82 7.28 27.45
N LEU C 111 8.02 8.02 28.55
CA LEU C 111 7.68 9.44 28.59
C LEU C 111 8.39 10.22 27.48
N GLY C 112 9.64 9.83 27.21
CA GLY C 112 10.43 10.45 26.16
C GLY C 112 9.81 10.24 24.80
N ALA C 113 9.43 8.99 24.53
CA ALA C 113 8.72 8.67 23.30
C ALA C 113 7.41 9.43 23.26
N GLY C 114 6.73 9.51 24.40
CA GLY C 114 5.52 10.31 24.55
C GLY C 114 5.70 11.80 24.19
N ALA C 115 6.80 12.37 24.64
CA ALA C 115 7.16 13.74 24.29
C ALA C 115 7.20 13.94 22.79
N LEU C 116 7.75 12.94 22.09
CA LEU C 116 7.84 13.00 20.64
C LEU C 116 6.46 12.88 19.98
N ILE C 117 5.64 11.96 20.48
CA ILE C 117 4.28 11.80 19.97
C ILE C 117 3.53 13.12 20.10
N ASN C 118 3.66 13.75 21.27
CA ASN C 118 3.04 15.05 21.51
C ASN C 118 3.51 16.11 20.51
N MET C 119 4.80 16.14 20.20
CA MET C 119 5.32 17.08 19.20
C MET C 119 4.65 16.86 17.83
N VAL C 120 4.42 15.59 17.48
CA VAL C 120 3.75 15.26 16.23
C VAL C 120 2.29 15.72 16.27
N GLN C 121 1.62 15.56 17.41
CA GLN C 121 0.21 15.92 17.55
C GLN C 121 -0.01 17.42 17.50
N LYS C 122 0.96 18.19 17.99
CA LYS C 122 0.93 19.64 17.92
C LYS C 122 1.66 20.16 16.69
N SER C 123 1.95 19.27 15.74
CA SER C 123 2.80 19.54 14.58
C SER C 123 2.19 20.59 13.68
N PRO C 124 3.02 21.21 12.83
CA PRO C 124 3.49 22.59 12.71
C PRO C 124 2.88 23.45 13.78
N GLY C 125 3.59 24.41 14.34
CA GLY C 125 2.93 25.20 15.37
C GLY C 125 2.24 26.43 14.84
N TRP C 126 1.57 26.37 13.69
CA TRP C 126 1.28 27.60 12.95
C TRP C 126 0.11 27.67 11.97
N ASP C 127 -0.29 28.91 11.68
CA ASP C 127 -1.29 29.23 10.65
C ASP C 127 -0.74 29.27 9.22
N TRP C 128 0.57 29.10 9.04
CA TRP C 128 1.20 29.23 7.71
C TRP C 128 0.73 28.17 6.72
N THR C 129 0.38 27.00 7.23
CA THR C 129 -0.24 25.93 6.46
C THR C 129 -1.40 25.45 7.31
N ASP C 130 -2.40 24.80 6.71
CA ASP C 130 -3.26 23.99 7.57
C ASP C 130 -3.65 22.67 6.96
N TYR C 131 -2.70 21.74 7.09
CA TYR C 131 -2.92 20.32 6.95
C TYR C 131 -3.16 19.79 8.37
N PRO C 132 -3.83 18.65 8.50
CA PRO C 132 -3.96 18.08 9.84
C PRO C 132 -2.63 17.53 10.34
N PRO C 133 -2.53 17.21 11.63
CA PRO C 133 -1.33 16.48 12.06
C PRO C 133 -1.43 14.99 11.70
N PRO C 134 -0.31 14.33 11.43
CA PRO C 134 -0.42 12.92 11.03
C PRO C 134 -0.50 11.98 12.21
N PRO C 135 -1.09 10.78 12.01
CA PRO C 135 -1.05 9.77 13.06
C PRO C 135 0.37 9.26 13.30
N VAL C 136 0.58 8.52 14.39
CA VAL C 136 1.90 8.05 14.76
C VAL C 136 1.88 6.55 15.04
N LEU C 137 2.86 5.84 14.50
CA LEU C 137 3.12 4.46 14.85
C LEU C 137 4.43 4.42 15.64
N LEU C 138 4.31 4.18 16.94
CA LEU C 138 5.49 4.09 17.82
C LEU C 138 5.96 2.65 17.77
N ILE C 139 7.24 2.47 17.42
CA ILE C 139 7.83 1.14 17.34
C ILE C 139 8.88 0.97 18.44
N SER C 140 8.67 -0.03 19.27
CA SER C 140 9.64 -0.38 20.28
C SER C 140 10.71 -1.23 19.62
N PRO C 141 11.99 -0.97 19.91
CA PRO C 141 13.06 -1.80 19.36
C PRO C 141 13.14 -3.14 20.07
N PRO C 142 13.87 -4.08 19.47
CA PRO C 142 14.02 -5.36 20.12
C PRO C 142 14.99 -5.26 21.28
N PRO C 143 15.04 -6.31 22.12
CA PRO C 143 16.03 -6.29 23.17
C PRO C 143 17.42 -6.25 22.59
N LEU C 144 18.33 -5.63 23.35
CA LEU C 144 19.73 -5.64 23.02
C LEU C 144 20.24 -7.08 23.00
N GLY C 145 21.40 -7.25 22.37
CA GLY C 145 22.11 -8.52 22.40
C GLY C 145 22.54 -8.88 23.81
N GLU C 146 22.63 -10.17 24.10
CA GLU C 146 23.11 -10.63 25.40
C GLU C 146 24.60 -10.39 25.53
N THR C 147 25.29 -10.31 24.39
CA THR C 147 26.72 -10.05 24.36
C THR C 147 27.07 -8.84 23.49
N ILE C 148 27.54 -7.80 24.16
CA ILE C 148 27.86 -6.54 23.50
C ILE C 148 29.37 -6.40 23.35
N ASP C 149 29.81 -5.81 22.24
CA ASP C 149 31.22 -5.56 21.98
C ASP C 149 31.85 -5.00 23.26
N PRO C 150 32.95 -5.61 23.73
CA PRO C 150 33.60 -5.17 24.97
C PRO C 150 33.92 -3.69 25.07
N LEU C 151 34.19 -3.04 23.95
CA LEU C 151 34.42 -1.59 23.95
C LEU C 151 33.14 -0.81 24.33
N ALA C 152 31.97 -1.31 23.93
CA ALA C 152 30.70 -0.63 24.18
C ALA C 152 29.94 -1.13 25.42
N ALA C 153 30.25 -2.33 25.89
CA ALA C 153 29.54 -2.93 27.02
C ALA C 153 29.42 -2.05 28.27
N PRO C 154 30.49 -1.36 28.69
CA PRO C 154 30.42 -0.48 29.88
C PRO C 154 29.31 0.54 29.83
N ILE C 155 29.02 1.01 28.62
CA ILE C 155 28.00 2.03 28.34
C ILE C 155 26.57 1.43 28.27
N PHE C 156 26.44 0.10 28.21
CA PHE C 156 25.11 -0.57 28.17
C PHE C 156 24.83 -1.49 29.36
N VAL C 157 25.42 -1.19 30.51
CA VAL C 157 25.17 -1.96 31.73
C VAL C 157 23.72 -1.70 32.15
N ASP C 158 23.03 -2.74 32.59
CA ASP C 158 21.60 -2.73 32.85
C ASP C 158 20.72 -2.35 31.66
N GLY C 159 21.30 -2.26 30.46
CA GLY C 159 20.55 -1.80 29.29
C GLY C 159 19.61 -2.85 28.74
N LEU C 160 20.04 -4.12 28.81
CA LEU C 160 19.26 -5.23 28.30
C LEU C 160 17.88 -5.27 28.96
N ALA C 161 17.87 -5.23 30.28
CA ALA C 161 16.63 -5.33 31.03
C ALA C 161 15.70 -4.17 30.69
N LYS C 162 16.27 -2.99 30.56
CA LYS C 162 15.52 -1.80 30.15
C LYS C 162 14.91 -1.99 28.78
N SER C 163 15.69 -2.49 27.83
CA SER C 163 15.20 -2.70 26.47
C SER C 163 14.08 -3.75 26.42
N GLU C 164 14.13 -4.73 27.31
CA GLU C 164 13.08 -5.75 27.39
C GLU C 164 11.78 -5.15 27.89
N ALA C 165 11.88 -4.15 28.75
CA ALA C 165 10.70 -3.48 29.33
C ALA C 165 10.04 -2.43 28.43
N LEU C 166 10.65 -2.09 27.29
CA LEU C 166 10.15 -0.99 26.46
C LEU C 166 8.82 -1.31 25.76
N PRO C 167 8.67 -2.50 25.16
CA PRO C 167 7.40 -2.78 24.49
C PRO C 167 6.15 -2.50 25.36
N GLY C 168 6.15 -2.97 26.61
CA GLY C 168 5.01 -2.77 27.50
C GLY C 168 4.72 -1.31 27.74
N VAL C 169 5.77 -0.54 28.05
CA VAL C 169 5.67 0.88 28.34
C VAL C 169 5.24 1.65 27.09
N TYR C 170 5.93 1.40 25.99
CA TYR C 170 5.62 2.06 24.70
C TYR C 170 4.18 1.83 24.29
N LYS C 171 3.67 0.62 24.49
CA LYS C 171 2.29 0.33 24.16
C LYS C 171 1.31 1.19 24.97
N ALA C 172 1.55 1.30 26.28
CA ALA C 172 0.67 2.10 27.14
C ALA C 172 0.69 3.56 26.73
N ILE C 173 1.88 4.09 26.52
CA ILE C 173 2.07 5.48 26.14
C ILE C 173 1.40 5.79 24.79
N ALA C 174 1.57 4.89 23.83
CA ALA C 174 0.98 5.06 22.49
C ALA C 174 -0.54 5.07 22.59
N GLU C 175 -1.07 4.07 23.33
CA GLU C 175 -2.48 3.94 23.60
C GLU C 175 -3.01 5.21 24.31
N ALA C 176 -2.29 5.72 25.29
CA ALA C 176 -2.73 6.91 26.04
C ALA C 176 -2.82 8.12 25.13
N ALA C 177 -1.99 8.16 24.11
CA ALA C 177 -1.99 9.25 23.13
C ALA C 177 -3.00 9.05 22.01
N GLY C 178 -3.76 7.95 22.03
CA GLY C 178 -4.63 7.58 20.92
C GLY C 178 -3.91 7.31 19.59
N GLU C 179 -2.77 6.65 19.67
CA GLU C 179 -1.92 6.38 18.50
C GLU C 179 -1.59 4.88 18.43
N SER C 180 -0.77 4.45 17.48
CA SER C 180 -0.55 3.04 17.27
C SER C 180 0.81 2.56 17.78
N PHE C 181 0.93 1.25 17.96
CA PHE C 181 2.11 0.61 18.52
C PHE C 181 2.51 -0.65 17.75
N PHE C 182 3.82 -0.93 17.72
CA PHE C 182 4.32 -2.19 17.18
C PHE C 182 5.64 -2.54 17.84
N ASP C 183 5.78 -3.80 18.23
CA ASP C 183 7.00 -4.26 18.90
C ASP C 183 7.92 -4.95 17.89
N ALA C 184 9.01 -4.28 17.55
CA ALA C 184 9.97 -4.86 16.62
C ALA C 184 10.49 -6.22 17.14
N GLY C 185 10.54 -6.38 18.46
CA GLY C 185 10.94 -7.64 19.07
C GLY C 185 10.03 -8.82 18.79
N SER C 186 8.81 -8.56 18.30
CA SER C 186 7.88 -9.62 17.92
C SER C 186 8.26 -10.32 16.61
N VAL C 187 9.09 -9.68 15.79
CA VAL C 187 9.49 -10.25 14.49
C VAL C 187 10.99 -10.37 14.25
N VAL C 188 11.81 -9.69 15.06
CA VAL C 188 13.28 -9.76 14.95
C VAL C 188 13.98 -9.59 16.30
N SER C 189 15.27 -9.88 16.33
CA SER C 189 16.13 -9.55 17.47
C SER C 189 17.47 -9.01 17.01
N THR C 190 18.20 -8.46 17.98
CA THR C 190 19.47 -7.80 17.70
C THR C 190 20.53 -8.86 17.43
N ASP C 191 20.70 -9.17 16.15
CA ASP C 191 21.60 -10.24 15.71
C ASP C 191 22.95 -9.74 15.21
N GLY C 192 23.17 -8.43 15.22
CA GLY C 192 24.48 -7.93 14.82
C GLY C 192 25.59 -8.42 15.70
N VAL C 193 26.78 -8.56 15.12
CA VAL C 193 27.93 -9.10 15.87
C VAL C 193 28.29 -8.26 17.11
N ASP C 194 28.02 -6.95 17.08
CA ASP C 194 28.37 -6.05 18.20
C ASP C 194 27.31 -6.04 19.31
N GLY C 195 26.23 -6.79 19.14
CA GLY C 195 25.17 -6.89 20.14
C GLY C 195 24.21 -5.71 20.21
N ILE C 196 24.28 -4.81 19.22
CA ILE C 196 23.44 -3.60 19.21
C ILE C 196 22.70 -3.35 17.91
N HIS C 197 23.35 -3.59 16.78
CA HIS C 197 22.80 -3.25 15.46
C HIS C 197 22.35 -4.45 14.67
N PHE C 198 21.78 -4.20 13.48
CA PHE C 198 21.11 -5.24 12.71
C PHE C 198 21.89 -5.66 11.46
N THR C 199 21.75 -6.92 11.12
CA THR C 199 22.23 -7.44 9.83
C THR C 199 21.22 -7.06 8.76
N ALA C 200 21.61 -7.24 7.49
CA ALA C 200 20.72 -6.99 6.37
C ALA C 200 19.53 -7.95 6.38
N GLU C 201 19.75 -9.17 6.84
CA GLU C 201 18.67 -10.16 6.94
C GLU C 201 17.60 -9.67 7.93
N THR C 202 18.03 -9.12 9.06
CA THR C 202 17.10 -8.61 10.08
C THR C 202 16.36 -7.37 9.58
N ASN C 203 17.08 -6.51 8.86
CA ASN C 203 16.46 -5.34 8.24
C ASN C 203 15.31 -5.75 7.33
N ARG C 204 15.57 -6.74 6.48
CA ARG C 204 14.56 -7.25 5.54
C ARG C 204 13.31 -7.74 6.24
N THR C 205 13.49 -8.53 7.28
CA THR C 205 12.34 -9.05 8.03
C THR C 205 11.53 -7.89 8.61
N LEU C 206 12.22 -6.93 9.24
CA LEU C 206 11.56 -5.80 9.90
C LEU C 206 10.82 -4.91 8.90
N GLY C 207 11.48 -4.61 7.79
CA GLY C 207 10.88 -3.79 6.74
C GLY C 207 9.57 -4.37 6.24
N ALA C 208 9.57 -5.68 6.01
CA ALA C 208 8.41 -6.38 5.47
C ALA C 208 7.29 -6.43 6.49
N ALA C 209 7.65 -6.68 7.76
CA ALA C 209 6.67 -6.74 8.84
C ALA C 209 6.05 -5.39 9.09
N VAL C 210 6.86 -4.34 9.12
CA VAL C 210 6.36 -2.98 9.37
C VAL C 210 5.44 -2.51 8.24
N ALA C 211 5.76 -2.91 7.00
CA ALA C 211 4.92 -2.58 5.85
C ALA C 211 3.50 -3.13 5.98
N GLN C 212 3.35 -4.34 6.51
CA GLN C 212 2.03 -4.94 6.77
C GLN C 212 1.26 -4.05 7.75
N LYS C 213 1.94 -3.68 8.84
CA LYS C 213 1.35 -2.86 9.86
C LYS C 213 0.90 -1.50 9.31
N VAL C 214 1.75 -0.88 8.51
CA VAL C 214 1.45 0.43 7.93
C VAL C 214 0.17 0.38 7.08
N LYS C 215 0.08 -0.61 6.19
CA LYS C 215 -1.11 -0.77 5.32
C LYS C 215 -2.41 -0.92 6.12
N THR C 216 -2.34 -1.67 7.22
CA THR C 216 -3.44 -1.76 8.16
C THR C 216 -3.93 -0.38 8.64
N LEU C 217 -2.99 0.53 8.91
CA LEU C 217 -3.32 1.86 9.42
C LEU C 217 -3.81 2.83 8.34
N LEU C 218 -3.25 2.76 7.14
CA LEU C 218 -3.56 3.77 6.11
C LEU C 218 -4.55 3.34 5.00
N GLN C 219 -4.77 2.03 4.80
CA GLN C 219 -5.38 1.49 3.53
C GLN C 219 -4.83 2.19 2.28
N ASP D 2 2.05 -12.40 28.47
CA ASP D 2 2.26 -12.80 27.01
C ASP D 2 0.97 -13.29 26.35
N LYS D 3 0.42 -12.47 25.48
CA LYS D 3 -1.00 -12.58 25.07
C LYS D 3 -1.31 -13.95 24.49
N ILE D 4 -2.39 -14.57 24.97
CA ILE D 4 -2.82 -15.89 24.47
C ILE D 4 -3.53 -15.67 23.13
N LYS D 5 -3.17 -16.44 22.12
CA LYS D 5 -3.76 -16.32 20.78
C LYS D 5 -5.04 -17.11 20.59
N ARG D 6 -6.08 -16.43 20.12
CA ARG D 6 -7.41 -17.05 20.04
C ARG D 6 -7.72 -17.53 18.61
N VAL D 7 -8.02 -18.82 18.47
CA VAL D 7 -8.34 -19.41 17.17
C VAL D 7 -9.76 -19.98 17.13
N PHE D 8 -10.57 -19.47 16.19
CA PHE D 8 -11.96 -19.90 16.05
C PHE D 8 -12.06 -20.88 14.90
N VAL D 9 -12.63 -22.05 15.16
CA VAL D 9 -12.80 -23.09 14.15
C VAL D 9 -14.27 -23.24 13.79
N PHE D 10 -14.58 -23.05 12.51
CA PHE D 10 -15.95 -23.02 12.03
C PHE D 10 -16.09 -24.13 11.02
N GLY D 11 -16.88 -25.15 11.34
CA GLY D 11 -17.03 -26.27 10.43
C GLY D 11 -18.35 -27.01 10.52
N ASP D 12 -18.33 -28.24 10.04
CA ASP D 12 -19.53 -29.06 9.95
C ASP D 12 -19.37 -30.24 10.91
N LEU D 14 -17.72 -32.89 10.72
CA LEU D 14 -16.31 -33.29 10.83
C LEU D 14 -15.65 -32.59 12.02
N THR D 15 -16.08 -31.36 12.29
CA THR D 15 -15.55 -30.52 13.35
C THR D 15 -16.35 -30.67 14.67
N TRP D 16 -17.63 -30.99 14.57
CA TRP D 16 -18.45 -31.39 15.73
C TRP D 16 -17.88 -32.64 16.37
N GLY D 17 -17.57 -33.62 15.52
CA GLY D 17 -17.05 -34.90 15.96
C GLY D 17 -17.97 -36.07 15.67
N TRP D 18 -18.43 -36.19 14.43
CA TRP D 18 -19.29 -37.29 14.03
C TRP D 18 -18.50 -38.59 14.06
N THR D 19 -18.98 -39.54 14.85
CA THR D 19 -18.39 -40.88 14.91
C THR D 19 -18.98 -41.71 13.78
N PRO D 20 -18.16 -42.15 12.80
CA PRO D 20 -18.68 -42.97 11.70
C PRO D 20 -19.15 -44.35 12.20
N VAL D 21 -20.35 -44.75 11.76
CA VAL D 21 -20.98 -45.97 12.26
C VAL D 21 -21.87 -46.62 11.20
N ALA D 22 -22.31 -47.85 11.50
CA ALA D 22 -23.21 -48.58 10.64
C ALA D 22 -24.39 -49.09 11.48
N PRO D 23 -25.62 -48.75 11.12
CA PRO D 23 -25.92 -47.87 9.97
C PRO D 23 -25.47 -46.41 10.24
N ILE D 24 -25.38 -45.63 9.16
CA ILE D 24 -24.82 -44.26 9.20
C ILE D 24 -25.36 -43.37 10.32
N VAL D 25 -26.65 -43.50 10.61
CA VAL D 25 -27.33 -42.80 11.72
C VAL D 25 -28.13 -43.81 12.57
N PRO D 26 -28.31 -43.55 13.86
CA PRO D 26 -27.79 -42.39 14.57
C PRO D 26 -26.33 -42.55 14.98
N THR D 27 -25.65 -41.43 15.19
CA THR D 27 -24.26 -41.40 15.67
C THR D 27 -24.20 -40.84 17.08
N THR D 28 -23.01 -40.89 17.65
CA THR D 28 -22.72 -40.22 18.91
C THR D 28 -21.43 -39.42 18.69
N ARG D 29 -21.22 -38.41 19.52
CA ARG D 29 -20.11 -37.50 19.37
C ARG D 29 -18.80 -38.15 19.78
N HIS D 30 -17.78 -38.03 18.94
CA HIS D 30 -16.44 -38.47 19.34
C HIS D 30 -16.14 -37.94 20.75
N PRO D 31 -15.57 -38.77 21.62
CA PRO D 31 -15.05 -38.23 22.89
C PRO D 31 -14.13 -37.04 22.62
N HIS D 32 -14.15 -36.05 23.50
CA HIS D 32 -13.35 -34.83 23.34
C HIS D 32 -11.89 -35.16 23.01
N ALA D 33 -11.32 -36.16 23.69
CA ALA D 33 -9.92 -36.53 23.47
C ALA D 33 -9.61 -36.92 22.01
N ASP D 34 -10.63 -37.41 21.28
CA ASP D 34 -10.47 -37.87 19.90
C ASP D 34 -10.85 -36.87 18.80
N ARG D 35 -11.26 -35.66 19.17
CA ARG D 35 -11.70 -34.66 18.17
C ARG D 35 -10.52 -33.93 17.54
N TRP D 36 -10.60 -33.69 16.23
CA TRP D 36 -9.45 -33.09 15.52
C TRP D 36 -9.07 -31.73 16.10
N THR D 37 -10.08 -30.93 16.44
CA THR D 37 -9.88 -29.64 17.09
C THR D 37 -9.16 -29.76 18.44
N THR D 38 -9.45 -30.82 19.18
CA THR D 38 -8.77 -31.02 20.47
C THR D 38 -7.29 -31.31 20.27
N VAL D 39 -6.98 -32.18 19.31
CA VAL D 39 -5.59 -32.48 19.00
C VAL D 39 -4.90 -31.25 18.45
N LEU D 40 -5.57 -30.51 17.59
CA LEU D 40 -5.08 -29.18 17.17
C LEU D 40 -4.69 -28.31 18.36
N GLY D 41 -5.54 -28.29 19.38
CA GLY D 41 -5.29 -27.50 20.59
C GLY D 41 -4.08 -27.97 21.36
N GLU D 42 -3.96 -29.29 21.51
CA GLU D 42 -2.84 -29.91 22.24
C GLU D 42 -1.51 -29.67 21.56
N ASN D 43 -1.48 -29.80 20.25
CA ASN D 43 -0.26 -29.56 19.48
C ASN D 43 0.14 -28.11 19.36
N LEU D 44 -0.80 -27.20 19.63
CA LEU D 44 -0.49 -25.75 19.62
C LEU D 44 0.15 -25.28 20.92
N GLY D 45 -0.31 -25.87 22.04
CA GLY D 45 0.22 -25.53 23.36
C GLY D 45 -0.54 -24.44 24.07
N ASP D 46 -0.01 -24.04 25.22
CA ASP D 46 -0.62 -22.99 26.08
C ASP D 46 -0.61 -21.61 25.44
N GLY D 47 0.20 -21.42 24.40
CA GLY D 47 0.21 -20.16 23.66
C GLY D 47 -1.11 -19.85 22.96
N TYR D 48 -1.93 -20.90 22.77
CA TYR D 48 -3.19 -20.80 22.04
C TYR D 48 -4.39 -21.30 22.82
N GLU D 49 -5.55 -20.78 22.42
CA GLU D 49 -6.83 -21.06 23.05
C GLU D 49 -7.87 -21.18 21.92
N LEU D 50 -8.57 -22.32 21.85
CA LEU D 50 -9.52 -22.55 20.76
C LEU D 50 -10.99 -22.25 21.12
N VAL D 51 -11.74 -21.80 20.12
CA VAL D 51 -13.20 -21.76 20.19
C VAL D 51 -13.71 -22.55 18.98
N VAL D 52 -14.62 -23.48 19.21
CA VAL D 52 -15.01 -24.41 18.17
C VAL D 52 -16.50 -24.39 17.89
N ASP D 53 -16.87 -24.26 16.63
CA ASP D 53 -18.28 -24.30 16.24
C ASP D 53 -18.49 -25.23 15.06
N GLY D 54 -18.78 -26.48 15.35
CA GLY D 54 -19.05 -27.49 14.33
C GLY D 54 -20.49 -27.95 14.36
N LEU D 55 -21.18 -27.76 13.24
CA LEU D 55 -22.60 -28.13 13.11
C LEU D 55 -22.78 -29.20 12.05
N SER D 56 -23.26 -30.37 12.46
CA SER D 56 -23.61 -31.44 11.52
C SER D 56 -24.52 -30.87 10.44
N GLY D 57 -24.17 -31.13 9.19
CA GLY D 57 -25.02 -30.74 8.06
C GLY D 57 -24.75 -29.39 7.43
N ARG D 58 -23.84 -28.62 8.02
CA ARG D 58 -23.63 -27.21 7.66
C ARG D 58 -22.94 -27.00 6.30
N THR D 59 -23.45 -26.03 5.56
CA THR D 59 -22.91 -25.65 4.26
C THR D 59 -22.13 -24.34 4.38
N THR D 60 -21.44 -23.98 3.30
CA THR D 60 -20.78 -22.69 3.23
C THR D 60 -21.80 -21.55 3.35
N ASN D 61 -22.67 -21.44 2.34
CA ASN D 61 -23.51 -20.24 2.21
C ASN D 61 -24.85 -20.47 1.51
N ILE D 62 -25.38 -21.69 1.58
CA ILE D 62 -26.59 -22.05 0.84
C ILE D 62 -27.61 -22.73 1.77
N ASP D 63 -28.88 -22.37 1.61
CA ASP D 63 -29.97 -22.96 2.39
C ASP D 63 -30.19 -24.41 2.04
N ASP D 64 -30.36 -25.25 3.06
CA ASP D 64 -30.75 -26.63 2.85
C ASP D 64 -32.28 -26.67 2.99
N PRO D 65 -32.99 -27.04 1.91
CA PRO D 65 -34.46 -27.02 2.02
C PRO D 65 -35.00 -27.99 3.09
N ASN D 66 -34.17 -28.93 3.55
CA ASN D 66 -34.57 -29.88 4.59
C ASN D 66 -34.40 -29.39 6.02
N ASP D 67 -33.65 -28.32 6.23
CA ASP D 67 -33.34 -27.83 7.57
C ASP D 67 -32.84 -26.38 7.51
N PRO D 68 -33.62 -25.45 8.08
CA PRO D 68 -33.25 -24.06 7.95
C PRO D 68 -32.04 -23.59 8.77
N LYS D 69 -31.42 -24.45 9.59
CA LYS D 69 -30.29 -24.00 10.42
C LYS D 69 -28.89 -24.35 9.91
N LEU D 70 -28.80 -24.82 8.66
CA LEU D 70 -27.56 -25.38 8.14
C LEU D 70 -26.72 -24.45 7.26
N ASN D 71 -27.13 -23.19 7.13
CA ASN D 71 -26.41 -22.27 6.30
C ASN D 71 -25.34 -21.53 7.10
N GLY D 72 -24.08 -21.88 6.87
CA GLY D 72 -22.96 -21.26 7.58
C GLY D 72 -22.99 -19.75 7.61
N ALA D 73 -23.33 -19.15 6.47
CA ALA D 73 -23.32 -17.70 6.31
C ALA D 73 -24.46 -17.00 7.05
N ASP D 74 -25.54 -17.72 7.34
CA ASP D 74 -26.58 -17.19 8.24
C ASP D 74 -26.04 -16.97 9.64
N TYR D 75 -25.08 -17.78 10.06
CA TYR D 75 -24.61 -17.86 11.46
C TYR D 75 -23.30 -17.08 11.70
N LEU D 76 -22.43 -17.05 10.70
CA LEU D 76 -21.04 -16.64 10.91
C LEU D 76 -20.88 -15.19 11.40
N PRO D 77 -21.63 -14.22 10.83
CA PRO D 77 -21.46 -12.86 11.32
C PRO D 77 -21.67 -12.74 12.83
N ALA D 78 -22.72 -13.36 13.34
CA ALA D 78 -23.00 -13.35 14.77
C ALA D 78 -21.90 -14.06 15.56
N ALA D 79 -21.48 -15.21 15.08
CA ALA D 79 -20.46 -16.00 15.75
C ALA D 79 -19.15 -15.20 15.90
N LEU D 80 -18.74 -14.53 14.82
CA LEU D 80 -17.52 -13.75 14.82
C LEU D 80 -17.51 -12.66 15.87
N ALA D 81 -18.64 -11.95 15.97
CA ALA D 81 -18.81 -10.84 16.90
C ALA D 81 -18.90 -11.30 18.34
N ALA D 82 -19.41 -12.53 18.50
CA ALA D 82 -19.60 -13.13 19.80
C ALA D 82 -18.29 -13.65 20.39
N HIS D 83 -17.30 -13.89 19.53
CA HIS D 83 -16.00 -14.40 19.97
C HIS D 83 -14.84 -13.44 19.74
N GLU D 84 -15.14 -12.24 19.25
CA GLU D 84 -14.13 -11.18 19.14
C GLU D 84 -13.50 -10.92 20.53
N PRO D 85 -12.18 -10.75 20.62
CA PRO D 85 -11.27 -10.69 19.46
C PRO D 85 -10.60 -12.02 19.15
N LEU D 86 -10.39 -12.29 17.87
CA LEU D 86 -9.72 -13.50 17.43
C LEU D 86 -8.42 -13.19 16.71
N ASP D 87 -7.50 -14.14 16.74
CA ASP D 87 -6.24 -14.06 16.03
C ASP D 87 -6.25 -14.86 14.72
N LEU D 88 -7.15 -15.84 14.63
CA LEU D 88 -7.37 -16.60 13.40
C LEU D 88 -8.76 -17.22 13.30
N VAL D 89 -9.28 -17.30 12.08
CA VAL D 89 -10.51 -18.04 11.82
C VAL D 89 -10.19 -19.17 10.85
N ILE D 90 -10.51 -20.40 11.25
CA ILE D 90 -10.32 -21.57 10.42
C ILE D 90 -11.67 -22.02 9.94
N ILE D 91 -11.79 -22.24 8.64
CA ILE D 91 -13.04 -22.70 8.04
C ILE D 91 -12.75 -24.02 7.37
N LEU D 92 -13.43 -25.07 7.83
CA LEU D 92 -13.40 -26.38 7.22
C LEU D 92 -14.84 -26.78 6.92
N LEU D 93 -15.26 -26.38 5.72
CA LEU D 93 -16.60 -26.61 5.19
C LEU D 93 -16.50 -26.94 3.72
N GLY D 94 -17.59 -27.51 3.19
CA GLY D 94 -17.67 -27.85 1.77
C GLY D 94 -18.14 -29.28 1.51
N THR D 95 -18.04 -30.13 2.53
CA THR D 95 -18.42 -31.53 2.36
C THR D 95 -19.92 -31.66 2.11
N ASN D 96 -20.74 -30.97 2.90
CA ASN D 96 -22.19 -30.99 2.68
C ASN D 96 -22.63 -30.27 1.39
N ASP D 97 -21.83 -29.32 0.94
CA ASP D 97 -22.15 -28.58 -0.29
C ASP D 97 -22.16 -29.47 -1.54
N THR D 98 -21.54 -30.66 -1.46
CA THR D 98 -21.51 -31.60 -2.57
C THR D 98 -22.79 -32.43 -2.69
N LYS D 99 -23.66 -32.34 -1.68
CA LYS D 99 -24.94 -33.05 -1.70
C LYS D 99 -25.70 -32.74 -2.98
N THR D 100 -26.16 -33.80 -3.61
CA THR D 100 -26.81 -33.78 -4.91
C THR D 100 -27.89 -32.70 -5.02
N TYR D 101 -28.83 -32.69 -4.07
CA TYR D 101 -29.98 -31.81 -4.14
C TYR D 101 -29.66 -30.30 -4.03
N LEU D 102 -28.48 -29.93 -3.56
CA LEU D 102 -28.08 -28.52 -3.54
C LEU D 102 -27.56 -28.05 -4.91
N ASN D 103 -27.25 -29.01 -5.77
CA ASN D 103 -26.96 -28.73 -7.16
C ASN D 103 -25.82 -27.69 -7.38
N ARG D 104 -24.73 -27.84 -6.63
CA ARG D 104 -23.62 -26.89 -6.71
C ARG D 104 -22.45 -27.41 -7.51
N THR D 105 -21.80 -26.49 -8.23
CA THR D 105 -20.55 -26.79 -8.91
C THR D 105 -19.45 -26.49 -7.90
N PRO D 106 -18.24 -27.02 -8.14
CA PRO D 106 -17.10 -26.71 -7.26
C PRO D 106 -16.78 -25.23 -7.19
N PHE D 107 -16.86 -24.52 -8.33
CA PHE D 107 -16.63 -23.08 -8.36
C PHE D 107 -17.65 -22.36 -7.49
N GLU D 108 -18.90 -22.80 -7.58
CA GLU D 108 -19.95 -22.23 -6.73
C GLU D 108 -19.62 -22.40 -5.25
N ILE D 109 -19.08 -23.56 -4.90
CA ILE D 109 -18.78 -23.87 -3.51
C ILE D 109 -17.61 -23.02 -3.06
N GLY D 110 -16.63 -22.82 -3.93
CA GLY D 110 -15.57 -21.87 -3.67
C GLY D 110 -16.09 -20.46 -3.37
N LEU D 111 -17.01 -19.99 -4.19
CA LEU D 111 -17.63 -18.68 -3.97
C LEU D 111 -18.33 -18.62 -2.60
N GLY D 112 -18.92 -19.74 -2.19
CA GLY D 112 -19.56 -19.85 -0.89
C GLY D 112 -18.56 -19.69 0.23
N ALA D 113 -17.44 -20.39 0.12
CA ALA D 113 -16.34 -20.22 1.07
C ALA D 113 -15.84 -18.81 1.03
N GLY D 114 -15.75 -18.23 -0.17
CA GLY D 114 -15.41 -16.82 -0.34
C GLY D 114 -16.35 -15.86 0.39
N ALA D 115 -17.64 -16.12 0.32
CA ALA D 115 -18.64 -15.36 1.06
C ALA D 115 -18.33 -15.33 2.54
N LEU D 116 -17.88 -16.47 3.06
CA LEU D 116 -17.54 -16.57 4.48
C LEU D 116 -16.28 -15.79 4.79
N ILE D 117 -15.27 -15.89 3.93
CA ILE D 117 -14.03 -15.12 4.10
C ILE D 117 -14.36 -13.63 4.16
N ASN D 118 -15.20 -13.18 3.23
CA ASN D 118 -15.65 -11.80 3.19
C ASN D 118 -16.32 -11.38 4.50
N MET D 119 -17.19 -12.23 5.06
CA MET D 119 -17.82 -11.91 6.33
C MET D 119 -16.80 -11.70 7.44
N VAL D 120 -15.75 -12.52 7.44
CA VAL D 120 -14.67 -12.38 8.41
C VAL D 120 -13.90 -11.07 8.20
N GLN D 121 -13.66 -10.71 6.93
CA GLN D 121 -12.90 -9.50 6.62
C GLN D 121 -13.65 -8.22 6.96
N LYS D 122 -14.98 -8.26 6.88
CA LYS D 122 -15.80 -7.15 7.31
C LYS D 122 -16.29 -7.32 8.74
N SER D 123 -15.65 -8.22 9.49
CA SER D 123 -16.08 -8.63 10.83
C SER D 123 -16.06 -7.48 11.82
N PRO D 124 -16.81 -7.64 12.92
CA PRO D 124 -17.99 -6.93 13.45
C PRO D 124 -18.42 -5.86 12.51
N GLY D 125 -19.70 -5.62 12.34
CA GLY D 125 -20.06 -4.52 11.45
C GLY D 125 -20.22 -3.19 12.17
N TRP D 126 -19.34 -2.85 13.11
CA TRP D 126 -19.68 -1.77 14.04
C TRP D 126 -18.57 -0.98 14.74
N ASP D 127 -18.97 0.19 15.25
CA ASP D 127 -18.14 1.06 16.08
C ASP D 127 -18.12 0.66 17.57
N TRP D 128 -18.88 -0.35 17.97
CA TRP D 128 -18.98 -0.72 19.39
C TRP D 128 -17.67 -1.22 19.99
N THR D 129 -16.85 -1.84 19.13
CA THR D 129 -15.50 -2.27 19.48
C THR D 129 -14.63 -1.79 18.34
N ASP D 130 -13.32 -1.67 18.55
CA ASP D 130 -12.43 -1.67 17.41
C ASP D 130 -11.16 -2.48 17.65
N TYR D 131 -11.35 -3.78 17.47
CA TYR D 131 -10.26 -4.72 17.26
C TYR D 131 -10.15 -4.91 15.76
N PRO D 132 -8.97 -5.31 15.26
CA PRO D 132 -8.91 -5.60 13.82
C PRO D 132 -9.68 -6.87 13.47
N PRO D 133 -9.98 -7.08 12.19
CA PRO D 133 -10.56 -8.37 11.82
C PRO D 133 -9.45 -9.44 11.72
N PRO D 134 -9.76 -10.70 12.02
CA PRO D 134 -8.69 -11.69 12.00
C PRO D 134 -8.41 -12.24 10.61
N PRO D 135 -7.18 -12.75 10.39
CA PRO D 135 -6.90 -13.48 9.15
C PRO D 135 -7.68 -14.79 9.08
N VAL D 136 -7.69 -15.43 7.90
CA VAL D 136 -8.47 -16.65 7.70
C VAL D 136 -7.61 -17.74 7.08
N LEU D 137 -7.73 -18.95 7.62
CA LEU D 137 -7.16 -20.14 7.01
C LEU D 137 -8.33 -21.00 6.50
N LEU D 138 -8.49 -21.03 5.18
CA LEU D 138 -9.53 -21.84 4.55
C LEU D 138 -8.99 -23.24 4.35
N ILE D 139 -9.69 -24.23 4.89
CA ILE D 139 -9.27 -25.62 4.77
C ILE D 139 -10.25 -26.38 3.88
N SER D 140 -9.74 -26.96 2.81
CA SER D 140 -10.53 -27.80 1.96
C SER D 140 -10.57 -29.20 2.59
N PRO D 141 -11.75 -29.84 2.61
CA PRO D 141 -11.84 -31.19 3.14
C PRO D 141 -11.30 -32.21 2.14
N PRO D 142 -11.06 -33.43 2.61
CA PRO D 142 -10.58 -34.46 1.70
C PRO D 142 -11.71 -34.96 0.82
N PRO D 143 -11.37 -35.75 -0.21
CA PRO D 143 -12.42 -36.33 -1.01
C PRO D 143 -13.28 -37.25 -0.17
N LEU D 144 -14.54 -37.34 -0.58
CA LEU D 144 -15.47 -38.29 0.00
C LEU D 144 -14.97 -39.70 -0.23
N GLY D 145 -15.53 -40.62 0.55
CA GLY D 145 -15.29 -42.03 0.35
C GLY D 145 -15.84 -42.50 -0.99
N GLU D 146 -15.20 -43.54 -1.53
CA GLU D 146 -15.68 -44.15 -2.76
C GLU D 146 -16.94 -44.93 -2.52
N THR D 147 -17.13 -45.39 -1.28
CA THR D 147 -18.33 -46.14 -0.90
C THR D 147 -19.06 -45.50 0.28
N ILE D 148 -20.24 -45.00 -0.02
CA ILE D 148 -21.04 -44.27 0.96
C ILE D 148 -22.20 -45.13 1.44
N ASP D 149 -22.50 -45.05 2.72
CA ASP D 149 -23.60 -45.81 3.31
C ASP D 149 -24.82 -45.69 2.38
N PRO D 150 -25.41 -46.84 1.99
CA PRO D 150 -26.56 -46.85 1.08
C PRO D 150 -27.71 -45.92 1.43
N LEU D 151 -27.94 -45.67 2.72
CA LEU D 151 -28.95 -44.70 3.14
C LEU D 151 -28.63 -43.27 2.67
N ALA D 152 -27.34 -42.91 2.66
CA ALA D 152 -26.89 -41.57 2.31
C ALA D 152 -26.44 -41.42 0.85
N ALA D 153 -26.11 -42.50 0.18
CA ALA D 153 -25.59 -42.44 -1.18
C ALA D 153 -26.42 -41.64 -2.19
N PRO D 154 -27.76 -41.80 -2.19
CA PRO D 154 -28.59 -41.03 -3.14
C PRO D 154 -28.41 -39.52 -3.05
N ILE D 155 -28.11 -39.05 -1.84
CA ILE D 155 -27.90 -37.64 -1.54
C ILE D 155 -26.47 -37.14 -1.88
N PHE D 156 -25.54 -38.07 -2.19
CA PHE D 156 -24.16 -37.71 -2.56
C PHE D 156 -23.75 -38.14 -3.97
N VAL D 157 -24.73 -38.21 -4.88
CA VAL D 157 -24.43 -38.56 -6.26
C VAL D 157 -23.63 -37.41 -6.89
N ASP D 158 -22.60 -37.76 -7.66
CA ASP D 158 -21.63 -36.81 -8.20
C ASP D 158 -20.89 -35.98 -7.15
N GLY D 159 -21.00 -36.37 -5.88
CA GLY D 159 -20.37 -35.61 -4.81
C GLY D 159 -18.86 -35.80 -4.74
N LEU D 160 -18.41 -37.01 -5.04
CA LEU D 160 -17.01 -37.36 -4.96
C LEU D 160 -16.19 -36.45 -5.88
N ALA D 161 -16.64 -36.33 -7.13
CA ALA D 161 -15.88 -35.56 -8.11
C ALA D 161 -15.83 -34.09 -7.69
N LYS D 162 -16.93 -33.58 -7.16
CA LYS D 162 -16.98 -32.22 -6.63
C LYS D 162 -15.99 -32.03 -5.50
N SER D 163 -15.96 -32.98 -4.57
CA SER D 163 -15.06 -32.89 -3.42
C SER D 163 -13.59 -32.94 -3.85
N GLU D 164 -13.29 -33.66 -4.93
CA GLU D 164 -11.92 -33.72 -5.45
C GLU D 164 -11.49 -32.39 -6.02
N ALA D 165 -12.45 -31.64 -6.58
CA ALA D 165 -12.17 -30.34 -7.19
C ALA D 165 -12.06 -29.16 -6.22
N LEU D 166 -12.38 -29.36 -4.94
CA LEU D 166 -12.42 -28.26 -3.98
C LEU D 166 -11.04 -27.66 -3.65
N PRO D 167 -10.01 -28.48 -3.39
CA PRO D 167 -8.72 -27.89 -3.07
C PRO D 167 -8.24 -26.81 -4.06
N GLY D 168 -8.32 -27.08 -5.35
CA GLY D 168 -7.87 -26.13 -6.36
C GLY D 168 -8.65 -24.83 -6.31
N VAL D 169 -9.99 -24.94 -6.24
CA VAL D 169 -10.86 -23.78 -6.18
C VAL D 169 -10.65 -22.99 -4.89
N TYR D 170 -10.68 -23.71 -3.76
CA TYR D 170 -10.48 -23.08 -2.43
C TYR D 170 -9.16 -22.32 -2.37
N LYS D 171 -8.10 -22.88 -2.95
CA LYS D 171 -6.82 -22.20 -2.95
C LYS D 171 -6.87 -20.88 -3.71
N ALA D 172 -7.51 -20.88 -4.89
CA ALA D 172 -7.61 -19.65 -5.69
C ALA D 172 -8.39 -18.59 -4.95
N ILE D 173 -9.53 -18.99 -4.40
CA ILE D 173 -10.41 -18.09 -3.67
C ILE D 173 -9.71 -17.49 -2.45
N ALA D 174 -9.00 -18.33 -1.70
CA ALA D 174 -8.27 -17.88 -0.52
C ALA D 174 -7.20 -16.89 -0.90
N GLU D 175 -6.43 -17.25 -1.92
CA GLU D 175 -5.38 -16.41 -2.49
C GLU D 175 -5.97 -15.08 -2.95
N ALA D 176 -7.11 -15.11 -3.64
CA ALA D 176 -7.76 -13.89 -4.15
C ALA D 176 -8.14 -12.96 -3.04
N ALA D 177 -8.48 -13.52 -1.88
CA ALA D 177 -8.86 -12.75 -0.71
C ALA D 177 -7.66 -12.29 0.12
N GLY D 178 -6.45 -12.62 -0.31
CA GLY D 178 -5.25 -12.38 0.50
C GLY D 178 -5.20 -13.12 1.82
N GLU D 179 -5.66 -14.38 1.82
CA GLU D 179 -5.76 -15.19 3.03
C GLU D 179 -5.07 -16.54 2.80
N SER D 180 -5.12 -17.45 3.76
CA SER D 180 -4.35 -18.68 3.66
C SER D 180 -5.19 -19.90 3.33
N PHE D 181 -4.51 -20.94 2.86
CA PHE D 181 -5.15 -22.18 2.41
C PHE D 181 -4.44 -23.42 2.92
N PHE D 182 -5.19 -24.50 3.14
CA PHE D 182 -4.61 -25.81 3.44
C PHE D 182 -5.55 -26.92 3.00
N ASP D 183 -4.99 -27.93 2.35
CA ASP D 183 -5.79 -29.04 1.84
C ASP D 183 -5.74 -30.21 2.80
N ALA D 184 -6.83 -30.46 3.50
CA ALA D 184 -6.88 -31.58 4.42
C ALA D 184 -6.58 -32.90 3.70
N GLY D 185 -6.93 -32.99 2.42
CA GLY D 185 -6.63 -34.15 1.60
C GLY D 185 -5.17 -34.45 1.39
N SER D 186 -4.29 -33.50 1.68
CA SER D 186 -2.85 -33.70 1.57
C SER D 186 -2.28 -34.58 2.70
N VAL D 187 -3.01 -34.69 3.81
CA VAL D 187 -2.53 -35.46 4.97
C VAL D 187 -3.48 -36.54 5.49
N VAL D 188 -4.75 -36.52 5.05
CA VAL D 188 -5.75 -37.53 5.44
C VAL D 188 -6.79 -37.77 4.35
N SER D 189 -7.58 -38.83 4.52
CA SER D 189 -8.74 -39.09 3.67
C SER D 189 -9.93 -39.59 4.47
N THR D 190 -11.08 -39.62 3.82
CA THR D 190 -12.33 -39.98 4.48
C THR D 190 -12.32 -41.51 4.66
N ASP D 191 -11.88 -41.92 5.85
CA ASP D 191 -11.72 -43.32 6.18
C ASP D 191 -12.87 -43.88 7.03
N GLY D 192 -13.85 -43.06 7.37
CA GLY D 192 -14.97 -43.56 8.16
C GLY D 192 -15.74 -44.64 7.42
N VAL D 193 -16.32 -45.56 8.17
CA VAL D 193 -17.09 -46.66 7.58
C VAL D 193 -18.25 -46.19 6.70
N ASP D 194 -18.83 -45.03 6.99
CA ASP D 194 -20.00 -44.54 6.22
C ASP D 194 -19.60 -43.78 4.95
N GLY D 195 -18.30 -43.63 4.71
CA GLY D 195 -17.80 -42.95 3.51
C GLY D 195 -17.86 -41.43 3.54
N ILE D 196 -18.16 -40.85 4.71
CA ILE D 196 -18.28 -39.41 4.85
C ILE D 196 -17.46 -38.80 6.00
N HIS D 197 -17.44 -39.48 7.15
CA HIS D 197 -16.84 -38.92 8.37
C HIS D 197 -15.53 -39.58 8.75
N PHE D 198 -14.92 -39.07 9.83
CA PHE D 198 -13.54 -39.42 10.17
C PHE D 198 -13.45 -40.31 11.41
N THR D 199 -12.46 -41.19 11.40
CA THR D 199 -12.09 -41.96 12.59
C THR D 199 -11.25 -41.08 13.50
N ALA D 200 -11.03 -41.54 14.72
CA ALA D 200 -10.18 -40.82 15.66
C ALA D 200 -8.74 -40.75 15.19
N GLU D 201 -8.29 -41.78 14.49
CA GLU D 201 -6.93 -41.79 13.94
C GLU D 201 -6.78 -40.65 12.92
N THR D 202 -7.78 -40.46 12.06
CA THR D 202 -7.75 -39.40 11.04
C THR D 202 -7.83 -38.02 11.68
N ASN D 203 -8.65 -37.89 12.71
CA ASN D 203 -8.72 -36.64 13.46
C ASN D 203 -7.36 -36.24 14.00
N ARG D 204 -6.68 -37.20 14.62
CA ARG D 204 -5.35 -36.98 15.21
C ARG D 204 -4.35 -36.46 14.18
N THR D 205 -4.31 -37.10 13.01
CA THR D 205 -3.39 -36.68 11.97
C THR D 205 -3.68 -35.24 11.55
N LEU D 206 -4.96 -34.95 11.31
CA LEU D 206 -5.40 -33.64 10.84
C LEU D 206 -5.09 -32.55 11.86
N GLY D 207 -5.41 -32.82 13.12
CA GLY D 207 -5.17 -31.88 14.19
C GLY D 207 -3.71 -31.46 14.27
N ALA D 208 -2.83 -32.46 14.18
CA ALA D 208 -1.40 -32.22 14.29
C ALA D 208 -0.86 -31.45 13.08
N ALA D 209 -1.35 -31.80 11.89
CA ALA D 209 -0.93 -31.14 10.65
C ALA D 209 -1.39 -29.69 10.63
N VAL D 210 -2.65 -29.46 11.00
CA VAL D 210 -3.21 -28.11 10.97
C VAL D 210 -2.51 -27.20 12.00
N ALA D 211 -2.11 -27.76 13.14
CA ALA D 211 -1.38 -27.02 14.15
C ALA D 211 -0.06 -26.45 13.62
N GLN D 212 0.65 -27.20 12.79
CA GLN D 212 1.88 -26.70 12.16
C GLN D 212 1.58 -25.51 11.30
N LYS D 213 0.54 -25.65 10.49
CA LYS D 213 0.13 -24.58 9.59
C LYS D 213 -0.24 -23.31 10.36
N VAL D 214 -1.01 -23.46 11.43
CA VAL D 214 -1.44 -22.32 12.24
C VAL D 214 -0.23 -21.54 12.80
N LYS D 215 0.73 -22.26 13.39
CA LYS D 215 1.92 -21.62 13.94
C LYS D 215 2.72 -20.82 12.92
N THR D 216 2.81 -21.35 11.70
CA THR D 216 3.39 -20.62 10.58
C THR D 216 2.73 -19.25 10.39
N LEU D 217 1.41 -19.18 10.53
CA LEU D 217 0.68 -17.93 10.32
C LEU D 217 0.75 -16.96 11.50
N LEU D 218 0.72 -17.46 12.72
CA LEU D 218 0.59 -16.59 13.89
C LEU D 218 1.87 -16.37 14.71
N GLN D 219 2.92 -17.12 14.42
CA GLN D 219 4.21 -16.83 15.01
C GLN D 219 5.13 -16.22 13.94
N PRO D 220 5.34 -14.88 14.04
CA PRO D 220 5.94 -14.17 12.91
C PRO D 220 7.40 -14.48 12.65
N LYS D 221 8.17 -14.76 13.71
CA LYS D 221 9.53 -15.32 13.56
C LYS D 221 9.57 -16.56 12.66
N LEU D 222 8.57 -17.43 12.80
CA LEU D 222 8.45 -18.60 11.94
C LEU D 222 7.95 -18.20 10.57
N ALA D 223 6.94 -17.35 10.51
CA ALA D 223 6.45 -16.84 9.22
C ALA D 223 7.61 -16.26 8.41
N ALA D 224 8.42 -15.43 9.07
CA ALA D 224 9.62 -14.84 8.47
C ALA D 224 10.54 -15.89 7.86
N ALA D 225 10.97 -16.85 8.68
CA ALA D 225 11.80 -17.97 8.25
C ALA D 225 11.31 -18.70 6.99
N LEU D 226 9.99 -18.82 6.83
CA LEU D 226 9.44 -19.47 5.62
C LEU D 226 9.72 -18.71 4.30
N GLU D 227 9.75 -17.38 4.34
CA GLU D 227 10.19 -16.60 3.16
C GLU D 227 11.66 -16.83 2.76
N HIS D 228 12.55 -17.09 3.74
CA HIS D 228 13.99 -17.35 3.44
C HIS D 228 14.19 -17.76 1.97
N ASP E 2 -21.08 -20.90 -42.86
CA ASP E 2 -20.26 -20.54 -41.64
C ASP E 2 -21.07 -19.89 -40.52
N LYS E 3 -21.28 -20.64 -39.45
CA LYS E 3 -22.15 -20.26 -38.34
C LYS E 3 -21.81 -18.85 -37.80
N ILE E 4 -22.84 -18.01 -37.64
CA ILE E 4 -22.65 -16.67 -37.11
C ILE E 4 -22.51 -16.78 -35.59
N LYS E 5 -21.47 -16.15 -35.03
CA LYS E 5 -21.16 -16.25 -33.60
C LYS E 5 -21.90 -15.22 -32.76
N ARG E 6 -22.59 -15.68 -31.73
CA ARG E 6 -23.46 -14.81 -30.94
C ARG E 6 -22.79 -14.35 -29.63
N VAL E 7 -22.67 -13.04 -29.43
CA VAL E 7 -22.05 -12.49 -28.23
C VAL E 7 -23.04 -11.65 -27.41
N PHE E 8 -23.26 -12.02 -26.15
CA PHE E 8 -24.15 -11.30 -25.26
C PHE E 8 -23.35 -10.39 -24.35
N VAL E 9 -23.70 -9.12 -24.33
CA VAL E 9 -23.00 -8.13 -23.49
C VAL E 9 -23.90 -7.67 -22.35
N PHE E 10 -23.45 -7.87 -21.13
CA PHE E 10 -24.25 -7.65 -19.94
C PHE E 10 -23.54 -6.60 -19.10
N GLY E 11 -24.13 -5.42 -18.98
CA GLY E 11 -23.48 -4.33 -18.27
C GLY E 11 -24.41 -3.32 -17.62
N ASP E 12 -23.86 -2.16 -17.33
CA ASP E 12 -24.57 -1.11 -16.62
C ASP E 12 -24.77 0.07 -17.58
N LEU E 14 -22.79 2.29 -18.58
CA LEU E 14 -21.67 2.37 -19.52
C LEU E 14 -21.96 1.62 -20.81
N THR E 15 -22.71 0.53 -20.68
CA THR E 15 -23.07 -0.35 -21.80
C THR E 15 -24.43 0.05 -22.42
N TRP E 16 -25.32 0.64 -21.63
CA TRP E 16 -26.55 1.25 -22.14
C TRP E 16 -26.21 2.40 -23.08
N GLY E 17 -25.26 3.23 -22.66
CA GLY E 17 -24.85 4.40 -23.42
C GLY E 17 -25.15 5.72 -22.74
N TRP E 18 -24.76 5.86 -21.47
CA TRP E 18 -24.97 7.09 -20.73
C TRP E 18 -24.12 8.20 -21.31
N THR E 19 -24.76 9.27 -21.75
CA THR E 19 -24.05 10.46 -22.23
C THR E 19 -23.69 11.34 -21.03
N PRO E 20 -22.38 11.52 -20.75
CA PRO E 20 -21.99 12.36 -19.61
C PRO E 20 -22.35 13.82 -19.83
N VAL E 21 -22.93 14.46 -18.81
CA VAL E 21 -23.45 15.82 -18.94
C VAL E 21 -23.39 16.56 -17.61
N ALA E 22 -23.66 17.87 -17.68
CA ALA E 22 -23.71 18.71 -16.48
C ALA E 22 -24.99 19.53 -16.52
N PRO E 23 -25.83 19.44 -15.47
CA PRO E 23 -25.63 18.55 -14.34
C PRO E 23 -25.74 17.06 -14.73
N ILE E 24 -25.22 16.20 -13.86
CA ILE E 24 -25.10 14.74 -14.12
C ILE E 24 -26.36 14.09 -14.67
N VAL E 25 -27.52 14.51 -14.16
CA VAL E 25 -28.84 14.05 -14.65
C VAL E 25 -29.74 15.25 -14.98
N PRO E 26 -30.70 15.13 -15.89
CA PRO E 26 -30.95 13.90 -16.66
C PRO E 26 -30.02 13.76 -17.85
N THR E 27 -29.84 12.52 -18.30
CA THR E 27 -29.02 12.22 -19.48
C THR E 27 -29.92 11.74 -20.62
N THR E 28 -29.29 11.60 -21.79
CA THR E 28 -29.92 10.96 -22.92
C THR E 28 -28.95 9.91 -23.43
N ARG E 29 -29.48 8.93 -24.16
CA ARG E 29 -28.70 7.78 -24.59
C ARG E 29 -27.78 8.16 -25.73
N HIS E 30 -26.51 7.78 -25.63
CA HIS E 30 -25.59 7.96 -26.77
C HIS E 30 -26.30 7.43 -28.03
N PRO E 31 -26.19 8.16 -29.14
CA PRO E 31 -26.66 7.59 -30.40
C PRO E 31 -26.02 6.23 -30.64
N HIS E 32 -26.76 5.32 -31.25
CA HIS E 32 -26.29 3.97 -31.51
C HIS E 32 -24.87 3.93 -32.11
N ALA E 33 -24.62 4.82 -33.07
CA ALA E 33 -23.32 4.91 -33.73
C ALA E 33 -22.14 5.12 -32.76
N ASP E 34 -22.41 5.75 -31.62
CA ASP E 34 -21.37 6.11 -30.63
C ASP E 34 -21.25 5.15 -29.44
N ARG E 35 -22.03 4.07 -29.41
CA ARG E 35 -22.00 3.14 -28.26
C ARG E 35 -20.85 2.14 -28.38
N TRP E 36 -20.18 1.83 -27.26
CA TRP E 36 -18.99 0.97 -27.31
C TRP E 36 -19.32 -0.40 -27.90
N THR E 37 -20.48 -0.94 -27.53
CA THR E 37 -20.97 -2.21 -28.05
C THR E 37 -21.17 -2.16 -29.57
N THR E 38 -21.62 -1.03 -30.09
CA THR E 38 -21.80 -0.90 -31.52
C THR E 38 -20.48 -0.95 -32.27
N VAL E 39 -19.49 -0.23 -31.75
CA VAL E 39 -18.17 -0.22 -32.37
C VAL E 39 -17.56 -1.61 -32.25
N LEU E 40 -17.72 -2.25 -31.08
CA LEU E 40 -17.36 -3.65 -30.93
C LEU E 40 -17.94 -4.53 -32.06
N GLY E 41 -19.22 -4.31 -32.36
CA GLY E 41 -19.91 -5.09 -33.39
C GLY E 41 -19.36 -4.85 -34.78
N GLU E 42 -19.08 -3.59 -35.08
CA GLU E 42 -18.54 -3.18 -36.39
C GLU E 42 -17.15 -3.70 -36.63
N ASN E 43 -16.30 -3.64 -35.61
CA ASN E 43 -14.94 -4.17 -35.73
C ASN E 43 -14.88 -5.69 -35.79
N LEU E 44 -15.93 -6.37 -35.35
CA LEU E 44 -15.97 -7.85 -35.39
C LEU E 44 -16.37 -8.35 -36.76
N GLY E 45 -17.27 -7.64 -37.42
CA GLY E 45 -17.72 -7.98 -38.78
C GLY E 45 -18.96 -8.83 -38.84
N ASP E 46 -19.32 -9.25 -40.04
CA ASP E 46 -20.48 -10.12 -40.28
C ASP E 46 -20.37 -11.51 -39.65
N GLY E 47 -19.15 -11.91 -39.28
CA GLY E 47 -18.95 -13.19 -38.59
C GLY E 47 -19.63 -13.25 -37.22
N TYR E 48 -19.95 -12.08 -36.67
CA TYR E 48 -20.49 -11.94 -35.32
C TYR E 48 -21.80 -11.15 -35.26
N GLU E 49 -22.57 -11.43 -34.22
CA GLU E 49 -23.89 -10.83 -34.00
C GLU E 49 -24.02 -10.55 -32.49
N LEU E 50 -24.28 -9.30 -32.11
CA LEU E 50 -24.37 -8.94 -30.68
C LEU E 50 -25.79 -8.89 -30.13
N VAL E 51 -25.92 -9.22 -28.85
CA VAL E 51 -27.12 -8.92 -28.06
C VAL E 51 -26.65 -8.14 -26.85
N VAL E 52 -27.27 -6.99 -26.58
CA VAL E 52 -26.76 -6.09 -25.56
C VAL E 52 -27.78 -5.79 -24.48
N ASP E 53 -27.38 -5.92 -23.22
CA ASP E 53 -28.25 -5.60 -22.10
C ASP E 53 -27.53 -4.76 -21.08
N GLY E 54 -27.64 -3.44 -21.26
CA GLY E 54 -27.05 -2.47 -20.35
C GLY E 54 -28.13 -1.72 -19.56
N LEU E 55 -28.06 -1.81 -18.23
CA LEU E 55 -29.02 -1.16 -17.33
C LEU E 55 -28.33 -0.13 -16.46
N SER E 56 -28.71 1.14 -16.61
CA SER E 56 -28.22 2.18 -15.72
C SER E 56 -28.44 1.76 -14.28
N GLY E 57 -27.39 1.84 -13.47
CA GLY E 57 -27.48 1.59 -12.03
C GLY E 57 -27.18 0.17 -11.58
N ARG E 58 -26.97 -0.73 -12.54
CA ARG E 58 -26.90 -2.17 -12.26
C ARG E 58 -25.61 -2.61 -11.54
N THR E 59 -25.79 -3.49 -10.56
CA THR E 59 -24.69 -4.05 -9.79
C THR E 59 -24.43 -5.48 -10.23
N THR E 60 -23.35 -6.07 -9.72
CA THR E 60 -23.07 -7.48 -9.95
C THR E 60 -24.18 -8.34 -9.38
N ASN E 61 -24.31 -8.33 -8.05
CA ASN E 61 -25.17 -9.31 -7.35
C ASN E 61 -25.76 -8.82 -6.03
N ILE E 62 -25.95 -7.51 -5.88
CA ILE E 62 -26.42 -6.94 -4.61
C ILE E 62 -27.60 -6.01 -4.84
N ASP E 63 -28.60 -6.10 -3.94
CA ASP E 63 -29.77 -5.21 -4.00
C ASP E 63 -29.43 -3.76 -3.70
N ASP E 64 -29.96 -2.86 -4.50
CA ASP E 64 -29.86 -1.44 -4.22
C ASP E 64 -31.13 -1.04 -3.45
N PRO E 65 -30.98 -0.59 -2.19
CA PRO E 65 -32.19 -0.26 -1.44
C PRO E 65 -33.02 0.88 -2.07
N ASN E 66 -32.43 1.63 -2.99
CA ASN E 66 -33.13 2.71 -3.68
C ASN E 66 -33.93 2.29 -4.91
N ASP E 67 -33.71 1.07 -5.41
CA ASP E 67 -34.36 0.62 -6.65
C ASP E 67 -34.27 -0.91 -6.77
N PRO E 68 -35.43 -1.58 -6.72
CA PRO E 68 -35.39 -3.04 -6.73
C PRO E 68 -35.03 -3.70 -8.06
N LYS E 69 -34.79 -2.96 -9.13
CA LYS E 69 -34.47 -3.60 -10.44
C LYS E 69 -32.99 -3.65 -10.81
N LEU E 70 -32.09 -3.30 -9.89
CA LEU E 70 -30.68 -3.06 -10.23
C LEU E 70 -29.71 -4.19 -9.94
N ASN E 71 -30.22 -5.34 -9.51
CA ASN E 71 -29.35 -6.46 -9.16
C ASN E 71 -29.14 -7.34 -10.37
N GLY E 72 -27.93 -7.30 -10.95
CA GLY E 72 -27.60 -8.11 -12.13
C GLY E 72 -27.97 -9.57 -12.01
N ALA E 73 -27.71 -10.15 -10.85
CA ALA E 73 -27.91 -11.58 -10.62
C ALA E 73 -29.39 -11.96 -10.50
N ASP E 74 -30.25 -11.01 -10.16
CA ASP E 74 -31.70 -11.24 -10.26
C ASP E 74 -32.15 -11.48 -11.70
N TYR E 75 -31.47 -10.86 -12.65
CA TYR E 75 -31.87 -10.79 -14.07
C TYR E 75 -31.16 -11.80 -14.97
N LEU E 76 -29.91 -12.09 -14.65
CA LEU E 76 -29.03 -12.78 -15.59
C LEU E 76 -29.49 -14.18 -16.00
N PRO E 77 -29.96 -15.01 -15.03
CA PRO E 77 -30.41 -16.35 -15.43
C PRO E 77 -31.48 -16.30 -16.52
N ALA E 78 -32.46 -15.42 -16.37
CA ALA E 78 -33.51 -15.27 -17.38
C ALA E 78 -32.94 -14.78 -18.71
N ALA E 79 -32.07 -13.79 -18.65
CA ALA E 79 -31.49 -13.21 -19.84
C ALA E 79 -30.72 -14.26 -20.65
N LEU E 80 -29.92 -15.06 -19.96
CA LEU E 80 -29.11 -16.10 -20.60
C LEU E 80 -29.97 -17.10 -21.36
N ALA E 81 -31.07 -17.53 -20.74
CA ALA E 81 -31.99 -18.52 -21.32
C ALA E 81 -32.77 -17.95 -22.47
N ALA E 82 -33.00 -16.65 -22.41
CA ALA E 82 -33.77 -15.93 -23.42
C ALA E 82 -32.94 -15.68 -24.69
N HIS E 83 -31.62 -15.73 -24.57
CA HIS E 83 -30.73 -15.50 -25.70
C HIS E 83 -29.89 -16.71 -26.10
N GLU E 84 -30.12 -17.86 -25.42
CA GLU E 84 -29.47 -19.11 -25.82
C GLU E 84 -29.83 -19.45 -27.27
N PRO E 85 -28.88 -19.91 -28.08
CA PRO E 85 -27.51 -20.22 -27.68
C PRO E 85 -26.53 -19.08 -27.95
N LEU E 86 -25.55 -18.96 -27.07
CA LEU E 86 -24.51 -17.94 -27.21
C LEU E 86 -23.15 -18.57 -27.37
N ASP E 87 -22.24 -17.83 -28.00
CA ASP E 87 -20.84 -18.23 -28.15
C ASP E 87 -19.93 -17.52 -27.16
N LEU E 88 -20.39 -16.38 -26.62
CA LEU E 88 -19.67 -15.65 -25.58
C LEU E 88 -20.58 -14.76 -24.72
N VAL E 89 -20.24 -14.63 -23.44
CA VAL E 89 -20.90 -13.68 -22.55
C VAL E 89 -19.85 -12.70 -22.05
N ILE E 90 -20.07 -11.41 -22.30
CA ILE E 90 -19.19 -10.36 -21.83
C ILE E 90 -19.88 -9.66 -20.68
N ILE E 91 -19.17 -9.50 -19.57
CA ILE E 91 -19.71 -8.83 -18.39
C ILE E 91 -18.83 -7.64 -18.11
N LEU E 92 -19.42 -6.45 -18.16
CA LEU E 92 -18.76 -5.22 -17.78
C LEU E 92 -19.62 -4.54 -16.72
N LEU E 93 -19.35 -4.92 -15.47
CA LEU E 93 -20.05 -4.44 -14.28
C LEU E 93 -19.06 -4.27 -13.14
N GLY E 94 -19.47 -3.50 -12.13
CA GLY E 94 -18.63 -3.22 -10.98
C GLY E 94 -18.55 -1.75 -10.60
N THR E 95 -18.89 -0.88 -11.54
CA THR E 95 -18.79 0.56 -11.30
C THR E 95 -19.81 0.99 -10.23
N ASN E 96 -21.06 0.54 -10.34
CA ASN E 96 -22.05 0.86 -9.33
C ASN E 96 -21.81 0.20 -7.98
N ASP E 97 -21.11 -0.94 -7.99
CA ASP E 97 -20.80 -1.65 -6.75
C ASP E 97 -19.89 -0.87 -5.80
N THR E 98 -19.20 0.15 -6.32
CA THR E 98 -18.32 1.00 -5.51
C THR E 98 -19.09 2.09 -4.74
N LYS E 99 -20.38 2.25 -5.05
CA LYS E 99 -21.22 3.21 -4.34
C LYS E 99 -21.14 2.98 -2.84
N THR E 100 -20.92 4.08 -2.13
CA THR E 100 -20.72 4.10 -0.69
C THR E 100 -21.75 3.28 0.08
N TYR E 101 -23.02 3.53 -0.16
CA TYR E 101 -24.09 2.93 0.63
C TYR E 101 -24.22 1.41 0.48
N LEU E 102 -23.64 0.82 -0.57
CA LEU E 102 -23.64 -0.63 -0.71
C LEU E 102 -22.55 -1.30 0.14
N ASN E 103 -21.59 -0.49 0.59
CA ASN E 103 -20.62 -0.92 1.60
C ASN E 103 -19.83 -2.18 1.21
N ARG E 104 -19.37 -2.24 -0.04
CA ARG E 104 -18.65 -3.40 -0.55
C ARG E 104 -17.15 -3.18 -0.61
N THR E 105 -16.40 -4.24 -0.31
CA THR E 105 -14.98 -4.27 -0.52
C THR E 105 -14.74 -4.76 -1.95
N PRO E 106 -13.54 -4.54 -2.49
CA PRO E 106 -13.21 -5.05 -3.82
C PRO E 106 -13.34 -6.56 -3.94
N PHE E 107 -12.92 -7.30 -2.90
CA PHE E 107 -13.06 -8.77 -2.91
C PHE E 107 -14.53 -9.15 -2.97
N GLU E 108 -15.36 -8.43 -2.25
CA GLU E 108 -16.81 -8.68 -2.28
C GLU E 108 -17.34 -8.49 -3.70
N ILE E 109 -16.85 -7.47 -4.38
CA ILE E 109 -17.32 -7.15 -5.72
C ILE E 109 -16.85 -8.23 -6.69
N GLY E 110 -15.63 -8.70 -6.51
CA GLY E 110 -15.15 -9.86 -7.25
C GLY E 110 -16.04 -11.08 -7.09
N LEU E 111 -16.43 -11.39 -5.84
CA LEU E 111 -17.34 -12.49 -5.58
C LEU E 111 -18.66 -12.32 -6.32
N GLY E 112 -19.11 -11.06 -6.41
CA GLY E 112 -20.34 -10.74 -7.12
C GLY E 112 -20.23 -11.06 -8.58
N ALA E 113 -19.12 -10.62 -9.18
CA ALA E 113 -18.85 -10.96 -10.58
C ALA E 113 -18.74 -12.46 -10.72
N GLY E 114 -18.11 -13.12 -9.75
CA GLY E 114 -18.04 -14.58 -9.71
C GLY E 114 -19.39 -15.27 -9.69
N ALA E 115 -20.32 -14.74 -8.90
CA ALA E 115 -21.69 -15.24 -8.87
C ALA E 115 -22.31 -15.22 -10.26
N LEU E 116 -22.02 -14.16 -11.01
CA LEU E 116 -22.56 -14.06 -12.37
C LEU E 116 -21.91 -15.07 -13.31
N ILE E 117 -20.60 -15.24 -13.21
CA ILE E 117 -19.89 -16.24 -14.00
C ILE E 117 -20.48 -17.63 -13.76
N ASN E 118 -20.69 -17.94 -12.48
CA ASN E 118 -21.32 -19.20 -12.10
C ASN E 118 -22.71 -19.38 -12.72
N MET E 119 -23.52 -18.31 -12.74
CA MET E 119 -24.83 -18.40 -13.41
C MET E 119 -24.71 -18.74 -14.88
N VAL E 120 -23.71 -18.18 -15.55
CA VAL E 120 -23.45 -18.49 -16.96
C VAL E 120 -23.02 -19.95 -17.11
N GLN E 121 -22.19 -20.45 -16.19
CA GLN E 121 -21.68 -21.82 -16.28
C GLN E 121 -22.77 -22.86 -16.04
N LYS E 122 -23.74 -22.53 -15.20
CA LYS E 122 -24.89 -23.38 -14.95
C LYS E 122 -26.07 -22.99 -15.84
N SER E 123 -25.79 -22.24 -16.91
CA SER E 123 -26.81 -21.64 -17.77
C SER E 123 -27.64 -22.69 -18.47
N PRO E 124 -28.84 -22.27 -18.96
CA PRO E 124 -30.23 -22.64 -18.64
C PRO E 124 -30.26 -23.64 -17.52
N GLY E 125 -31.22 -23.57 -16.63
CA GLY E 125 -31.25 -24.59 -15.60
C GLY E 125 -32.06 -25.83 -15.96
N TRP E 126 -31.95 -26.34 -17.19
CA TRP E 126 -32.96 -27.29 -17.68
C TRP E 126 -32.61 -28.27 -18.80
N ASP E 127 -33.42 -29.31 -18.89
CA ASP E 127 -33.38 -30.31 -19.98
C ASP E 127 -34.15 -29.88 -21.23
N TRP E 128 -34.81 -28.73 -21.22
CA TRP E 128 -35.64 -28.29 -22.35
C TRP E 128 -34.84 -28.05 -23.63
N THR E 129 -33.60 -27.63 -23.47
CA THR E 129 -32.63 -27.48 -24.55
C THR E 129 -31.37 -28.16 -24.06
N ASP E 130 -30.50 -28.60 -24.96
CA ASP E 130 -29.14 -28.84 -24.51
C ASP E 130 -28.10 -28.37 -25.52
N TYR E 131 -27.87 -27.07 -25.44
CA TYR E 131 -26.69 -26.42 -25.94
C TYR E 131 -25.71 -26.33 -24.78
N PRO E 132 -24.41 -26.27 -25.07
CA PRO E 132 -23.46 -26.08 -23.98
C PRO E 132 -23.57 -24.67 -23.38
N PRO E 133 -22.97 -24.47 -22.20
CA PRO E 133 -22.91 -23.09 -21.72
C PRO E 133 -21.79 -22.31 -22.41
N PRO E 134 -21.95 -21.00 -22.58
CA PRO E 134 -20.90 -20.28 -23.30
C PRO E 134 -19.75 -19.87 -22.40
N PRO E 135 -18.56 -19.64 -22.96
CA PRO E 135 -17.47 -19.06 -22.17
C PRO E 135 -17.77 -17.62 -21.75
N VAL E 136 -16.99 -17.08 -20.81
CA VAL E 136 -17.23 -15.74 -20.27
C VAL E 136 -15.96 -14.91 -20.33
N LEU E 137 -16.10 -13.69 -20.81
CA LEU E 137 -15.05 -12.68 -20.72
C LEU E 137 -15.49 -11.62 -19.70
N LEU E 138 -14.86 -11.65 -18.53
CA LEU E 138 -15.15 -10.67 -17.49
C LEU E 138 -14.29 -9.45 -17.75
N ILE E 139 -14.94 -8.28 -17.86
CA ILE E 139 -14.24 -7.03 -18.11
C ILE E 139 -14.34 -6.15 -16.86
N SER E 140 -13.20 -5.77 -16.32
CA SER E 140 -13.15 -4.84 -15.24
C SER E 140 -13.24 -3.43 -15.82
N PRO E 141 -14.05 -2.55 -15.21
CA PRO E 141 -14.14 -1.18 -15.70
C PRO E 141 -12.92 -0.36 -15.28
N PRO E 142 -12.76 0.80 -15.89
CA PRO E 142 -11.63 1.63 -15.51
C PRO E 142 -11.90 2.30 -14.18
N PRO E 143 -10.86 2.92 -13.59
CA PRO E 143 -11.11 3.66 -12.37
C PRO E 143 -12.07 4.79 -12.62
N LEU E 144 -12.82 5.13 -11.59
CA LEU E 144 -13.68 6.29 -11.61
C LEU E 144 -12.85 7.55 -11.84
N GLY E 145 -13.52 8.62 -12.23
CA GLY E 145 -12.91 9.93 -12.34
C GLY E 145 -12.48 10.43 -10.99
N GLU E 146 -11.42 11.26 -10.96
CA GLU E 146 -10.97 11.86 -9.71
C GLU E 146 -11.94 12.92 -9.25
N THR E 147 -12.71 13.47 -10.18
CA THR E 147 -13.71 14.49 -9.86
C THR E 147 -15.12 14.11 -10.32
N ILE E 148 -15.98 13.84 -9.34
CA ILE E 148 -17.32 13.37 -9.63
C ILE E 148 -18.33 14.50 -9.41
N ASP E 149 -19.35 14.56 -10.27
CA ASP E 149 -20.38 15.59 -10.17
C ASP E 149 -20.81 15.69 -8.71
N PRO E 150 -20.80 16.91 -8.14
CA PRO E 150 -21.15 17.14 -6.74
C PRO E 150 -22.48 16.53 -6.29
N LEU E 151 -23.46 16.40 -7.17
CA LEU E 151 -24.71 15.70 -6.83
C LEU E 151 -24.46 14.21 -6.51
N ALA E 152 -23.54 13.57 -7.22
CA ALA E 152 -23.26 12.15 -7.08
C ALA E 152 -22.08 11.82 -6.14
N ALA E 153 -21.20 12.78 -5.90
CA ALA E 153 -20.01 12.53 -5.09
C ALA E 153 -20.25 11.86 -3.71
N PRO E 154 -21.28 12.32 -2.95
CA PRO E 154 -21.54 11.70 -1.64
C PRO E 154 -21.77 10.19 -1.70
N ILE E 155 -22.34 9.73 -2.82
CA ILE E 155 -22.66 8.33 -3.07
C ILE E 155 -21.44 7.52 -3.58
N PHE E 156 -20.33 8.19 -3.93
CA PHE E 156 -19.10 7.51 -4.39
C PHE E 156 -17.88 7.76 -3.49
N VAL E 157 -18.11 7.97 -2.21
CA VAL E 157 -17.01 8.15 -1.25
C VAL E 157 -16.28 6.81 -1.14
N ASP E 158 -14.95 6.87 -1.10
CA ASP E 158 -14.08 5.68 -1.16
C ASP E 158 -14.28 4.81 -2.41
N GLY E 159 -15.01 5.30 -3.41
CA GLY E 159 -15.29 4.51 -4.60
C GLY E 159 -14.10 4.35 -5.53
N LEU E 160 -13.31 5.41 -5.65
CA LEU E 160 -12.18 5.44 -6.56
C LEU E 160 -11.20 4.32 -6.22
N ALA E 161 -10.84 4.23 -4.95
CA ALA E 161 -9.84 3.26 -4.52
C ALA E 161 -10.36 1.83 -4.78
N LYS E 162 -11.66 1.62 -4.52
CA LYS E 162 -12.28 0.34 -4.81
C LYS E 162 -12.21 0.00 -6.29
N SER E 163 -12.51 0.98 -7.14
CA SER E 163 -12.49 0.76 -8.59
C SER E 163 -11.08 0.45 -9.09
N GLU E 164 -10.07 1.04 -8.44
CA GLU E 164 -8.68 0.77 -8.83
C GLU E 164 -8.29 -0.67 -8.50
N ALA E 165 -8.87 -1.22 -7.44
CA ALA E 165 -8.58 -2.58 -7.01
C ALA E 165 -9.30 -3.71 -7.79
N LEU E 166 -10.25 -3.36 -8.65
CA LEU E 166 -11.08 -4.37 -9.32
C LEU E 166 -10.34 -5.21 -10.35
N PRO E 167 -9.51 -4.62 -11.22
CA PRO E 167 -8.80 -5.46 -12.18
C PRO E 167 -8.08 -6.68 -11.57
N GLY E 168 -7.34 -6.47 -10.49
CA GLY E 168 -6.62 -7.57 -9.83
C GLY E 168 -7.55 -8.66 -9.34
N VAL E 169 -8.62 -8.25 -8.65
CA VAL E 169 -9.61 -9.19 -8.10
C VAL E 169 -10.35 -9.91 -9.21
N TYR E 170 -10.86 -9.15 -10.17
CA TYR E 170 -11.58 -9.71 -11.33
C TYR E 170 -10.75 -10.75 -12.08
N LYS E 171 -9.46 -10.47 -12.25
CA LYS E 171 -8.59 -11.41 -12.92
C LYS E 171 -8.49 -12.74 -12.16
N ALA E 172 -8.31 -12.68 -10.85
CA ALA E 172 -8.21 -13.90 -10.03
C ALA E 172 -9.48 -14.71 -10.10
N ILE E 173 -10.60 -14.03 -9.94
CA ILE E 173 -11.92 -14.67 -9.95
C ILE E 173 -12.20 -15.32 -11.30
N ALA E 174 -11.88 -14.62 -12.38
CA ALA E 174 -12.08 -15.14 -13.74
C ALA E 174 -11.25 -16.38 -13.96
N GLU E 175 -9.97 -16.26 -13.60
CA GLU E 175 -9.01 -17.35 -13.66
C GLU E 175 -9.50 -18.55 -12.83
N ALA E 176 -10.00 -18.30 -11.62
CA ALA E 176 -10.49 -19.37 -10.75
C ALA E 176 -11.66 -20.12 -11.37
N ALA E 177 -12.44 -19.41 -12.16
CA ALA E 177 -13.59 -19.98 -12.86
C ALA E 177 -13.21 -20.64 -14.18
N GLY E 178 -11.94 -20.62 -14.55
CA GLY E 178 -11.51 -21.08 -15.87
C GLY E 178 -12.07 -20.28 -17.04
N GLU E 179 -12.15 -18.97 -16.87
CA GLU E 179 -12.74 -18.07 -17.87
C GLU E 179 -11.76 -16.93 -18.18
N SER E 180 -12.16 -15.97 -19.01
CA SER E 180 -11.23 -14.95 -19.48
C SER E 180 -11.44 -13.61 -18.82
N PHE E 181 -10.40 -12.77 -18.91
CA PHE E 181 -10.38 -11.45 -18.27
C PHE E 181 -9.84 -10.36 -19.18
N PHE E 182 -10.34 -9.14 -19.01
CA PHE E 182 -9.77 -7.97 -19.68
C PHE E 182 -10.02 -6.72 -18.86
N ASP E 183 -8.99 -5.89 -18.72
CA ASP E 183 -9.07 -4.68 -17.93
C ASP E 183 -9.33 -3.48 -18.83
N ALA E 184 -10.54 -2.96 -18.79
CA ALA E 184 -10.88 -1.80 -19.60
C ALA E 184 -9.95 -0.62 -19.29
N GLY E 185 -9.46 -0.54 -18.05
CA GLY E 185 -8.50 0.48 -17.66
C GLY E 185 -7.16 0.43 -18.37
N SER E 186 -6.85 -0.69 -19.02
CA SER E 186 -5.62 -0.81 -19.80
C SER E 186 -5.65 -0.04 -21.12
N VAL E 187 -6.85 0.30 -21.60
CA VAL E 187 -7.00 1.00 -22.89
C VAL E 187 -7.77 2.30 -22.86
N VAL E 188 -8.52 2.55 -21.78
CA VAL E 188 -9.31 3.79 -21.61
C VAL E 188 -9.44 4.20 -20.14
N SER E 189 -9.94 5.42 -19.92
CA SER E 189 -10.31 5.87 -18.57
C SER E 189 -11.62 6.64 -18.58
N THR E 190 -12.14 6.87 -17.38
CA THR E 190 -13.40 7.56 -17.21
C THR E 190 -13.21 9.04 -17.48
N ASP E 191 -13.46 9.42 -18.74
CA ASP E 191 -13.22 10.80 -19.21
C ASP E 191 -14.51 11.63 -19.28
N GLY E 192 -15.65 11.07 -18.93
CA GLY E 192 -16.89 11.85 -18.93
C GLY E 192 -16.83 13.01 -17.95
N VAL E 193 -17.52 14.09 -18.28
CA VAL E 193 -17.53 15.28 -17.45
C VAL E 193 -18.04 15.03 -16.02
N ASP E 194 -18.93 14.05 -15.84
CA ASP E 194 -19.52 13.77 -14.50
C ASP E 194 -18.62 12.85 -13.65
N GLY E 195 -17.49 12.41 -14.19
CA GLY E 195 -16.55 11.57 -13.46
C GLY E 195 -16.92 10.10 -13.36
N ILE E 196 -17.96 9.67 -14.09
CA ILE E 196 -18.44 8.29 -14.02
C ILE E 196 -18.60 7.62 -15.38
N HIS E 197 -19.10 8.35 -16.38
CA HIS E 197 -19.45 7.77 -17.68
C HIS E 197 -18.50 8.13 -18.79
N PHE E 198 -18.75 7.58 -19.98
CA PHE E 198 -17.79 7.67 -21.09
C PHE E 198 -18.25 8.61 -22.19
N THR E 199 -17.29 9.24 -22.84
CA THR E 199 -17.52 9.99 -24.08
C THR E 199 -17.59 9.00 -25.24
N ALA E 200 -18.03 9.48 -26.39
CA ALA E 200 -18.09 8.66 -27.59
C ALA E 200 -16.68 8.25 -28.05
N GLU E 201 -15.70 9.11 -27.83
CA GLU E 201 -14.32 8.80 -28.17
C GLU E 201 -13.83 7.61 -27.35
N THR E 202 -14.16 7.57 -26.05
CA THR E 202 -13.73 6.48 -25.19
C THR E 202 -14.45 5.19 -25.55
N ASN E 203 -15.74 5.29 -25.89
CA ASN E 203 -16.49 4.15 -26.34
C ASN E 203 -15.82 3.49 -27.55
N ARG E 204 -15.45 4.32 -28.53
CA ARG E 204 -14.80 3.85 -29.75
C ARG E 204 -13.53 3.07 -29.47
N THR E 205 -12.67 3.62 -28.62
CA THR E 205 -11.41 2.96 -28.29
C THR E 205 -11.69 1.59 -27.66
N LEU E 206 -12.61 1.56 -26.69
CA LEU E 206 -12.94 0.33 -25.94
C LEU E 206 -13.53 -0.73 -26.85
N GLY E 207 -14.48 -0.31 -27.70
CA GLY E 207 -15.12 -1.22 -28.64
C GLY E 207 -14.12 -1.92 -29.53
N ALA E 208 -13.16 -1.15 -30.05
CA ALA E 208 -12.17 -1.68 -30.98
C ALA E 208 -11.19 -2.59 -30.26
N ALA E 209 -10.79 -2.23 -29.05
CA ALA E 209 -9.87 -3.04 -28.25
C ALA E 209 -10.52 -4.35 -27.86
N VAL E 210 -11.77 -4.29 -27.39
CA VAL E 210 -12.46 -5.51 -26.95
C VAL E 210 -12.72 -6.46 -28.12
N ALA E 211 -12.97 -5.91 -29.31
CA ALA E 211 -13.15 -6.71 -30.52
C ALA E 211 -11.92 -7.57 -30.83
N GLN E 212 -10.72 -7.03 -30.65
CA GLN E 212 -9.49 -7.81 -30.83
C GLN E 212 -9.44 -8.96 -29.87
N LYS E 213 -9.73 -8.67 -28.61
CA LYS E 213 -9.74 -9.67 -27.55
C LYS E 213 -10.75 -10.80 -27.88
N VAL E 214 -11.95 -10.42 -28.30
CA VAL E 214 -12.98 -11.40 -28.64
C VAL E 214 -12.53 -12.36 -29.74
N LYS E 215 -11.99 -11.82 -30.82
CA LYS E 215 -11.50 -12.64 -31.95
C LYS E 215 -10.43 -13.65 -31.52
N THR E 216 -9.54 -13.23 -30.63
CA THR E 216 -8.59 -14.15 -30.01
C THR E 216 -9.28 -15.36 -29.37
N LEU E 217 -10.41 -15.14 -28.71
CA LEU E 217 -11.13 -16.21 -28.01
C LEU E 217 -11.96 -17.10 -28.95
N LEU E 218 -12.58 -16.51 -29.95
CA LEU E 218 -13.54 -17.25 -30.78
C LEU E 218 -13.07 -17.69 -32.18
N GLN E 219 -12.13 -16.97 -32.78
CA GLN E 219 -11.86 -16.95 -34.25
C GLN E 219 -13.02 -17.35 -35.17
N ASP F 2 -17.80 -40.34 36.94
CA ASP F 2 -18.72 -39.18 36.84
C ASP F 2 -18.59 -38.40 35.54
N LYS F 3 -19.63 -38.49 34.71
CA LYS F 3 -19.83 -37.64 33.53
C LYS F 3 -19.59 -36.15 33.88
N ILE F 4 -18.82 -35.45 33.05
CA ILE F 4 -18.68 -34.00 33.19
C ILE F 4 -19.94 -33.33 32.62
N LYS F 5 -20.54 -32.43 33.38
CA LYS F 5 -21.79 -31.77 32.98
C LYS F 5 -21.56 -30.53 32.12
N ARG F 6 -22.20 -30.49 30.97
CA ARG F 6 -21.98 -29.42 30.01
C ARG F 6 -23.08 -28.34 30.08
N VAL F 7 -22.67 -27.10 30.33
CA VAL F 7 -23.60 -25.98 30.47
C VAL F 7 -23.35 -24.93 29.38
N PHE F 8 -24.38 -24.66 28.57
CA PHE F 8 -24.28 -23.68 27.51
C PHE F 8 -24.93 -22.38 27.96
N VAL F 9 -24.20 -21.28 27.85
CA VAL F 9 -24.70 -19.96 28.25
C VAL F 9 -24.90 -19.09 27.02
N PHE F 10 -26.14 -18.64 26.83
CA PHE F 10 -26.55 -17.92 25.64
C PHE F 10 -27.03 -16.55 26.07
N GLY F 11 -26.29 -15.51 25.69
CA GLY F 11 -26.63 -14.15 26.13
C GLY F 11 -26.20 -13.05 25.19
N ASP F 12 -26.14 -11.84 25.74
CA ASP F 12 -25.85 -10.64 24.98
C ASP F 12 -24.48 -10.11 25.42
N LEU F 14 -23.63 -8.51 27.98
CA LEU F 14 -23.40 -8.81 29.40
C LEU F 14 -22.64 -10.12 29.58
N THR F 15 -22.89 -11.06 28.68
CA THR F 15 -22.29 -12.39 28.71
C THR F 15 -20.99 -12.45 27.86
N TRP F 16 -20.90 -11.62 26.81
CA TRP F 16 -19.66 -11.43 26.06
C TRP F 16 -18.59 -10.87 26.97
N GLY F 17 -18.96 -9.86 27.75
CA GLY F 17 -18.05 -9.20 28.68
C GLY F 17 -17.79 -7.75 28.33
N TRP F 18 -18.85 -6.97 28.12
CA TRP F 18 -18.72 -5.56 27.83
C TRP F 18 -18.17 -4.81 29.04
N THR F 19 -17.03 -4.14 28.86
CA THR F 19 -16.46 -3.30 29.90
C THR F 19 -17.13 -1.92 29.84
N PRO F 20 -17.86 -1.51 30.90
CA PRO F 20 -18.52 -0.19 30.87
C PRO F 20 -17.49 0.95 30.89
N VAL F 21 -17.69 1.94 30.02
CA VAL F 21 -16.73 3.02 29.84
C VAL F 21 -17.40 4.32 29.41
N ALA F 22 -16.63 5.39 29.43
CA ALA F 22 -17.12 6.71 29.01
C ALA F 22 -16.11 7.30 28.02
N PRO F 23 -16.53 7.66 26.80
CA PRO F 23 -17.90 7.45 26.33
C PRO F 23 -18.24 5.95 26.15
N ILE F 24 -19.55 5.67 26.07
CA ILE F 24 -20.08 4.29 26.05
C ILE F 24 -19.37 3.34 25.09
N VAL F 25 -18.99 3.86 23.92
CA VAL F 25 -18.21 3.13 22.89
C VAL F 25 -17.00 3.98 22.45
N PRO F 26 -15.90 3.37 22.03
CA PRO F 26 -15.74 1.91 21.97
C PRO F 26 -15.36 1.30 23.29
N THR F 27 -15.66 0.00 23.45
CA THR F 27 -15.32 -0.76 24.64
C THR F 27 -14.27 -1.82 24.30
N THR F 28 -13.77 -2.48 25.33
CA THR F 28 -12.93 -3.66 25.15
C THR F 28 -13.51 -4.75 26.05
N ARG F 29 -13.19 -6.00 25.73
CA ARG F 29 -13.76 -7.14 26.40
C ARG F 29 -13.16 -7.31 27.80
N HIS F 30 -14.01 -7.49 28.80
CA HIS F 30 -13.51 -7.84 30.14
C HIS F 30 -12.47 -8.96 29.99
N PRO F 31 -11.36 -8.86 30.72
CA PRO F 31 -10.45 -10.01 30.79
C PRO F 31 -11.21 -11.26 31.22
N HIS F 32 -10.82 -12.41 30.68
CA HIS F 32 -11.51 -13.68 30.96
C HIS F 32 -11.74 -13.88 32.46
N ALA F 33 -10.72 -13.58 33.27
CA ALA F 33 -10.82 -13.76 34.73
C ALA F 33 -11.99 -12.98 35.37
N ASP F 34 -12.40 -11.88 34.74
CA ASP F 34 -13.46 -11.01 35.27
C ASP F 34 -14.85 -11.22 34.67
N ARG F 35 -15.03 -12.20 33.78
CA ARG F 35 -16.34 -12.43 33.14
C ARG F 35 -17.25 -13.26 34.03
N TRP F 36 -18.55 -12.90 34.06
CA TRP F 36 -19.48 -13.59 34.99
C TRP F 36 -19.53 -15.10 34.75
N THR F 37 -19.52 -15.49 33.48
CA THR F 37 -19.49 -16.90 33.08
C THR F 37 -18.25 -17.61 33.59
N THR F 38 -17.11 -16.92 33.61
CA THR F 38 -15.88 -17.54 34.12
C THR F 38 -15.99 -17.82 35.60
N VAL F 39 -16.50 -16.87 36.36
CA VAL F 39 -16.67 -17.05 37.79
C VAL F 39 -17.70 -18.13 38.03
N LEU F 40 -18.80 -18.13 37.26
CA LEU F 40 -19.74 -19.24 37.28
C LEU F 40 -19.03 -20.60 37.13
N GLY F 41 -18.10 -20.68 36.20
CA GLY F 41 -17.36 -21.91 35.93
C GLY F 41 -16.49 -22.34 37.10
N GLU F 42 -15.80 -21.36 37.69
CA GLU F 42 -14.90 -21.60 38.82
C GLU F 42 -15.64 -22.06 40.05
N ASN F 43 -16.78 -21.44 40.35
CA ASN F 43 -17.59 -21.82 41.49
C ASN F 43 -18.30 -23.17 41.33
N LEU F 44 -18.44 -23.64 40.10
CA LEU F 44 -19.08 -24.93 39.83
C LEU F 44 -18.12 -26.09 40.03
N GLY F 45 -16.85 -25.88 39.66
CA GLY F 45 -15.81 -26.89 39.83
C GLY F 45 -15.58 -27.75 38.62
N ASP F 46 -14.72 -28.74 38.78
CA ASP F 46 -14.32 -29.69 37.71
C ASP F 46 -15.48 -30.57 37.24
N GLY F 47 -16.54 -30.67 38.06
CA GLY F 47 -17.73 -31.42 37.68
C GLY F 47 -18.45 -30.85 36.46
N TYR F 48 -18.17 -29.58 36.15
CA TYR F 48 -18.85 -28.84 35.08
C TYR F 48 -17.88 -28.24 34.06
N GLU F 49 -18.39 -28.02 32.86
CA GLU F 49 -17.64 -27.51 31.72
C GLU F 49 -18.56 -26.54 30.96
N LEU F 50 -18.15 -25.28 30.78
CA LEU F 50 -19.01 -24.28 30.14
C LEU F 50 -18.73 -24.05 28.65
N VAL F 51 -19.79 -23.74 27.90
CA VAL F 51 -19.69 -23.21 26.55
C VAL F 51 -20.46 -21.90 26.53
N VAL F 52 -19.85 -20.83 26.04
CA VAL F 52 -20.41 -19.49 26.21
C VAL F 52 -20.61 -18.78 24.87
N ASP F 53 -21.81 -18.25 24.66
CA ASP F 53 -22.10 -17.52 23.43
C ASP F 53 -22.80 -16.22 23.75
N GLY F 54 -22.00 -15.17 23.92
CA GLY F 54 -22.52 -13.83 24.20
C GLY F 54 -22.26 -12.90 23.04
N LEU F 55 -23.34 -12.33 22.49
CA LEU F 55 -23.26 -11.40 21.37
C LEU F 55 -23.77 -10.02 21.76
N SER F 56 -22.89 -9.02 21.70
CA SER F 56 -23.29 -7.63 21.93
C SER F 56 -24.47 -7.31 21.02
N GLY F 57 -25.53 -6.76 21.61
CA GLY F 57 -26.69 -6.28 20.84
C GLY F 57 -27.84 -7.28 20.66
N ARG F 58 -27.63 -8.51 21.13
CA ARG F 58 -28.54 -9.63 20.85
C ARG F 58 -29.89 -9.55 21.59
N THR F 59 -30.95 -9.86 20.85
CA THR F 59 -32.31 -9.88 21.36
C THR F 59 -32.77 -11.32 21.56
N THR F 60 -33.92 -11.49 22.19
CA THR F 60 -34.53 -12.81 22.31
C THR F 60 -34.85 -13.38 20.93
N ASN F 61 -35.79 -12.75 20.22
CA ASN F 61 -36.36 -13.33 19.02
C ASN F 61 -36.87 -12.33 17.97
N ILE F 62 -36.29 -11.13 17.95
CA ILE F 62 -36.77 -10.05 17.09
C ILE F 62 -35.61 -9.43 16.30
N ASP F 63 -35.87 -9.14 15.02
CA ASP F 63 -34.86 -8.48 14.17
C ASP F 63 -34.60 -7.04 14.61
N ASP F 64 -33.33 -6.66 14.65
CA ASP F 64 -32.94 -5.29 14.83
C ASP F 64 -32.76 -4.69 13.43
N PRO F 65 -33.57 -3.67 13.08
CA PRO F 65 -33.44 -3.12 11.73
C PRO F 65 -32.06 -2.51 11.43
N ASN F 66 -31.27 -2.26 12.48
CA ASN F 66 -29.92 -1.71 12.31
C ASN F 66 -28.84 -2.75 12.05
N ASP F 67 -29.12 -4.03 12.31
CA ASP F 67 -28.10 -5.07 12.22
C ASP F 67 -28.77 -6.46 12.13
N PRO F 68 -28.61 -7.12 10.97
CA PRO F 68 -29.30 -8.39 10.81
C PRO F 68 -28.76 -9.57 11.60
N LYS F 69 -27.69 -9.43 12.38
CA LYS F 69 -27.15 -10.60 13.11
C LYS F 69 -27.52 -10.70 14.59
N LEU F 70 -28.46 -9.87 15.05
CA LEU F 70 -28.72 -9.71 16.49
C LEU F 70 -29.92 -10.49 17.02
N ASN F 71 -30.55 -11.31 16.18
CA ASN F 71 -31.72 -12.04 16.60
C ASN F 71 -31.32 -13.40 17.18
N GLY F 72 -31.43 -13.54 18.51
CA GLY F 72 -31.07 -14.78 19.19
C GLY F 72 -31.66 -16.04 18.57
N ALA F 73 -32.94 -15.96 18.18
CA ALA F 73 -33.66 -17.10 17.65
C ALA F 73 -33.23 -17.51 16.24
N ASP F 74 -32.64 -16.57 15.48
CA ASP F 74 -31.97 -16.93 14.21
C ASP F 74 -30.79 -17.87 14.44
N TYR F 75 -30.12 -17.75 15.58
CA TYR F 75 -28.85 -18.43 15.86
C TYR F 75 -28.99 -19.69 16.71
N LEU F 76 -29.95 -19.70 17.63
CA LEU F 76 -29.96 -20.68 18.71
C LEU F 76 -30.11 -22.13 18.23
N PRO F 77 -31.00 -22.41 17.26
CA PRO F 77 -31.13 -23.80 16.83
C PRO F 77 -29.79 -24.40 16.38
N ALA F 78 -29.04 -23.64 15.58
CA ALA F 78 -27.73 -24.09 15.11
C ALA F 78 -26.77 -24.27 16.27
N ALA F 79 -26.74 -23.30 17.18
CA ALA F 79 -25.83 -23.33 18.31
C ALA F 79 -26.06 -24.57 19.17
N LEU F 80 -27.33 -24.86 19.45
CA LEU F 80 -27.69 -26.01 20.27
C LEU F 80 -27.19 -27.33 19.69
N ALA F 81 -27.36 -27.48 18.37
CA ALA F 81 -26.96 -28.70 17.64
C ALA F 81 -25.47 -28.84 17.55
N ALA F 82 -24.79 -27.69 17.53
CA ALA F 82 -23.34 -27.62 17.42
C ALA F 82 -22.64 -27.94 18.74
N HIS F 83 -23.37 -27.83 19.85
CA HIS F 83 -22.82 -28.10 21.17
C HIS F 83 -23.47 -29.29 21.89
N GLU F 84 -24.39 -29.97 21.21
CA GLU F 84 -24.97 -31.21 21.75
C GLU F 84 -23.84 -32.23 22.02
N PRO F 85 -23.89 -32.95 23.15
CA PRO F 85 -24.98 -32.91 24.12
C PRO F 85 -24.72 -31.97 25.29
N LEU F 86 -25.78 -31.35 25.77
CA LEU F 86 -25.70 -30.44 26.90
C LEU F 86 -26.54 -30.95 28.06
N ASP F 87 -26.16 -30.55 29.26
CA ASP F 87 -26.89 -30.85 30.48
C ASP F 87 -27.74 -29.69 30.97
N LEU F 88 -27.40 -28.47 30.53
CA LEU F 88 -28.18 -27.27 30.83
C LEU F 88 -27.97 -26.14 29.81
N VAL F 89 -29.03 -25.39 29.53
CA VAL F 89 -28.93 -24.19 28.74
C VAL F 89 -29.36 -23.00 29.59
N ILE F 90 -28.48 -22.01 29.72
CA ILE F 90 -28.77 -20.80 30.46
C ILE F 90 -28.99 -19.69 29.46
N ILE F 91 -30.07 -18.95 29.64
CA ILE F 91 -30.41 -17.84 28.74
C ILE F 91 -30.47 -16.59 29.59
N LEU F 92 -29.60 -15.63 29.29
CA LEU F 92 -29.63 -14.31 29.91
C LEU F 92 -29.72 -13.27 28.80
N LEU F 93 -30.96 -12.99 28.41
CA LEU F 93 -31.30 -12.04 27.36
C LEU F 93 -32.51 -11.23 27.77
N GLY F 94 -32.72 -10.13 27.06
CA GLY F 94 -33.87 -9.24 27.31
C GLY F 94 -33.51 -7.78 27.47
N THR F 95 -32.24 -7.50 27.75
CA THR F 95 -31.81 -6.12 27.96
C THR F 95 -31.94 -5.30 26.67
N ASN F 96 -31.47 -5.85 25.56
CA ASN F 96 -31.61 -5.15 24.26
C ASN F 96 -33.05 -5.07 23.77
N ASP F 97 -33.89 -6.01 24.19
CA ASP F 97 -35.31 -6.01 23.80
C ASP F 97 -36.08 -4.79 24.31
N THR F 98 -35.55 -4.11 25.32
CA THR F 98 -36.18 -2.92 25.89
C THR F 98 -35.91 -1.65 25.06
N LYS F 99 -34.99 -1.75 24.08
CA LYS F 99 -34.70 -0.65 23.18
C LYS F 99 -35.96 -0.11 22.56
N THR F 100 -36.10 1.20 22.64
CA THR F 100 -37.28 1.94 22.20
C THR F 100 -37.76 1.54 20.80
N TYR F 101 -36.87 1.52 19.82
CA TYR F 101 -37.27 1.28 18.42
C TYR F 101 -37.79 -0.13 18.14
N LEU F 102 -37.54 -1.09 19.02
CA LEU F 102 -38.11 -2.44 18.84
C LEU F 102 -39.56 -2.51 19.32
N ASN F 103 -39.97 -1.51 20.09
CA ASN F 103 -41.38 -1.31 20.45
C ASN F 103 -42.02 -2.54 21.13
N ARG F 104 -41.31 -3.14 22.07
CA ARG F 104 -41.80 -4.35 22.75
C ARG F 104 -42.34 -4.07 24.14
N THR F 105 -43.39 -4.77 24.51
CA THR F 105 -43.91 -4.78 25.87
C THR F 105 -43.16 -5.88 26.62
N PRO F 106 -43.20 -5.86 27.96
CA PRO F 106 -42.59 -6.92 28.75
C PRO F 106 -43.15 -8.31 28.44
N PHE F 107 -44.48 -8.42 28.25
CA PHE F 107 -45.09 -9.69 27.89
C PHE F 107 -44.55 -10.20 26.55
N GLU F 108 -44.41 -9.28 25.60
CA GLU F 108 -43.84 -9.62 24.32
C GLU F 108 -42.42 -10.19 24.46
N ILE F 109 -41.64 -9.59 25.36
CA ILE F 109 -40.27 -9.99 25.56
C ILE F 109 -40.23 -11.36 26.23
N GLY F 110 -41.15 -11.59 27.17
CA GLY F 110 -41.34 -12.93 27.71
C GLY F 110 -41.61 -13.98 26.66
N LEU F 111 -42.51 -13.67 25.75
CA LEU F 111 -42.81 -14.58 24.63
C LEU F 111 -41.57 -14.88 23.81
N GLY F 112 -40.72 -13.88 23.65
CA GLY F 112 -39.47 -14.04 22.92
C GLY F 112 -38.55 -15.02 23.62
N ALA F 113 -38.41 -14.84 24.93
CA ALA F 113 -37.64 -15.79 25.73
C ALA F 113 -38.28 -17.16 25.65
N GLY F 114 -39.60 -17.21 25.67
CA GLY F 114 -40.35 -18.45 25.48
C GLY F 114 -40.05 -19.15 24.15
N ALA F 115 -39.96 -18.37 23.08
CA ALA F 115 -39.58 -18.90 21.78
C ALA F 115 -38.24 -19.62 21.84
N LEU F 116 -37.31 -19.05 22.61
CA LEU F 116 -35.99 -19.67 22.75
C LEU F 116 -36.05 -20.95 23.57
N ILE F 117 -36.81 -20.93 24.66
CA ILE F 117 -37.01 -22.14 25.47
C ILE F 117 -37.56 -23.26 24.59
N ASN F 118 -38.57 -22.94 23.80
CA ASN F 118 -39.15 -23.89 22.86
C ASN F 118 -38.12 -24.47 21.89
N MET F 119 -37.24 -23.62 21.36
CA MET F 119 -36.19 -24.11 20.47
C MET F 119 -35.29 -25.13 21.17
N VAL F 120 -34.98 -24.88 22.45
CA VAL F 120 -34.19 -25.82 23.23
C VAL F 120 -34.94 -27.13 23.45
N GLN F 121 -36.25 -27.04 23.71
CA GLN F 121 -37.05 -28.24 23.99
C GLN F 121 -37.23 -29.12 22.76
N LYS F 122 -37.25 -28.50 21.58
CA LYS F 122 -37.31 -29.23 20.32
C LYS F 122 -35.92 -29.46 19.74
N SER F 123 -34.88 -29.27 20.56
CA SER F 123 -33.48 -29.27 20.12
C SER F 123 -33.05 -30.61 19.57
N PRO F 124 -31.95 -30.60 18.79
CA PRO F 124 -31.73 -30.90 17.36
C PRO F 124 -33.03 -31.27 16.71
N GLY F 125 -33.23 -30.88 15.47
CA GLY F 125 -34.51 -31.29 14.86
C GLY F 125 -34.40 -32.60 14.11
N TRP F 126 -33.69 -33.60 14.63
CA TRP F 126 -33.25 -34.70 13.78
C TRP F 126 -32.96 -36.08 14.38
N ASP F 127 -32.99 -37.08 13.48
CA ASP F 127 -32.60 -38.46 13.78
C ASP F 127 -31.11 -38.71 13.72
N TRP F 128 -30.30 -37.71 13.36
CA TRP F 128 -28.84 -37.91 13.21
C TRP F 128 -28.14 -38.26 14.52
N THR F 129 -28.68 -37.77 15.62
CA THR F 129 -28.26 -38.11 16.97
C THR F 129 -29.52 -38.43 17.75
N ASP F 130 -29.44 -39.15 18.85
CA ASP F 130 -30.54 -39.07 19.82
C ASP F 130 -30.07 -39.03 21.26
N TYR F 131 -29.67 -37.83 21.64
CA TYR F 131 -29.54 -37.42 23.02
C TYR F 131 -30.84 -36.72 23.40
N PRO F 132 -31.18 -36.69 24.70
CA PRO F 132 -32.35 -35.91 25.07
C PRO F 132 -32.11 -34.40 24.92
N PRO F 133 -33.18 -33.59 24.93
CA PRO F 133 -32.93 -32.14 24.97
C PRO F 133 -32.61 -31.69 26.40
N PRO F 134 -31.80 -30.64 26.55
CA PRO F 134 -31.43 -30.25 27.91
C PRO F 134 -32.45 -29.37 28.58
N PRO F 135 -32.49 -29.36 29.93
CA PRO F 135 -33.33 -28.41 30.64
C PRO F 135 -32.85 -26.97 30.46
N VAL F 136 -33.67 -25.98 30.86
CA VAL F 136 -33.33 -24.57 30.65
C VAL F 136 -33.47 -23.78 31.93
N LEU F 137 -32.48 -22.94 32.20
CA LEU F 137 -32.55 -21.93 33.25
C LEU F 137 -32.65 -20.56 32.58
N LEU F 138 -33.83 -19.95 32.64
CA LEU F 138 -34.05 -18.62 32.09
C LEU F 138 -33.68 -17.60 33.15
N ILE F 139 -32.76 -16.70 32.81
CA ILE F 139 -32.32 -15.66 33.73
C ILE F 139 -32.78 -14.30 33.25
N SER F 140 -33.54 -13.62 34.08
CA SER F 140 -33.95 -12.27 33.80
C SER F 140 -32.82 -11.32 34.21
N PRO F 141 -32.49 -10.33 33.37
CA PRO F 141 -31.46 -9.37 33.73
C PRO F 141 -31.94 -8.37 34.75
N PRO F 142 -31.02 -7.63 35.38
CA PRO F 142 -31.46 -6.63 36.34
C PRO F 142 -32.02 -5.42 35.63
N PRO F 143 -32.66 -4.52 36.38
CA PRO F 143 -33.11 -3.29 35.76
C PRO F 143 -31.96 -2.50 35.23
N LEU F 144 -32.24 -1.76 34.16
CA LEU F 144 -31.27 -0.84 33.59
C LEU F 144 -30.90 0.20 34.63
N GLY F 145 -29.78 0.88 34.37
CA GLY F 145 -29.36 2.02 35.17
C GLY F 145 -30.34 3.17 35.05
N GLU F 146 -30.42 3.98 36.08
CA GLU F 146 -31.29 5.17 36.05
C GLU F 146 -30.72 6.22 35.14
N THR F 147 -29.40 6.18 34.92
CA THR F 147 -28.71 7.17 34.09
C THR F 147 -27.87 6.51 33.00
N ILE F 148 -28.34 6.67 31.77
CA ILE F 148 -27.73 5.99 30.63
C ILE F 148 -26.90 6.99 29.82
N ASP F 149 -25.77 6.53 29.30
CA ASP F 149 -24.89 7.36 28.51
C ASP F 149 -25.74 8.11 27.48
N PRO F 150 -25.60 9.46 27.43
CA PRO F 150 -26.36 10.29 26.49
C PRO F 150 -26.38 9.83 25.04
N LEU F 151 -25.31 9.18 24.56
CA LEU F 151 -25.32 8.60 23.21
C LEU F 151 -26.38 7.49 23.05
N ALA F 152 -26.57 6.69 24.11
CA ALA F 152 -27.48 5.55 24.07
C ALA F 152 -28.89 5.84 24.62
N ALA F 153 -29.03 6.88 25.44
CA ALA F 153 -30.31 7.16 26.09
C ALA F 153 -31.55 7.23 25.16
N PRO F 154 -31.43 7.90 24.00
CA PRO F 154 -32.60 7.98 23.10
C PRO F 154 -33.16 6.62 22.69
N ILE F 155 -32.28 5.64 22.61
CA ILE F 155 -32.59 4.27 22.22
C ILE F 155 -33.15 3.42 23.38
N PHE F 156 -33.07 3.93 24.62
CA PHE F 156 -33.62 3.22 25.80
C PHE F 156 -34.74 3.98 26.53
N VAL F 157 -35.50 4.77 25.79
CA VAL F 157 -36.65 5.48 26.36
C VAL F 157 -37.70 4.44 26.75
N ASP F 158 -38.31 4.63 27.92
CA ASP F 158 -39.22 3.64 28.52
C ASP F 158 -38.62 2.26 28.75
N GLY F 159 -37.30 2.13 28.62
CA GLY F 159 -36.66 0.82 28.74
C GLY F 159 -36.56 0.34 30.19
N LEU F 160 -36.33 1.28 31.09
CA LEU F 160 -36.18 0.97 32.50
C LEU F 160 -37.40 0.24 33.05
N ALA F 161 -38.56 0.80 32.78
CA ALA F 161 -39.81 0.22 33.31
C ALA F 161 -40.02 -1.18 32.75
N LYS F 162 -39.72 -1.35 31.47
CA LYS F 162 -39.81 -2.65 30.83
C LYS F 162 -38.87 -3.66 31.49
N SER F 163 -37.63 -3.23 31.76
CA SER F 163 -36.65 -4.11 32.37
C SER F 163 -37.04 -4.51 33.79
N GLU F 164 -37.74 -3.60 34.51
CA GLU F 164 -38.21 -3.91 35.85
C GLU F 164 -39.29 -4.98 35.83
N ALA F 165 -40.09 -4.99 34.77
CA ALA F 165 -41.19 -5.94 34.64
C ALA F 165 -40.80 -7.34 34.15
N LEU F 166 -39.55 -7.55 33.72
CA LEU F 166 -39.14 -8.81 33.10
C LEU F 166 -39.10 -10.00 34.07
N PRO F 167 -38.54 -9.84 35.27
CA PRO F 167 -38.53 -10.99 36.19
C PRO F 167 -39.90 -11.69 36.35
N GLY F 168 -40.96 -10.91 36.58
CA GLY F 168 -42.29 -11.48 36.74
C GLY F 168 -42.74 -12.29 35.54
N VAL F 169 -42.59 -11.70 34.35
CA VAL F 169 -42.99 -12.33 33.10
C VAL F 169 -42.13 -13.55 32.81
N TYR F 170 -40.81 -13.39 32.90
CA TYR F 170 -39.87 -14.49 32.67
C TYR F 170 -40.16 -15.69 33.56
N LYS F 171 -40.50 -15.43 34.83
CA LYS F 171 -40.83 -16.50 35.75
C LYS F 171 -42.05 -17.29 35.28
N ALA F 172 -43.10 -16.59 34.87
CA ALA F 172 -44.34 -17.25 34.43
C ALA F 172 -44.08 -18.09 33.20
N ILE F 173 -43.37 -17.51 32.23
CA ILE F 173 -43.04 -18.18 30.97
C ILE F 173 -42.21 -19.44 31.23
N ALA F 174 -41.21 -19.33 32.10
CA ALA F 174 -40.33 -20.45 32.42
C ALA F 174 -41.12 -21.56 33.08
N GLU F 175 -41.93 -21.17 34.07
CA GLU F 175 -42.82 -22.08 34.76
C GLU F 175 -43.78 -22.76 33.78
N ALA F 176 -44.35 -22.00 32.85
CA ALA F 176 -45.29 -22.57 31.87
C ALA F 176 -44.64 -23.61 31.00
N ALA F 177 -43.34 -23.45 30.76
CA ALA F 177 -42.56 -24.38 29.95
C ALA F 177 -42.04 -25.56 30.76
N GLY F 178 -42.33 -25.60 32.06
CA GLY F 178 -41.75 -26.61 32.96
C GLY F 178 -40.25 -26.52 33.11
N GLU F 179 -39.72 -25.31 33.18
CA GLU F 179 -38.27 -25.07 33.23
C GLU F 179 -37.95 -24.14 34.40
N SER F 180 -36.70 -23.74 34.57
CA SER F 180 -36.30 -22.98 35.74
C SER F 180 -36.08 -21.50 35.47
N PHE F 181 -36.11 -20.72 36.55
CA PHE F 181 -35.99 -19.27 36.50
C PHE F 181 -35.04 -18.72 37.56
N PHE F 182 -34.37 -17.62 37.26
CA PHE F 182 -33.58 -16.88 38.22
C PHE F 182 -33.51 -15.41 37.86
N ASP F 183 -33.71 -14.54 38.86
CA ASP F 183 -33.71 -13.10 38.63
C ASP F 183 -32.35 -12.51 38.99
N ALA F 184 -31.58 -12.13 37.98
CA ALA F 184 -30.28 -11.54 38.25
C ALA F 184 -30.41 -10.28 39.12
N GLY F 185 -31.54 -9.58 39.01
CA GLY F 185 -31.82 -8.42 39.85
C GLY F 185 -31.94 -8.69 41.34
N SER F 186 -32.09 -9.96 41.73
CA SER F 186 -32.16 -10.34 43.13
C SER F 186 -30.80 -10.30 43.82
N VAL F 187 -29.70 -10.34 43.06
CA VAL F 187 -28.36 -10.37 43.61
C VAL F 187 -27.41 -9.28 43.11
N VAL F 188 -27.76 -8.60 42.01
CA VAL F 188 -26.96 -7.50 41.46
C VAL F 188 -27.82 -6.44 40.78
N SER F 189 -27.20 -5.30 40.46
CA SER F 189 -27.83 -4.29 39.59
C SER F 189 -26.85 -3.70 38.60
N THR F 190 -27.38 -2.97 37.63
CA THR F 190 -26.59 -2.44 36.55
C THR F 190 -25.79 -1.24 37.08
N ASP F 191 -24.55 -1.55 37.48
CA ASP F 191 -23.67 -0.57 38.11
C ASP F 191 -22.62 0.01 37.15
N GLY F 192 -22.62 -0.41 35.90
CA GLY F 192 -21.67 0.17 34.95
C GLY F 192 -21.91 1.64 34.74
N VAL F 193 -20.83 2.37 34.45
CA VAL F 193 -20.91 3.81 34.27
C VAL F 193 -21.86 4.24 33.14
N ASP F 194 -22.03 3.41 32.11
CA ASP F 194 -22.89 3.76 30.97
C ASP F 194 -24.36 3.45 31.20
N GLY F 195 -24.70 2.90 32.37
CA GLY F 195 -26.08 2.61 32.73
C GLY F 195 -26.66 1.34 32.12
N ILE F 196 -25.82 0.53 31.47
CA ILE F 196 -26.27 -0.68 30.79
C ILE F 196 -25.47 -1.94 31.15
N HIS F 197 -24.15 -1.83 31.26
CA HIS F 197 -23.28 -3.00 31.45
C HIS F 197 -22.73 -3.15 32.85
N PHE F 198 -21.99 -4.23 33.08
CA PHE F 198 -21.58 -4.62 34.43
C PHE F 198 -20.08 -4.40 34.68
N THR F 199 -19.76 -4.07 35.92
CA THR F 199 -18.39 -4.06 36.40
C THR F 199 -17.94 -5.48 36.68
N ALA F 200 -16.64 -5.66 36.89
CA ALA F 200 -16.11 -6.99 37.23
C ALA F 200 -16.62 -7.44 38.60
N GLU F 201 -16.83 -6.49 39.51
CA GLU F 201 -17.37 -6.83 40.82
C GLU F 201 -18.78 -7.41 40.69
N THR F 202 -19.61 -6.83 39.83
CA THR F 202 -20.96 -7.32 39.61
C THR F 202 -20.97 -8.67 38.92
N ASN F 203 -20.07 -8.84 37.96
CA ASN F 203 -19.91 -10.15 37.30
C ASN F 203 -19.63 -11.25 38.32
N ARG F 204 -18.69 -10.98 39.23
CA ARG F 204 -18.29 -11.94 40.27
C ARG F 204 -19.47 -12.37 41.12
N THR F 205 -20.26 -11.39 41.58
CA THR F 205 -21.42 -11.69 42.41
C THR F 205 -22.39 -12.59 41.65
N LEU F 206 -22.69 -12.21 40.40
CA LEU F 206 -23.65 -12.94 39.57
C LEU F 206 -23.19 -14.36 39.28
N GLY F 207 -21.93 -14.51 38.92
CA GLY F 207 -21.35 -15.81 38.62
C GLY F 207 -21.50 -16.77 39.78
N ALA F 208 -21.21 -16.28 40.99
CA ALA F 208 -21.25 -17.10 42.20
C ALA F 208 -22.68 -17.44 42.56
N ALA F 209 -23.60 -16.49 42.42
CA ALA F 209 -25.01 -16.72 42.71
C ALA F 209 -25.62 -17.71 41.74
N VAL F 210 -25.33 -17.56 40.46
CA VAL F 210 -25.89 -18.46 39.44
C VAL F 210 -25.35 -19.89 39.61
N ALA F 211 -24.10 -20.02 40.03
CA ALA F 211 -23.51 -21.33 40.30
C ALA F 211 -24.28 -22.10 41.39
N GLN F 212 -24.73 -21.41 42.43
CA GLN F 212 -25.56 -22.02 43.48
C GLN F 212 -26.83 -22.57 42.85
N LYS F 213 -27.48 -21.74 42.05
CA LYS F 213 -28.72 -22.11 41.41
C LYS F 213 -28.54 -23.34 40.51
N VAL F 214 -27.47 -23.35 39.71
CA VAL F 214 -27.20 -24.45 38.81
C VAL F 214 -27.05 -25.77 39.56
N LYS F 215 -26.25 -25.79 40.62
CA LYS F 215 -26.05 -27.00 41.44
C LYS F 215 -27.35 -27.55 42.01
N THR F 216 -28.23 -26.66 42.46
CA THR F 216 -29.59 -27.03 42.86
C THR F 216 -30.31 -27.85 41.78
N LEU F 217 -30.16 -27.44 40.52
CA LEU F 217 -30.85 -28.11 39.40
C LEU F 217 -30.20 -29.43 38.96
N LEU F 218 -28.88 -29.49 38.96
CA LEU F 218 -28.17 -30.62 38.38
C LEU F 218 -27.58 -31.65 39.38
N GLN F 219 -27.41 -31.28 40.67
CA GLN F 219 -26.56 -32.03 41.65
C GLN F 219 -25.24 -32.54 41.02
#